data_8TQK
#
_entry.id   8TQK
#
_cell.length_a   1.00
_cell.length_b   1.00
_cell.length_c   1.00
_cell.angle_alpha   90.00
_cell.angle_beta   90.00
_cell.angle_gamma   90.00
#
_symmetry.space_group_name_H-M   'P 1'
#
loop_
_entity.id
_entity.type
_entity.pdbx_description
1 polymer 'Heavy chain Fab rPIV3-18'
2 polymer 'Light chain Fab rPIV3-28'
3 polymer 'Fusion glycoprotein F0'
#
loop_
_entity_poly.entity_id
_entity_poly.type
_entity_poly.pdbx_seq_one_letter_code
_entity_poly.pdbx_strand_id
1 'polypeptide(L)'
;EVQLLESGGGLVRPGGSLRLSCAASGFTFSKYVMAWVRQAPGKGLEWVSSITSGERTFYADSVKGRFTVSRDNSKYTLDL
EMSRLRAEDTAVYYCAKMFKWDYDTSDFGVWGQGTLVTVSSASTKGPSVFPLAPSSKSTSGGTAALGCLVKDYFPEPVTV
SWNSGALTSGVHTFPAVLQSSGLYSLSSVVTVPSSSLGTQTYICNVNHKPSNTKVDKKVEPKSC
;
D,F,H
2 'polypeptide(L)'
;DFQMTQSPSTLSASVGDRVTITCRASQSVGNWLTWYQHKPGKAPKILIYKASTLQSGVPSRFSGSGSGTEFTLTISSLQP
DDFATYYCQQFNTYSWTFGQGTRVEIKRTVAAPSVFIFPPSDEQLKSGTASVVCLLNNFYPREAKVQWKVDNALQSGNSQ
ESVTEQDSKDSTYSLSSTLTLSKADYEKHKVYACEVTHQGLRSPVTKSFNRGEC
;
E,G,L
3 'polypeptide(L)'
;QIDITKLQHVGVLVNSPKGMKISQNFETRYLILSLIPKIEDSNSCGDQQIKQYKRLLDRLIIPLYDGLKLQKDVIVTNQE
SNENTDPRTERFFGGVIGTIALGVATSAQITAAVALVEAKQAKSDIEKLKEAIRDTNKAVQSVCSSVGNCIVAIKSVQDY
VNKEIVPSIARLGCEAAGLQLGIALTQHYSELTNCFGDNIGSLQEKGIKLQCIASLYRTNITEIFTTSTVDKYDIYDLLF
TESIKVRVIDVDLNDYSITLQVRLPLLTRLLNTQIYKVDSISYNIQNREWYIPLPSHIMTKGAFLGGADVKECIEAFSSY
ICPSDPGFVLNHEMESCLSGNISQCPRTTVTSDIVPRYAFVNGGVVANCITTTCTCNGIGNRINQPPDQGVKIITHKECN
TIGINGMLFNTNKEGTLAFYTPDDITLNNSVALDPIDISIELNKVKSDLEESKEWYRRSNQKLSAIEDKIEEILSKIYHI
ENEIARIKKLIGEAPGSENLYFQGGSGSHHHHHHHH
;
A,B,C
#
# COMPACT_ATOMS: atom_id res chain seq x y z
N VAL A 2 -3.18 -45.92 -24.60
CA VAL A 2 -3.86 -46.62 -25.68
C VAL A 2 -4.77 -47.69 -25.11
N GLN A 3 -4.23 -48.55 -24.25
CA GLN A 3 -4.97 -49.66 -23.67
C GLN A 3 -4.80 -49.65 -22.15
N LEU A 4 -5.91 -49.91 -21.45
CA LEU A 4 -5.92 -50.06 -19.99
C LEU A 4 -6.81 -51.26 -19.68
N LEU A 5 -6.21 -52.45 -19.68
CA LEU A 5 -6.96 -53.66 -19.40
C LEU A 5 -7.24 -53.76 -17.90
N GLU A 6 -8.30 -54.46 -17.54
CA GLU A 6 -8.68 -54.66 -16.15
C GLU A 6 -9.06 -56.11 -15.93
N SER A 7 -8.94 -56.54 -14.68
CA SER A 7 -9.28 -57.91 -14.29
C SER A 7 -9.38 -57.97 -12.77
N GLY A 8 -10.01 -59.03 -12.28
CA GLY A 8 -10.15 -59.27 -10.86
C GLY A 8 -11.55 -59.19 -10.31
N GLY A 9 -12.57 -59.06 -11.16
CA GLY A 9 -13.93 -58.96 -10.67
C GLY A 9 -14.52 -60.31 -10.29
N GLY A 10 -15.59 -60.25 -9.51
CA GLY A 10 -16.27 -61.47 -9.09
C GLY A 10 -17.34 -61.16 -8.07
N LEU A 11 -17.98 -62.22 -7.59
CA LEU A 11 -19.04 -62.13 -6.58
C LEU A 11 -18.58 -62.86 -5.33
N VAL A 12 -18.55 -62.15 -4.21
CA VAL A 12 -18.08 -62.71 -2.94
C VAL A 12 -19.13 -62.52 -1.85
N ARG A 13 -19.00 -63.31 -0.79
CA ARG A 13 -19.95 -63.19 0.30
C ARG A 13 -19.91 -61.79 0.91
N PRO A 14 -21.06 -61.24 1.31
CA PRO A 14 -21.06 -59.85 1.79
C PRO A 14 -20.12 -59.75 2.98
N GLY A 15 -19.40 -58.63 3.06
CA GLY A 15 -18.45 -58.40 4.13
C GLY A 15 -17.06 -58.94 3.89
N GLY A 16 -16.75 -59.39 2.68
CA GLY A 16 -15.46 -60.00 2.39
C GLY A 16 -14.42 -58.98 1.98
N SER A 17 -13.33 -59.50 1.41
CA SER A 17 -12.23 -58.67 0.91
C SER A 17 -11.86 -59.14 -0.48
N LEU A 18 -11.71 -58.20 -1.41
CA LEU A 18 -11.43 -58.49 -2.80
C LEU A 18 -10.43 -57.49 -3.34
N ARG A 19 -9.74 -57.87 -4.42
CA ARG A 19 -8.68 -57.04 -4.98
C ARG A 19 -8.77 -57.08 -6.49
N LEU A 20 -9.09 -55.94 -7.09
CA LEU A 20 -9.18 -55.80 -8.54
C LEU A 20 -7.90 -55.18 -9.09
N SER A 21 -7.62 -55.49 -10.36
CA SER A 21 -6.42 -55.03 -11.03
C SER A 21 -6.76 -54.34 -12.34
N CYS A 22 -5.97 -53.35 -12.71
CA CYS A 22 -6.11 -52.66 -14.00
C CYS A 22 -4.71 -52.35 -14.49
N ALA A 23 -4.15 -53.25 -15.30
CA ALA A 23 -2.82 -53.05 -15.86
C ALA A 23 -2.85 -51.99 -16.95
N ALA A 24 -1.70 -51.38 -17.20
CA ALA A 24 -1.58 -50.26 -18.13
C ALA A 24 -0.44 -50.48 -19.10
N SER A 25 -0.57 -49.89 -20.27
CA SER A 25 0.45 -49.97 -21.32
C SER A 25 0.05 -49.01 -22.43
N GLY A 26 1.01 -48.76 -23.33
CA GLY A 26 0.77 -47.94 -24.50
C GLY A 26 1.08 -46.48 -24.33
N PHE A 27 1.24 -46.00 -23.09
CA PHE A 27 1.58 -44.62 -22.84
C PHE A 27 2.36 -44.54 -21.54
N THR A 28 2.71 -43.34 -21.12
CA THR A 28 3.46 -43.13 -19.88
C THR A 28 2.48 -43.07 -18.72
N PHE A 29 2.56 -44.05 -17.83
CA PHE A 29 1.69 -44.19 -16.68
C PHE A 29 2.16 -43.38 -15.47
N SER A 30 3.33 -42.74 -15.56
CA SER A 30 3.97 -42.14 -14.40
C SER A 30 3.59 -40.69 -14.18
N LYS A 31 2.77 -40.08 -15.05
CA LYS A 31 2.41 -38.69 -14.89
C LYS A 31 0.92 -38.46 -15.16
N TYR A 32 0.08 -39.36 -14.65
CA TYR A 32 -1.36 -39.25 -14.86
C TYR A 32 -2.10 -39.80 -13.65
N VAL A 33 -2.90 -38.94 -13.01
CA VAL A 33 -3.76 -39.38 -11.93
C VAL A 33 -4.78 -40.38 -12.47
N MET A 34 -5.16 -41.34 -11.63
CA MET A 34 -6.18 -42.31 -12.00
C MET A 34 -7.20 -42.45 -10.87
N ALA A 35 -8.46 -42.60 -11.27
CA ALA A 35 -9.57 -42.70 -10.34
C ALA A 35 -10.52 -43.78 -10.83
N TRP A 36 -11.42 -44.20 -9.95
CA TRP A 36 -12.38 -45.26 -10.26
C TRP A 36 -13.80 -44.70 -10.23
N VAL A 37 -14.64 -45.21 -11.14
CA VAL A 37 -16.01 -44.76 -11.30
C VAL A 37 -16.92 -45.97 -11.29
N ARG A 38 -18.06 -45.92 -10.64
CA ARG A 38 -19.02 -47.04 -10.42
C ARG A 38 -20.29 -46.75 -11.24
N GLN A 39 -21.06 -47.79 -11.54
CA GLN A 39 -22.35 -47.68 -12.27
C GLN A 39 -23.34 -48.76 -11.81
N ALA A 40 -24.28 -48.43 -10.93
CA ALA A 40 -25.32 -49.38 -10.48
C ALA A 40 -26.19 -49.71 -11.70
N PRO A 41 -26.68 -50.96 -11.92
CA PRO A 41 -27.50 -51.23 -13.11
C PRO A 41 -28.72 -50.31 -13.13
N GLY A 42 -29.04 -49.68 -14.28
CA GLY A 42 -30.16 -48.73 -14.41
C GLY A 42 -30.11 -47.56 -13.44
N LYS A 43 -28.92 -47.00 -13.21
CA LYS A 43 -28.67 -45.85 -12.30
C LYS A 43 -27.54 -45.02 -12.88
N GLY A 44 -27.36 -43.79 -12.41
CA GLY A 44 -26.33 -42.85 -12.89
C GLY A 44 -24.94 -43.17 -12.41
N LEU A 45 -23.92 -42.79 -13.17
CA LEU A 45 -22.52 -43.04 -12.85
C LEU A 45 -22.11 -42.28 -11.59
N GLU A 46 -21.28 -42.91 -10.77
CA GLU A 46 -20.88 -42.36 -9.49
C GLU A 46 -19.37 -42.49 -9.31
N TRP A 47 -18.77 -41.49 -8.69
CA TRP A 47 -17.35 -41.52 -8.38
C TRP A 47 -17.08 -42.46 -7.21
N VAL A 48 -15.85 -42.98 -7.16
CA VAL A 48 -15.46 -43.96 -6.15
C VAL A 48 -14.30 -43.45 -5.31
N SER A 49 -13.18 -43.17 -5.97
CA SER A 49 -11.95 -42.78 -5.27
C SER A 49 -10.97 -42.24 -6.30
N SER A 50 -9.77 -41.87 -5.83
CA SER A 50 -8.75 -41.32 -6.70
C SER A 50 -7.38 -41.52 -6.06
N ILE A 51 -6.38 -41.81 -6.89
CA ILE A 51 -5.00 -41.99 -6.45
C ILE A 51 -4.09 -41.19 -7.37
N THR A 52 -3.11 -40.51 -6.77
CA THR A 52 -2.21 -39.62 -7.48
C THR A 52 -0.81 -40.24 -7.55
N SER A 53 0.01 -39.69 -8.45
CA SER A 53 1.40 -40.11 -8.54
C SER A 53 2.16 -39.59 -7.33
N GLY A 54 2.26 -40.42 -6.29
CA GLY A 54 2.78 -40.00 -5.00
C GLY A 54 1.90 -40.48 -3.86
N GLU A 55 0.84 -41.22 -4.20
CA GLU A 55 -0.03 -41.84 -3.21
C GLU A 55 -0.66 -40.81 -2.28
N ARG A 56 -1.47 -39.93 -2.90
CA ARG A 56 -2.25 -38.96 -2.12
C ARG A 56 -3.51 -39.60 -1.54
N THR A 57 -4.14 -40.51 -2.28
CA THR A 57 -5.20 -41.38 -1.77
C THR A 57 -6.35 -40.55 -1.17
N PHE A 58 -7.05 -39.85 -2.06
CA PHE A 58 -8.34 -39.30 -1.72
C PHE A 58 -9.37 -40.43 -1.64
N TYR A 59 -10.63 -40.07 -1.35
CA TYR A 59 -11.68 -41.07 -1.29
C TYR A 59 -13.04 -40.37 -1.42
N ALA A 60 -14.05 -41.18 -1.69
CA ALA A 60 -15.44 -40.73 -1.70
C ALA A 60 -16.07 -41.03 -0.34
N ASP A 61 -17.09 -40.24 0.00
CA ASP A 61 -17.67 -40.34 1.33
C ASP A 61 -18.28 -41.70 1.59
N SER A 62 -18.96 -42.27 0.59
CA SER A 62 -19.66 -43.53 0.80
C SER A 62 -18.70 -44.65 1.17
N VAL A 63 -17.55 -44.72 0.52
CA VAL A 63 -16.64 -45.85 0.66
C VAL A 63 -15.37 -45.47 1.43
N LYS A 64 -15.34 -44.30 2.05
CA LYS A 64 -14.18 -43.93 2.85
C LYS A 64 -14.09 -44.80 4.10
N GLY A 65 -12.85 -45.11 4.50
CA GLY A 65 -12.61 -45.86 5.72
C GLY A 65 -12.60 -47.35 5.58
N ARG A 66 -12.89 -47.89 4.40
CA ARG A 66 -12.86 -49.33 4.18
C ARG A 66 -12.13 -49.74 2.91
N PHE A 67 -11.79 -48.81 2.02
CA PHE A 67 -11.13 -49.11 0.76
C PHE A 67 -9.67 -48.70 0.84
N THR A 68 -8.80 -49.50 0.22
CA THR A 68 -7.36 -49.26 0.22
C THR A 68 -6.84 -49.42 -1.19
N VAL A 69 -6.52 -48.31 -1.84
CA VAL A 69 -6.04 -48.31 -3.21
C VAL A 69 -4.54 -47.99 -3.21
N SER A 70 -3.87 -48.41 -4.27
CA SER A 70 -2.42 -48.25 -4.38
C SER A 70 -2.04 -48.21 -5.84
N ARG A 71 -0.77 -47.85 -6.09
CA ARG A 71 -0.26 -47.77 -7.45
C ARG A 71 1.23 -48.10 -7.43
N ASP A 72 1.74 -48.49 -8.60
CA ASP A 72 3.15 -48.82 -8.77
C ASP A 72 3.66 -48.14 -10.03
N ASN A 73 4.68 -47.29 -9.87
CA ASN A 73 5.23 -46.55 -11.00
C ASN A 73 6.20 -47.38 -11.84
N SER A 74 6.66 -48.52 -11.33
CA SER A 74 7.67 -49.31 -12.02
C SER A 74 7.03 -50.34 -12.96
N LYS A 75 6.14 -51.18 -12.43
CA LYS A 75 5.52 -52.22 -13.23
C LYS A 75 4.33 -51.72 -14.04
N TYR A 76 3.96 -50.45 -13.90
CA TYR A 76 2.82 -49.88 -14.62
C TYR A 76 1.55 -50.68 -14.32
N THR A 77 1.22 -50.79 -13.03
CA THR A 77 0.07 -51.56 -12.58
C THR A 77 -0.67 -50.77 -11.51
N LEU A 78 -2.00 -50.86 -11.54
CA LEU A 78 -2.86 -50.30 -10.52
C LEU A 78 -3.63 -51.43 -9.84
N ASP A 79 -4.03 -51.21 -8.59
CA ASP A 79 -4.79 -52.18 -7.84
C ASP A 79 -5.77 -51.43 -6.95
N LEU A 80 -6.83 -52.13 -6.56
CA LEU A 80 -7.79 -51.63 -5.59
C LEU A 80 -8.16 -52.77 -4.67
N GLU A 81 -8.37 -52.44 -3.39
CA GLU A 81 -8.65 -53.45 -2.37
C GLU A 81 -9.95 -53.08 -1.66
N MET A 82 -10.58 -54.11 -1.09
CA MET A 82 -11.87 -53.95 -0.44
C MET A 82 -11.81 -54.52 0.97
N SER A 83 -12.77 -54.13 1.79
CA SER A 83 -12.88 -54.63 3.15
C SER A 83 -14.27 -54.34 3.66
N ARG A 84 -14.81 -55.28 4.45
CA ARG A 84 -16.13 -55.13 5.04
C ARG A 84 -17.16 -54.71 3.99
N LEU A 85 -17.34 -55.57 2.99
CA LEU A 85 -18.25 -55.29 1.90
C LEU A 85 -19.70 -55.37 2.38
N ARG A 86 -20.52 -54.46 1.87
CA ARG A 86 -21.95 -54.43 2.14
C ARG A 86 -22.71 -54.73 0.86
N ALA A 87 -24.03 -54.81 0.97
CA ALA A 87 -24.88 -55.16 -0.16
C ALA A 87 -25.13 -53.98 -1.11
N GLU A 88 -24.72 -52.77 -0.73
CA GLU A 88 -25.04 -51.58 -1.49
C GLU A 88 -24.15 -51.38 -2.71
N ASP A 89 -23.04 -52.10 -2.83
CA ASP A 89 -22.12 -51.96 -3.95
C ASP A 89 -22.16 -53.23 -4.79
N THR A 90 -23.11 -53.29 -5.72
CA THR A 90 -23.19 -54.36 -6.71
C THR A 90 -23.24 -53.66 -8.06
N ALA A 91 -22.07 -53.38 -8.63
CA ALA A 91 -21.97 -52.50 -9.78
C ALA A 91 -20.71 -52.85 -10.55
N VAL A 92 -20.46 -52.10 -11.62
CA VAL A 92 -19.32 -52.31 -12.50
C VAL A 92 -18.25 -51.28 -12.14
N TYR A 93 -17.07 -51.76 -11.79
CA TYR A 93 -15.96 -50.90 -11.40
C TYR A 93 -15.09 -50.62 -12.62
N TYR A 94 -14.72 -49.35 -12.81
CA TYR A 94 -13.95 -48.92 -13.97
C TYR A 94 -12.60 -48.28 -13.65
N CYS A 95 -11.58 -48.63 -14.41
CA CYS A 95 -10.28 -47.96 -14.32
C CYS A 95 -10.05 -46.77 -15.25
N ALA A 96 -9.88 -45.58 -14.68
CA ALA A 96 -9.98 -44.34 -15.44
C ALA A 96 -8.81 -43.41 -15.19
N LYS A 97 -8.46 -42.67 -16.24
CA LYS A 97 -7.35 -41.73 -16.23
C LYS A 97 -7.89 -40.31 -16.19
N MET A 98 -7.40 -39.51 -15.25
CA MET A 98 -7.80 -38.12 -15.17
C MET A 98 -7.13 -37.33 -16.28
N PHE A 99 -7.47 -36.04 -16.36
CA PHE A 99 -6.93 -35.13 -17.35
C PHE A 99 -5.93 -34.17 -16.71
N LYS A 100 -4.96 -33.76 -17.50
CA LYS A 100 -4.08 -32.67 -17.11
C LYS A 100 -4.79 -31.35 -17.37
N TRP A 101 -4.89 -30.52 -16.34
CA TRP A 101 -5.65 -29.28 -16.43
C TRP A 101 -4.82 -28.24 -17.18
N ASP A 102 -4.67 -28.50 -18.48
CA ASP A 102 -4.01 -27.61 -19.42
C ASP A 102 -4.52 -27.93 -20.81
N TYR A 103 -4.15 -27.08 -21.77
CA TYR A 103 -4.61 -27.19 -23.15
C TYR A 103 -3.60 -27.89 -24.05
N ASP A 104 -2.84 -28.83 -23.51
CA ASP A 104 -1.82 -29.51 -24.29
C ASP A 104 -2.45 -30.25 -25.47
N THR A 105 -1.77 -30.19 -26.62
CA THR A 105 -2.27 -30.85 -27.83
C THR A 105 -1.94 -32.34 -27.86
N SER A 106 -1.05 -32.81 -27.00
CA SER A 106 -0.71 -34.22 -26.91
C SER A 106 -1.52 -34.98 -25.86
N ASP A 107 -2.47 -34.32 -25.21
CA ASP A 107 -3.29 -34.98 -24.21
C ASP A 107 -4.32 -35.91 -24.87
N PHE A 108 -4.85 -36.82 -24.08
CA PHE A 108 -5.86 -37.78 -24.55
C PHE A 108 -6.57 -38.35 -23.34
N GLY A 109 -7.37 -39.39 -23.56
CA GLY A 109 -8.06 -40.08 -22.49
C GLY A 109 -8.17 -41.56 -22.78
N VAL A 110 -8.56 -42.31 -21.76
CA VAL A 110 -8.72 -43.75 -21.85
C VAL A 110 -9.81 -44.17 -20.87
N TRP A 111 -10.38 -45.36 -21.08
CA TRP A 111 -11.43 -45.87 -20.22
C TRP A 111 -11.40 -47.39 -20.31
N GLY A 112 -11.60 -48.07 -19.18
CA GLY A 112 -11.38 -49.49 -19.10
C GLY A 112 -12.59 -50.31 -19.45
N GLN A 113 -12.39 -51.63 -19.54
CA GLN A 113 -13.48 -52.55 -19.84
C GLN A 113 -14.39 -52.74 -18.63
N GLY A 114 -13.81 -52.86 -17.45
CA GLY A 114 -14.56 -52.95 -16.21
C GLY A 114 -14.73 -54.37 -15.73
N THR A 115 -15.20 -54.47 -14.48
CA THR A 115 -15.42 -55.75 -13.81
C THR A 115 -16.87 -55.81 -13.33
N LEU A 116 -17.54 -56.93 -13.61
CA LEU A 116 -18.97 -57.03 -13.34
C LEU A 116 -19.27 -56.82 -11.86
N VAL A 117 -18.59 -57.57 -10.99
CA VAL A 117 -18.79 -57.46 -9.54
C VAL A 117 -20.27 -57.38 -9.16
N ASP B 1 -19.31 -29.19 -2.20
CA ASP B 1 -20.68 -28.62 -2.30
C ASP B 1 -21.12 -28.47 -3.76
N PHE B 2 -20.25 -28.89 -4.68
CA PHE B 2 -20.60 -28.83 -6.09
C PHE B 2 -21.74 -29.79 -6.40
N GLN B 3 -22.65 -29.35 -7.27
CA GLN B 3 -23.71 -30.21 -7.77
C GLN B 3 -23.89 -29.95 -9.26
N MET B 4 -24.34 -31.00 -9.96
CA MET B 4 -24.60 -30.93 -11.39
C MET B 4 -25.99 -31.46 -11.64
N THR B 5 -26.82 -30.68 -12.33
CA THR B 5 -28.16 -31.09 -12.69
C THR B 5 -28.38 -30.69 -14.13
N GLN B 6 -29.23 -31.42 -14.84
CA GLN B 6 -29.48 -31.20 -16.25
C GLN B 6 -30.94 -31.52 -16.55
N SER B 7 -31.49 -30.84 -17.54
CA SER B 7 -32.84 -31.10 -18.04
C SER B 7 -32.85 -30.84 -19.53
N PRO B 8 -33.79 -31.43 -20.27
CA PRO B 8 -34.88 -32.30 -19.82
C PRO B 8 -34.44 -33.73 -19.52
N SER B 9 -35.05 -34.36 -18.52
CA SER B 9 -34.68 -35.73 -18.18
C SER B 9 -34.99 -36.69 -19.32
N THR B 10 -36.15 -36.53 -19.94
CA THR B 10 -36.56 -37.34 -21.08
C THR B 10 -36.79 -36.45 -22.29
N LEU B 11 -36.46 -36.96 -23.47
CA LEU B 11 -36.55 -36.17 -24.69
C LEU B 11 -36.97 -37.06 -25.85
N SER B 12 -37.87 -36.53 -26.69
CA SER B 12 -38.33 -37.23 -27.88
C SER B 12 -38.23 -36.28 -29.07
N ALA B 13 -37.66 -36.75 -30.16
CA ALA B 13 -37.44 -35.93 -31.35
C ALA B 13 -37.52 -36.82 -32.58
N SER B 14 -37.23 -36.24 -33.75
CA SER B 14 -37.32 -36.95 -35.01
C SER B 14 -36.01 -36.79 -35.78
N VAL B 15 -35.70 -37.79 -36.61
CA VAL B 15 -34.44 -37.81 -37.32
C VAL B 15 -34.28 -36.53 -38.12
N GLY B 16 -33.08 -35.95 -38.08
CA GLY B 16 -32.78 -34.72 -38.75
C GLY B 16 -33.14 -33.47 -37.97
N ASP B 17 -33.82 -33.59 -36.84
CA ASP B 17 -34.21 -32.44 -36.04
C ASP B 17 -33.04 -32.04 -35.15
N ARG B 18 -33.30 -31.13 -34.20
CA ARG B 18 -32.28 -30.63 -33.29
C ARG B 18 -32.61 -31.04 -31.87
N VAL B 19 -31.60 -31.50 -31.14
CA VAL B 19 -31.73 -31.91 -29.74
C VAL B 19 -30.75 -31.08 -28.92
N THR B 20 -31.25 -30.50 -27.83
CA THR B 20 -30.44 -29.64 -26.97
C THR B 20 -30.53 -30.15 -25.54
N ILE B 21 -29.37 -30.39 -24.92
CA ILE B 21 -29.27 -30.84 -23.54
C ILE B 21 -28.34 -29.90 -22.80
N THR B 22 -28.73 -29.54 -21.57
CA THR B 22 -27.98 -28.57 -20.77
C THR B 22 -27.69 -29.15 -19.40
N CYS B 23 -26.46 -28.93 -18.93
CA CYS B 23 -26.06 -29.24 -17.57
C CYS B 23 -25.76 -27.95 -16.82
N ARG B 24 -26.25 -27.86 -15.59
CA ARG B 24 -26.05 -26.69 -14.75
C ARG B 24 -25.23 -27.08 -13.53
N ALA B 25 -24.31 -26.20 -13.15
CA ALA B 25 -23.44 -26.42 -12.01
C ALA B 25 -23.85 -25.50 -10.86
N SER B 26 -23.79 -26.03 -9.64
CA SER B 26 -24.17 -25.22 -8.48
C SER B 26 -23.25 -24.01 -8.34
N GLN B 27 -21.94 -24.22 -8.51
CA GLN B 27 -20.94 -23.17 -8.41
C GLN B 27 -20.19 -23.08 -9.74
N SER B 28 -19.16 -22.23 -9.78
CA SER B 28 -18.33 -22.10 -10.97
C SER B 28 -17.38 -23.28 -11.02
N VAL B 29 -17.58 -24.17 -11.99
CA VAL B 29 -16.77 -25.37 -12.09
C VAL B 29 -15.57 -25.17 -13.02
N GLY B 30 -15.66 -24.23 -13.94
CA GLY B 30 -14.58 -23.94 -14.86
C GLY B 30 -14.82 -24.59 -16.21
N ASN B 31 -13.84 -24.42 -17.08
CA ASN B 31 -13.90 -24.99 -18.43
C ASN B 31 -13.85 -26.51 -18.40
N TRP B 32 -13.53 -27.12 -17.26
CA TRP B 32 -13.31 -28.55 -17.18
C TRP B 32 -14.65 -29.27 -17.21
N LEU B 33 -14.95 -29.91 -18.34
CA LEU B 33 -16.18 -30.67 -18.50
C LEU B 33 -15.95 -31.73 -19.56
N THR B 34 -16.72 -32.82 -19.46
CA THR B 34 -16.67 -33.90 -20.45
C THR B 34 -18.09 -34.39 -20.70
N TRP B 35 -18.32 -34.90 -21.90
CA TRP B 35 -19.61 -35.43 -22.32
C TRP B 35 -19.47 -36.91 -22.69
N TYR B 36 -20.40 -37.73 -22.23
CA TYR B 36 -20.32 -39.18 -22.36
C TYR B 36 -21.57 -39.72 -23.04
N GLN B 37 -21.40 -40.82 -23.77
CA GLN B 37 -22.49 -41.58 -24.37
C GLN B 37 -22.57 -42.97 -23.77
N HIS B 38 -23.75 -43.35 -23.30
CA HIS B 38 -23.98 -44.64 -22.65
C HIS B 38 -25.04 -45.53 -23.30
N LYS B 39 -24.64 -46.23 -24.35
CA LYS B 39 -25.51 -47.23 -24.95
C LYS B 39 -25.62 -48.46 -24.06
N PRO B 40 -26.80 -49.05 -23.93
CA PRO B 40 -26.93 -50.24 -23.07
C PRO B 40 -26.03 -51.37 -23.55
N GLY B 41 -25.48 -52.10 -22.59
CA GLY B 41 -24.62 -53.23 -22.90
C GLY B 41 -23.25 -52.85 -23.43
N LYS B 42 -22.82 -51.60 -23.26
CA LYS B 42 -21.54 -51.14 -23.78
C LYS B 42 -20.84 -50.31 -22.72
N ALA B 43 -19.50 -50.26 -22.83
CA ALA B 43 -18.70 -49.46 -21.92
C ALA B 43 -18.79 -47.99 -22.32
N PRO B 44 -18.98 -47.07 -21.36
CA PRO B 44 -19.12 -45.66 -21.71
C PRO B 44 -17.91 -45.12 -22.45
N LYS B 45 -18.15 -44.16 -23.32
CA LYS B 45 -17.12 -43.54 -24.12
C LYS B 45 -17.15 -42.03 -23.95
N ILE B 46 -16.39 -41.30 -24.77
CA ILE B 46 -16.27 -39.86 -24.65
C ILE B 46 -16.49 -39.20 -26.00
N LEU B 47 -17.10 -38.01 -25.98
CA LEU B 47 -17.35 -37.23 -27.18
C LEU B 47 -16.60 -35.91 -27.16
N ILE B 48 -16.80 -35.07 -26.16
CA ILE B 48 -16.08 -33.82 -25.98
C ILE B 48 -15.61 -33.78 -24.53
N TYR B 49 -14.30 -33.57 -24.32
CA TYR B 49 -13.72 -33.74 -22.99
C TYR B 49 -13.23 -32.45 -22.36
N LYS B 50 -13.26 -31.33 -23.07
CA LYS B 50 -12.98 -30.04 -22.47
C LYS B 50 -14.08 -29.03 -22.77
N ALA B 51 -15.25 -29.49 -23.22
CA ALA B 51 -16.39 -28.69 -23.66
C ALA B 51 -16.15 -28.05 -25.03
N SER B 52 -14.93 -28.07 -25.54
CA SER B 52 -14.63 -27.46 -26.83
C SER B 52 -13.94 -28.41 -27.80
N THR B 53 -13.07 -29.28 -27.31
CA THR B 53 -12.24 -30.13 -28.16
C THR B 53 -12.95 -31.46 -28.41
N LEU B 54 -12.83 -31.96 -29.63
CA LEU B 54 -13.47 -33.21 -30.03
C LEU B 54 -12.44 -34.32 -30.15
N GLN B 55 -12.71 -35.44 -29.49
CA GLN B 55 -11.86 -36.61 -29.63
C GLN B 55 -11.95 -37.16 -31.04
N SER B 56 -10.82 -37.69 -31.53
CA SER B 56 -10.81 -38.31 -32.85
C SER B 56 -11.78 -39.48 -32.89
N GLY B 57 -12.45 -39.63 -34.03
CA GLY B 57 -13.40 -40.70 -34.23
C GLY B 57 -14.84 -40.34 -33.95
N VAL B 58 -15.11 -39.13 -33.45
CA VAL B 58 -16.48 -38.69 -33.20
C VAL B 58 -16.98 -37.92 -34.41
N PRO B 59 -18.19 -38.21 -34.90
CA PRO B 59 -18.68 -37.47 -36.08
C PRO B 59 -18.94 -36.02 -35.76
N SER B 60 -18.87 -35.19 -36.81
CA SER B 60 -19.05 -33.75 -36.66
C SER B 60 -20.47 -33.35 -36.28
N ARG B 61 -21.39 -34.30 -36.15
CA ARG B 61 -22.74 -33.98 -35.71
C ARG B 61 -22.71 -33.34 -34.31
N PHE B 62 -21.92 -33.91 -33.41
CA PHE B 62 -21.85 -33.43 -32.04
C PHE B 62 -21.05 -32.14 -31.97
N SER B 63 -21.56 -31.15 -31.24
CA SER B 63 -20.86 -29.90 -31.03
C SER B 63 -21.34 -29.29 -29.72
N GLY B 64 -20.39 -28.81 -28.92
CA GLY B 64 -20.72 -28.21 -27.64
C GLY B 64 -19.84 -27.01 -27.38
N SER B 65 -20.34 -26.13 -26.51
CA SER B 65 -19.62 -24.93 -26.15
C SER B 65 -20.30 -24.30 -24.94
N GLY B 66 -19.64 -23.31 -24.37
CA GLY B 66 -20.07 -22.65 -23.15
C GLY B 66 -18.89 -22.51 -22.21
N SER B 67 -19.21 -22.16 -20.96
CA SER B 67 -18.18 -21.99 -19.95
C SER B 67 -18.87 -21.66 -18.63
N GLY B 68 -18.06 -21.59 -17.57
CA GLY B 68 -18.57 -21.19 -16.27
C GLY B 68 -19.56 -22.16 -15.69
N THR B 69 -20.82 -21.74 -15.59
CA THR B 69 -21.85 -22.51 -14.91
C THR B 69 -22.89 -23.12 -15.84
N GLU B 70 -23.00 -22.63 -17.07
CA GLU B 70 -23.97 -23.13 -18.03
C GLU B 70 -23.25 -23.78 -19.21
N PHE B 71 -23.59 -25.03 -19.49
CA PHE B 71 -23.07 -25.76 -20.63
C PHE B 71 -24.20 -26.47 -21.34
N THR B 72 -24.06 -26.62 -22.66
CA THR B 72 -25.11 -27.25 -23.45
C THR B 72 -24.48 -27.94 -24.65
N LEU B 73 -24.95 -29.15 -24.94
CA LEU B 73 -24.48 -29.96 -26.05
C LEU B 73 -25.62 -30.13 -27.05
N THR B 74 -25.36 -29.79 -28.31
CA THR B 74 -26.39 -29.82 -29.35
C THR B 74 -25.87 -30.54 -30.58
N ILE B 75 -26.77 -31.28 -31.23
CA ILE B 75 -26.45 -32.10 -32.39
C ILE B 75 -27.26 -31.60 -33.58
N SER B 76 -26.61 -31.44 -34.73
CA SER B 76 -27.29 -30.89 -35.89
C SER B 76 -28.36 -31.85 -36.42
N SER B 77 -27.96 -33.05 -36.81
CA SER B 77 -28.87 -34.03 -37.41
C SER B 77 -28.75 -35.34 -36.67
N LEU B 78 -29.87 -35.87 -36.20
CA LEU B 78 -29.91 -37.14 -35.52
C LEU B 78 -29.81 -38.28 -36.51
N GLN B 79 -29.46 -39.46 -36.00
CA GLN B 79 -29.38 -40.69 -36.78
C GLN B 79 -29.96 -41.80 -35.94
N PRO B 80 -30.51 -42.85 -36.56
CA PRO B 80 -31.23 -43.86 -35.77
C PRO B 80 -30.38 -44.50 -34.68
N ASP B 81 -29.09 -44.72 -34.92
CA ASP B 81 -28.22 -45.32 -33.91
C ASP B 81 -27.63 -44.27 -32.97
N ASP B 82 -28.50 -43.45 -32.38
CA ASP B 82 -28.10 -42.41 -31.44
C ASP B 82 -29.04 -42.29 -30.26
N PHE B 83 -29.63 -43.40 -29.83
CA PHE B 83 -30.56 -43.42 -28.70
C PHE B 83 -29.83 -44.05 -27.51
N ALA B 84 -29.45 -43.23 -26.54
CA ALA B 84 -28.70 -43.70 -25.38
C ALA B 84 -28.73 -42.62 -24.30
N THR B 85 -28.32 -43.01 -23.10
CA THR B 85 -28.24 -42.08 -21.99
C THR B 85 -26.98 -41.24 -22.08
N TYR B 86 -27.11 -39.95 -21.75
CA TYR B 86 -26.01 -39.00 -21.89
C TYR B 86 -25.71 -38.37 -20.53
N TYR B 87 -24.44 -38.04 -20.31
CA TYR B 87 -23.96 -37.58 -19.02
C TYR B 87 -23.13 -36.30 -19.04
N CYS B 88 -23.22 -35.55 -17.95
CA CYS B 88 -22.34 -34.41 -17.67
C CYS B 88 -21.33 -34.56 -16.56
N GLN B 89 -20.04 -34.58 -16.90
CA GLN B 89 -18.96 -34.85 -15.96
C GLN B 89 -17.93 -33.77 -15.68
N GLN B 90 -17.88 -33.32 -14.44
CA GLN B 90 -16.85 -32.39 -13.99
C GLN B 90 -15.61 -33.06 -13.44
N PHE B 91 -14.42 -32.63 -13.89
CA PHE B 91 -13.13 -33.15 -13.38
C PHE B 91 -12.33 -31.97 -12.83
N ASN B 92 -13.02 -30.94 -12.32
CA ASN B 92 -12.33 -29.84 -11.67
C ASN B 92 -11.83 -30.31 -10.31
N THR B 93 -12.66 -31.03 -9.57
CA THR B 93 -12.31 -31.53 -8.25
C THR B 93 -11.96 -33.01 -8.25
N TYR B 94 -11.00 -33.41 -7.41
CA TYR B 94 -10.47 -34.77 -7.32
C TYR B 94 -11.63 -35.72 -7.13
N SER B 95 -12.69 -35.20 -6.50
CA SER B 95 -13.95 -35.94 -6.25
C SER B 95 -14.91 -35.65 -7.42
N TRP B 96 -15.04 -36.57 -8.38
CA TRP B 96 -15.86 -36.44 -9.61
C TRP B 96 -17.37 -36.41 -9.31
N THR B 97 -18.17 -35.75 -10.16
CA THR B 97 -19.64 -35.64 -10.04
C THR B 97 -20.31 -35.83 -11.42
N PHE B 98 -21.47 -36.50 -11.50
CA PHE B 98 -22.24 -36.74 -12.71
C PHE B 98 -23.56 -35.96 -12.67
N GLY B 99 -24.24 -35.97 -13.80
CA GLY B 99 -25.63 -35.54 -13.87
C GLY B 99 -26.38 -36.83 -13.67
N GLN B 100 -27.72 -36.71 -13.57
CA GLN B 100 -28.53 -37.91 -13.42
C GLN B 100 -28.95 -38.62 -14.76
N GLY B 101 -28.92 -37.84 -15.83
CA GLY B 101 -29.12 -38.38 -17.16
C GLY B 101 -30.20 -37.91 -18.11
N THR B 102 -30.25 -38.39 -19.37
CA THR B 102 -31.21 -38.02 -20.47
C THR B 102 -31.54 -39.27 -21.26
N ARG B 103 -32.73 -39.39 -21.87
CA ARG B 103 -33.08 -40.49 -22.80
C ARG B 103 -33.62 -39.81 -24.07
N VAL B 104 -33.26 -40.29 -25.27
CA VAL B 104 -33.72 -39.69 -26.54
C VAL B 104 -34.41 -40.74 -27.43
N GLU B 105 -35.46 -40.35 -28.19
CA GLU B 105 -36.26 -41.22 -29.09
C GLU B 105 -35.33 -42.02 -30.01
N VAL C 2 -24.28 -27.72 38.54
CA VAL C 2 -24.29 -28.76 37.52
C VAL C 2 -25.59 -29.54 37.60
N GLN C 3 -26.65 -28.87 38.05
CA GLN C 3 -27.97 -29.47 38.14
C GLN C 3 -28.98 -28.58 37.42
N LEU C 4 -29.96 -29.20 36.78
CA LEU C 4 -31.02 -28.49 36.08
C LEU C 4 -32.35 -29.16 36.39
N LEU C 5 -33.40 -28.35 36.57
CA LEU C 5 -34.68 -28.82 37.04
C LEU C 5 -35.71 -28.86 35.91
N GLU C 6 -36.85 -29.45 36.23
CA GLU C 6 -38.00 -29.53 35.33
C GLU C 6 -39.14 -28.67 35.88
N SER C 7 -40.04 -28.26 34.99
CA SER C 7 -41.27 -27.60 35.43
C SER C 7 -42.19 -27.44 34.23
N GLY C 8 -43.49 -27.62 34.48
CA GLY C 8 -44.51 -27.31 33.51
C GLY C 8 -44.91 -28.43 32.58
N GLY C 9 -44.20 -29.56 32.61
CA GLY C 9 -44.53 -30.67 31.73
C GLY C 9 -45.92 -31.18 31.93
N GLY C 10 -46.77 -31.06 30.91
CA GLY C 10 -48.15 -31.51 31.05
C GLY C 10 -48.90 -31.31 29.76
N LEU C 11 -50.22 -31.50 29.85
CA LEU C 11 -51.11 -31.45 28.70
C LEU C 11 -51.92 -30.16 28.73
N VAL C 12 -51.95 -29.47 27.59
CA VAL C 12 -52.73 -28.25 27.43
C VAL C 12 -53.55 -28.37 26.16
N ARG C 13 -54.64 -27.61 26.10
CA ARG C 13 -55.48 -27.62 24.91
C ARG C 13 -54.83 -26.80 23.80
N PRO C 14 -55.14 -27.11 22.54
CA PRO C 14 -54.61 -26.27 21.45
C PRO C 14 -55.00 -24.81 21.64
N GLY C 15 -54.05 -23.93 21.37
CA GLY C 15 -54.25 -22.51 21.57
C GLY C 15 -53.98 -22.01 22.97
N GLY C 16 -53.46 -22.86 23.85
CA GLY C 16 -53.22 -22.48 25.23
C GLY C 16 -51.92 -21.73 25.41
N SER C 17 -51.47 -21.69 26.66
CA SER C 17 -50.21 -21.04 27.02
C SER C 17 -49.63 -21.73 28.24
N LEU C 18 -48.31 -21.88 28.26
CA LEU C 18 -47.62 -22.62 29.29
C LEU C 18 -46.36 -21.88 29.70
N ARG C 19 -45.81 -22.26 30.86
CA ARG C 19 -44.61 -21.63 31.43
C ARG C 19 -43.70 -22.72 31.97
N LEU C 20 -42.70 -23.09 31.17
CA LEU C 20 -41.71 -24.09 31.59
C LEU C 20 -40.49 -23.37 32.17
N SER C 21 -40.05 -23.83 33.34
CA SER C 21 -38.93 -23.22 34.05
C SER C 21 -37.98 -24.35 34.39
N CYS C 22 -36.73 -24.22 33.94
CA CYS C 22 -35.65 -25.14 34.31
C CYS C 22 -34.67 -24.31 35.13
N ALA C 23 -34.41 -24.75 36.37
CA ALA C 23 -33.63 -23.97 37.32
C ALA C 23 -32.26 -24.60 37.46
N ALA C 24 -31.23 -23.76 37.55
CA ALA C 24 -29.85 -24.20 37.54
C ALA C 24 -29.14 -23.80 38.82
N SER C 25 -28.18 -24.63 39.24
CA SER C 25 -27.41 -24.36 40.45
C SER C 25 -26.18 -25.25 40.46
N GLY C 26 -25.01 -24.66 40.70
CA GLY C 26 -23.80 -25.44 40.82
C GLY C 26 -22.68 -25.03 39.87
N PHE C 27 -22.71 -23.79 39.41
CA PHE C 27 -21.62 -23.23 38.60
C PHE C 27 -21.91 -21.75 38.39
N THR C 28 -21.00 -21.07 37.70
CA THR C 28 -21.15 -19.65 37.41
C THR C 28 -22.09 -19.51 36.21
N PHE C 29 -23.39 -19.36 36.51
CA PHE C 29 -24.41 -19.30 35.47
C PHE C 29 -24.38 -17.98 34.72
N SER C 30 -23.82 -16.92 35.29
CA SER C 30 -23.94 -15.59 34.74
C SER C 30 -22.93 -15.30 33.63
N LYS C 31 -22.20 -16.31 33.16
CA LYS C 31 -21.23 -16.13 32.09
C LYS C 31 -21.38 -17.24 31.05
N TYR C 32 -22.61 -17.54 30.67
CA TYR C 32 -22.86 -18.60 29.69
C TYR C 32 -24.15 -18.31 28.95
N VAL C 33 -24.29 -18.92 27.77
CA VAL C 33 -25.46 -18.75 26.92
C VAL C 33 -26.24 -20.06 26.96
N MET C 34 -27.52 -19.97 27.33
CA MET C 34 -28.38 -21.13 27.44
C MET C 34 -29.44 -21.09 26.35
N ALA C 35 -29.80 -22.28 25.87
CA ALA C 35 -30.71 -22.40 24.74
C ALA C 35 -31.60 -23.62 24.95
N TRP C 36 -32.71 -23.65 24.22
CA TRP C 36 -33.68 -24.73 24.32
C TRP C 36 -33.61 -25.62 23.07
N VAL C 37 -34.00 -26.88 23.26
CA VAL C 37 -33.87 -27.90 22.22
C VAL C 37 -35.11 -28.77 22.28
N ARG C 38 -35.60 -29.18 21.11
CA ARG C 38 -36.82 -29.96 21.00
C ARG C 38 -36.53 -31.32 20.39
N GLN C 39 -37.39 -32.28 20.70
CA GLN C 39 -37.25 -33.64 20.20
C GLN C 39 -38.67 -34.19 20.01
N ALA C 40 -39.19 -34.09 18.80
CA ALA C 40 -40.49 -34.67 18.52
C ALA C 40 -40.41 -36.19 18.68
N PRO C 41 -41.47 -36.83 19.18
CA PRO C 41 -41.40 -38.28 19.40
C PRO C 41 -41.09 -39.02 18.11
N GLY C 42 -40.14 -39.95 18.19
CA GLY C 42 -39.74 -40.70 17.01
C GLY C 42 -39.25 -39.83 15.88
N LYS C 43 -38.48 -38.78 16.20
CA LYS C 43 -37.99 -37.86 15.19
C LYS C 43 -36.66 -37.30 15.64
N GLY C 44 -35.91 -36.75 14.68
CA GLY C 44 -34.60 -36.20 14.98
C GLY C 44 -34.70 -34.92 15.78
N LEU C 45 -33.59 -34.59 16.44
CA LEU C 45 -33.55 -33.43 17.32
C LEU C 45 -33.73 -32.15 16.54
N GLU C 46 -33.82 -31.02 17.23
CA GLU C 46 -34.18 -29.75 16.60
C GLU C 46 -33.90 -28.64 17.60
N TRP C 47 -33.83 -27.42 17.09
CA TRP C 47 -33.52 -26.25 17.89
C TRP C 47 -34.76 -25.36 18.03
N VAL C 48 -34.85 -24.66 19.17
CA VAL C 48 -36.03 -23.87 19.50
C VAL C 48 -35.68 -22.39 19.60
N SER C 49 -34.84 -22.03 20.55
CA SER C 49 -34.49 -20.63 20.80
C SER C 49 -33.21 -20.58 21.61
N SER C 50 -32.70 -19.37 21.83
CA SER C 50 -31.50 -19.18 22.61
C SER C 50 -31.52 -17.79 23.24
N ILE C 51 -30.90 -17.67 24.41
CA ILE C 51 -30.82 -16.41 25.13
C ILE C 51 -29.41 -16.26 25.69
N THR C 52 -28.81 -15.11 25.47
CA THR C 52 -27.46 -14.83 25.96
C THR C 52 -27.54 -13.97 27.22
N SER C 53 -26.39 -13.86 27.89
CA SER C 53 -26.30 -13.03 29.09
C SER C 53 -26.37 -11.57 28.66
N GLY C 54 -27.52 -10.91 28.84
CA GLY C 54 -27.80 -9.59 28.25
C GLY C 54 -29.19 -9.51 27.61
N GLU C 55 -29.90 -10.65 27.49
CA GLU C 55 -31.29 -10.81 26.99
C GLU C 55 -31.45 -10.34 25.54
N ARG C 56 -30.45 -10.58 24.68
CA ARG C 56 -30.53 -10.20 23.24
C ARG C 56 -31.64 -10.97 22.53
N THR C 57 -31.69 -12.31 22.73
CA THR C 57 -32.70 -13.32 22.27
C THR C 57 -32.51 -13.71 20.79
N PHE C 58 -32.71 -14.98 20.43
CA PHE C 58 -32.64 -15.52 19.04
C PHE C 58 -33.69 -16.61 18.95
N TYR C 59 -34.37 -16.79 17.81
CA TYR C 59 -35.48 -17.78 17.69
C TYR C 59 -35.44 -18.61 16.42
N ALA C 60 -35.99 -19.82 16.45
CA ALA C 60 -36.16 -20.68 15.27
C ALA C 60 -37.39 -20.13 14.54
N ASP C 61 -37.40 -20.16 13.22
CA ASP C 61 -38.47 -19.58 12.40
C ASP C 61 -39.82 -20.17 12.77
N SER C 62 -39.89 -21.50 12.92
CA SER C 62 -41.18 -22.17 13.11
C SER C 62 -41.93 -21.64 14.32
N VAL C 63 -41.22 -21.11 15.31
CA VAL C 63 -41.83 -20.64 16.55
C VAL C 63 -41.68 -19.14 16.73
N LYS C 64 -41.26 -18.42 15.70
CA LYS C 64 -41.05 -16.99 15.84
C LYS C 64 -42.37 -16.29 16.11
N GLY C 65 -42.32 -15.28 16.98
CA GLY C 65 -43.49 -14.49 17.30
C GLY C 65 -44.48 -15.15 18.24
N ARG C 66 -44.23 -16.40 18.64
CA ARG C 66 -45.17 -17.13 19.48
C ARG C 66 -44.64 -17.31 20.91
N PHE C 67 -43.39 -17.71 21.05
CA PHE C 67 -42.79 -17.99 22.35
C PHE C 67 -41.95 -16.81 22.83
N THR C 68 -41.70 -16.80 24.13
CA THR C 68 -40.84 -15.81 24.78
C THR C 68 -39.89 -16.52 25.73
N VAL C 69 -38.65 -16.05 25.80
CA VAL C 69 -37.62 -16.63 26.66
C VAL C 69 -37.04 -15.53 27.51
N SER C 70 -36.92 -15.80 28.82
CA SER C 70 -36.34 -14.84 29.74
C SER C 70 -35.53 -15.61 30.78
N ARG C 71 -34.51 -14.95 31.32
CA ARG C 71 -33.61 -15.56 32.28
C ARG C 71 -33.45 -14.65 33.50
N ASP C 72 -33.28 -15.27 34.66
CA ASP C 72 -33.12 -14.56 35.93
C ASP C 72 -31.70 -14.84 36.44
N ASN C 73 -30.80 -13.89 36.21
CA ASN C 73 -29.41 -14.08 36.61
C ASN C 73 -29.26 -14.12 38.12
N SER C 74 -30.00 -13.26 38.83
CA SER C 74 -29.83 -13.16 40.28
C SER C 74 -30.18 -14.47 40.97
N LYS C 75 -31.30 -15.09 40.58
CA LYS C 75 -31.77 -16.31 41.20
C LYS C 75 -31.35 -17.57 40.47
N TYR C 76 -30.58 -17.45 39.38
CA TYR C 76 -30.11 -18.59 38.61
C TYR C 76 -31.28 -19.44 38.14
N THR C 77 -32.12 -18.83 37.29
CA THR C 77 -33.30 -19.50 36.76
C THR C 77 -33.53 -19.06 35.33
N LEU C 78 -34.00 -20.00 34.50
CA LEU C 78 -34.30 -19.75 33.10
C LEU C 78 -35.73 -20.23 32.84
N ASP C 79 -36.55 -19.33 32.30
CA ASP C 79 -37.98 -19.59 32.10
C ASP C 79 -38.36 -19.45 30.64
N LEU C 80 -39.37 -20.23 30.23
CA LEU C 80 -39.91 -20.18 28.88
C LEU C 80 -41.43 -20.11 28.96
N GLU C 81 -42.03 -19.27 28.12
CA GLU C 81 -43.47 -19.15 28.02
C GLU C 81 -43.87 -19.29 26.56
N MET C 82 -45.05 -19.89 26.34
CA MET C 82 -45.54 -20.15 25.00
C MET C 82 -46.97 -19.62 24.87
N SER C 83 -47.35 -19.31 23.63
CA SER C 83 -48.70 -18.86 23.33
C SER C 83 -49.02 -19.24 21.89
N ARG C 84 -50.32 -19.29 21.59
CA ARG C 84 -50.79 -19.73 20.27
C ARG C 84 -50.23 -21.11 19.94
N LEU C 85 -50.25 -22.01 20.92
CA LEU C 85 -49.74 -23.36 20.72
C LEU C 85 -50.44 -24.07 19.57
N ARG C 86 -49.68 -24.88 18.84
CA ARG C 86 -50.18 -25.67 17.74
C ARG C 86 -49.98 -27.16 17.99
N ALA C 87 -50.47 -27.99 17.06
CA ALA C 87 -50.45 -29.44 17.27
C ALA C 87 -49.02 -29.95 17.08
N GLU C 88 -48.27 -29.37 16.13
CA GLU C 88 -46.94 -29.87 15.82
C GLU C 88 -45.96 -29.76 16.99
N ASP C 89 -46.23 -28.89 17.97
CA ASP C 89 -45.30 -28.65 19.06
C ASP C 89 -45.59 -29.58 20.24
N THR C 90 -45.53 -30.88 19.96
CA THR C 90 -45.64 -31.92 20.99
C THR C 90 -44.34 -32.70 20.98
N ALA C 91 -43.54 -32.52 22.02
CA ALA C 91 -42.18 -33.05 22.05
C ALA C 91 -41.66 -32.99 23.48
N VAL C 92 -40.37 -33.29 23.64
CA VAL C 92 -39.67 -33.21 24.92
C VAL C 92 -38.69 -32.05 24.82
N TYR C 93 -38.71 -31.18 25.83
CA TYR C 93 -38.01 -29.90 25.77
C TYR C 93 -36.84 -29.91 26.75
N TYR C 94 -35.68 -29.45 26.28
CA TYR C 94 -34.43 -29.50 27.02
C TYR C 94 -33.88 -28.11 27.24
N CYS C 95 -33.29 -27.88 28.41
CA CYS C 95 -32.55 -26.65 28.71
C CYS C 95 -31.08 -27.00 28.78
N ALA C 96 -30.26 -26.31 27.98
CA ALA C 96 -28.88 -26.68 27.76
C ALA C 96 -27.96 -25.49 27.91
N LYS C 97 -26.67 -25.78 28.02
CA LYS C 97 -25.62 -24.77 28.14
C LYS C 97 -24.73 -24.82 26.90
N MET C 98 -24.35 -23.65 26.40
CA MET C 98 -23.55 -23.54 25.19
C MET C 98 -22.08 -23.35 25.54
N PHE C 99 -21.22 -24.08 24.84
CA PHE C 99 -19.79 -24.01 25.10
C PHE C 99 -19.23 -22.64 24.71
N LYS C 100 -18.20 -22.23 25.43
CA LYS C 100 -17.44 -21.05 25.02
C LYS C 100 -16.65 -21.37 23.76
N TRP C 101 -16.26 -20.32 23.05
CA TRP C 101 -15.43 -20.48 21.86
C TRP C 101 -13.94 -20.38 22.20
N ASP C 102 -13.53 -21.29 23.08
CA ASP C 102 -12.14 -21.40 23.52
C ASP C 102 -11.90 -22.83 23.96
N TYR C 103 -10.63 -23.16 24.18
CA TYR C 103 -10.22 -24.52 24.55
C TYR C 103 -9.93 -24.70 26.03
N ASP C 104 -10.30 -23.73 26.86
CA ASP C 104 -9.99 -23.82 28.28
C ASP C 104 -10.65 -25.07 28.87
N THR C 105 -9.94 -25.72 29.79
CA THR C 105 -10.39 -26.98 30.36
C THR C 105 -11.46 -26.80 31.44
N SER C 106 -11.77 -25.57 31.83
CA SER C 106 -12.82 -25.35 32.83
C SER C 106 -14.20 -25.65 32.28
N ASP C 107 -14.43 -25.47 30.98
CA ASP C 107 -15.74 -25.75 30.40
C ASP C 107 -16.06 -27.23 30.54
N PHE C 108 -17.31 -27.52 30.90
CA PHE C 108 -17.78 -28.89 31.10
C PHE C 108 -18.91 -29.27 30.17
N GLY C 109 -19.97 -28.48 30.10
CA GLY C 109 -21.14 -28.84 29.31
C GLY C 109 -22.11 -29.69 30.10
N VAL C 110 -23.38 -29.27 30.14
CA VAL C 110 -24.41 -29.98 30.90
C VAL C 110 -25.69 -30.03 30.07
N TRP C 111 -26.61 -30.88 30.51
CA TRP C 111 -27.82 -31.20 29.75
C TRP C 111 -28.97 -31.40 30.72
N GLY C 112 -30.03 -30.60 30.57
CA GLY C 112 -31.17 -30.73 31.45
C GLY C 112 -31.92 -32.03 31.25
N GLN C 113 -32.67 -32.41 32.28
CA GLN C 113 -33.33 -33.71 32.26
C GLN C 113 -34.54 -33.71 31.32
N GLY C 114 -35.24 -32.59 31.21
CA GLY C 114 -36.28 -32.44 30.20
C GLY C 114 -37.68 -32.66 30.74
N THR C 115 -38.64 -31.97 30.13
CA THR C 115 -40.06 -32.12 30.43
C THR C 115 -40.77 -32.74 29.24
N LEU C 116 -41.80 -33.54 29.52
CA LEU C 116 -42.47 -34.34 28.49
C LEU C 116 -43.75 -33.70 27.98
N VAL C 117 -43.86 -32.38 28.04
CA VAL C 117 -45.06 -31.69 27.58
C VAL C 117 -45.40 -32.07 26.13
N ASP D 1 -28.04 -21.26 6.60
CA ASP D 1 -27.41 -21.74 5.33
C ASP D 1 -26.56 -22.98 5.57
N PHE D 2 -25.97 -23.07 6.75
CA PHE D 2 -25.15 -24.23 7.09
C PHE D 2 -26.01 -25.48 7.14
N GLN D 3 -25.49 -26.57 6.58
CA GLN D 3 -26.18 -27.84 6.56
C GLN D 3 -25.21 -28.94 6.96
N MET D 4 -25.76 -30.00 7.57
CA MET D 4 -24.98 -31.17 7.97
C MET D 4 -25.66 -32.43 7.46
N THR D 5 -24.85 -33.38 7.01
CA THR D 5 -25.32 -34.70 6.61
C THR D 5 -24.26 -35.72 7.01
N GLN D 6 -24.71 -36.90 7.42
CA GLN D 6 -23.79 -37.95 7.88
C GLN D 6 -24.17 -39.28 7.26
N SER D 7 -23.16 -40.08 6.95
CA SER D 7 -23.31 -41.43 6.43
C SER D 7 -22.37 -42.36 7.19
N PRO D 8 -22.71 -43.65 7.31
CA PRO D 8 -23.92 -44.34 6.85
C PRO D 8 -25.11 -44.12 7.78
N SER D 9 -26.32 -44.05 7.23
CA SER D 9 -27.51 -43.94 8.08
C SER D 9 -27.70 -45.19 8.93
N THR D 10 -27.47 -46.35 8.35
CA THR D 10 -27.64 -47.63 9.03
C THR D 10 -26.35 -48.43 8.94
N LEU D 11 -26.03 -49.15 10.03
CA LEU D 11 -24.80 -49.92 10.11
C LEU D 11 -25.09 -51.29 10.69
N SER D 12 -24.21 -52.24 10.36
CA SER D 12 -24.19 -53.57 10.97
C SER D 12 -22.82 -53.78 11.57
N ALA D 13 -22.76 -54.43 12.72
CA ALA D 13 -21.51 -54.57 13.45
C ALA D 13 -21.58 -55.77 14.37
N SER D 14 -20.45 -56.05 15.03
CA SER D 14 -20.35 -57.09 16.03
C SER D 14 -19.31 -56.67 17.06
N VAL D 15 -19.42 -57.27 18.25
CA VAL D 15 -18.57 -56.85 19.37
C VAL D 15 -17.11 -57.00 18.99
N GLY D 16 -16.32 -55.97 19.30
CA GLY D 16 -14.89 -55.99 19.09
C GLY D 16 -14.43 -55.40 17.78
N ASP D 17 -15.34 -55.12 16.84
CA ASP D 17 -14.97 -54.60 15.54
C ASP D 17 -14.70 -53.10 15.65
N ARG D 18 -14.54 -52.44 14.50
CA ARG D 18 -14.29 -51.01 14.43
C ARG D 18 -15.34 -50.36 13.54
N VAL D 19 -15.80 -49.18 13.95
CA VAL D 19 -16.88 -48.48 13.27
C VAL D 19 -16.47 -47.03 13.06
N THR D 20 -16.76 -46.50 11.87
CA THR D 20 -16.44 -45.14 11.52
C THR D 20 -17.71 -44.43 11.09
N ILE D 21 -17.94 -43.25 11.66
CA ILE D 21 -19.14 -42.45 11.40
C ILE D 21 -18.69 -41.06 11.00
N THR D 22 -19.10 -40.64 9.80
CA THR D 22 -18.70 -39.36 9.25
C THR D 22 -19.80 -38.33 9.46
N CYS D 23 -19.44 -37.06 9.22
CA CYS D 23 -20.40 -35.96 9.28
C CYS D 23 -19.82 -34.82 8.45
N ARG D 24 -20.45 -34.54 7.32
CA ARG D 24 -19.92 -33.59 6.35
C ARG D 24 -20.67 -32.27 6.46
N ALA D 25 -19.93 -31.18 6.53
CA ALA D 25 -20.50 -29.85 6.67
C ALA D 25 -20.59 -29.16 5.32
N SER D 26 -21.74 -28.52 5.06
CA SER D 26 -21.92 -27.83 3.79
C SER D 26 -20.92 -26.68 3.65
N GLN D 27 -20.65 -25.96 4.73
CA GLN D 27 -19.70 -24.86 4.71
C GLN D 27 -18.66 -25.05 5.81
N SER D 28 -17.81 -24.05 6.02
CA SER D 28 -16.72 -24.16 6.98
C SER D 28 -17.25 -23.89 8.38
N VAL D 29 -17.39 -24.93 9.18
CA VAL D 29 -17.82 -24.78 10.56
C VAL D 29 -16.64 -24.71 11.52
N GLY D 30 -15.47 -25.19 11.12
CA GLY D 30 -14.28 -25.06 11.94
C GLY D 30 -14.20 -26.12 13.02
N ASN D 31 -13.32 -25.86 13.99
CA ASN D 31 -13.17 -26.76 15.13
C ASN D 31 -14.22 -26.47 16.17
N TRP D 32 -15.49 -26.43 15.76
CA TRP D 32 -16.63 -26.19 16.63
C TRP D 32 -17.65 -27.28 16.35
N LEU D 33 -17.52 -28.42 17.03
CA LEU D 33 -18.45 -29.53 16.88
C LEU D 33 -18.70 -30.15 18.25
N THR D 34 -19.57 -31.16 18.27
CA THR D 34 -19.85 -31.93 19.46
C THR D 34 -20.66 -33.15 19.06
N TRP D 35 -20.39 -34.29 19.71
CA TRP D 35 -21.04 -35.55 19.38
C TRP D 35 -21.87 -35.99 20.59
N TYR D 36 -23.16 -36.25 20.35
CA TYR D 36 -24.08 -36.64 21.39
C TYR D 36 -24.52 -38.08 21.18
N GLN D 37 -24.68 -38.82 22.27
CA GLN D 37 -25.19 -40.18 22.25
C GLN D 37 -26.61 -40.17 22.82
N HIS D 38 -27.59 -40.47 21.97
CA HIS D 38 -29.00 -40.47 22.34
C HIS D 38 -29.51 -41.90 22.32
N LYS D 39 -29.97 -42.38 23.47
CA LYS D 39 -30.56 -43.70 23.59
C LYS D 39 -32.04 -43.59 23.94
N PRO D 40 -32.88 -44.50 23.44
CA PRO D 40 -34.31 -44.38 23.72
C PRO D 40 -34.60 -44.26 25.21
N GLY D 41 -35.39 -43.25 25.56
CA GLY D 41 -35.85 -43.07 26.92
C GLY D 41 -34.92 -42.31 27.82
N LYS D 42 -33.75 -41.88 27.34
CA LYS D 42 -32.79 -41.18 28.17
C LYS D 42 -32.41 -39.85 27.52
N ALA D 43 -32.04 -38.89 28.35
CA ALA D 43 -31.65 -37.58 27.85
C ALA D 43 -30.28 -37.67 27.18
N PRO D 44 -30.06 -36.92 26.11
CA PRO D 44 -28.78 -37.02 25.38
C PRO D 44 -27.61 -36.64 26.27
N LYS D 45 -26.46 -37.26 25.97
CA LYS D 45 -25.20 -37.02 26.65
C LYS D 45 -24.20 -36.38 25.69
N ILE D 46 -23.01 -36.09 26.21
CA ILE D 46 -21.94 -35.45 25.42
C ILE D 46 -20.74 -36.38 25.44
N LEU D 47 -20.20 -36.68 24.25
CA LEU D 47 -19.05 -37.57 24.12
C LEU D 47 -17.75 -36.81 23.91
N ILE D 48 -17.66 -36.01 22.85
CA ILE D 48 -16.45 -35.28 22.48
C ILE D 48 -16.90 -33.87 22.16
N TYR D 49 -16.67 -32.93 23.07
CA TYR D 49 -17.38 -31.65 23.01
C TYR D 49 -16.63 -30.57 22.25
N LYS D 50 -15.47 -30.85 21.66
CA LYS D 50 -14.87 -29.90 20.73
C LYS D 50 -14.23 -30.60 19.54
N ALA D 51 -14.62 -31.84 19.27
CA ALA D 51 -14.07 -32.72 18.23
C ALA D 51 -12.74 -33.32 18.66
N SER D 52 -12.16 -32.87 19.77
CA SER D 52 -10.87 -33.42 20.21
C SER D 52 -10.91 -33.86 21.67
N THR D 53 -11.63 -33.13 22.51
CA THR D 53 -11.57 -33.33 23.95
C THR D 53 -12.60 -34.36 24.40
N LEU D 54 -12.19 -35.22 25.33
CA LEU D 54 -13.05 -36.27 25.85
C LEU D 54 -13.66 -35.78 27.17
N GLN D 55 -14.99 -35.79 27.24
CA GLN D 55 -15.67 -35.37 28.44
C GLN D 55 -15.38 -36.30 29.61
N SER D 56 -15.31 -35.73 30.81
CA SER D 56 -15.08 -36.53 32.00
C SER D 56 -16.10 -37.64 32.16
N GLY D 57 -15.60 -38.85 32.44
CA GLY D 57 -16.45 -40.01 32.59
C GLY D 57 -16.72 -40.80 31.33
N VAL D 58 -16.33 -40.30 30.16
CA VAL D 58 -16.52 -41.00 28.90
C VAL D 58 -15.48 -42.09 28.79
N PRO D 59 -15.81 -43.26 28.22
CA PRO D 59 -14.78 -44.30 28.05
C PRO D 59 -13.75 -43.90 27.01
N SER D 60 -12.55 -44.46 27.16
CA SER D 60 -11.46 -44.12 26.26
C SER D 60 -11.66 -44.66 24.85
N ARG D 61 -12.51 -45.69 24.68
CA ARG D 61 -12.67 -46.28 23.36
C ARG D 61 -13.17 -45.28 22.34
N PHE D 62 -13.80 -44.19 22.78
CA PHE D 62 -14.29 -43.16 21.87
C PHE D 62 -13.15 -42.22 21.52
N SER D 63 -12.68 -42.29 20.29
CA SER D 63 -11.63 -41.41 19.78
C SER D 63 -12.20 -40.59 18.64
N GLY D 64 -12.04 -39.28 18.72
CA GLY D 64 -12.57 -38.37 17.70
C GLY D 64 -11.54 -37.34 17.30
N SER D 65 -11.49 -37.08 15.99
CA SER D 65 -10.53 -36.14 15.45
C SER D 65 -11.01 -35.68 14.09
N GLY D 66 -10.42 -34.58 13.61
CA GLY D 66 -10.81 -34.00 12.34
C GLY D 66 -10.81 -32.48 12.40
N SER D 67 -11.20 -31.83 11.31
CA SER D 67 -11.25 -30.38 11.28
C SER D 67 -11.83 -29.89 9.97
N GLY D 68 -11.97 -28.57 9.82
CA GLY D 68 -12.47 -28.01 8.58
C GLY D 68 -13.92 -28.42 8.36
N THR D 69 -14.19 -29.00 7.18
CA THR D 69 -15.54 -29.43 6.84
C THR D 69 -15.77 -30.90 7.20
N GLU D 70 -14.84 -31.77 6.83
CA GLU D 70 -14.98 -33.18 7.15
C GLU D 70 -14.56 -33.46 8.59
N PHE D 71 -15.30 -34.32 9.26
CA PHE D 71 -14.99 -34.73 10.62
C PHE D 71 -15.22 -36.24 10.73
N THR D 72 -14.75 -36.82 11.83
CA THR D 72 -14.89 -38.26 12.02
C THR D 72 -14.68 -38.61 13.48
N LEU D 73 -15.46 -39.58 13.96
CA LEU D 73 -15.25 -40.21 15.25
C LEU D 73 -15.30 -41.71 15.06
N THR D 74 -14.32 -42.42 15.61
CA THR D 74 -14.20 -43.86 15.41
C THR D 74 -14.11 -44.55 16.76
N ILE D 75 -14.68 -45.76 16.81
CA ILE D 75 -14.66 -46.60 17.99
C ILE D 75 -13.65 -47.71 17.78
N SER D 76 -12.92 -48.06 18.85
CA SER D 76 -11.95 -49.14 18.76
C SER D 76 -12.63 -50.50 18.84
N SER D 77 -13.30 -50.76 19.96
CA SER D 77 -14.04 -52.00 20.15
C SER D 77 -15.42 -51.67 20.70
N LEU D 78 -16.41 -52.47 20.30
CA LEU D 78 -17.80 -52.21 20.65
C LEU D 78 -18.12 -52.77 22.04
N GLN D 79 -19.29 -52.43 22.57
CA GLN D 79 -19.94 -53.02 23.76
C GLN D 79 -21.32 -53.42 23.24
N PRO D 80 -21.90 -54.62 23.51
CA PRO D 80 -23.19 -54.98 22.89
C PRO D 80 -24.33 -53.98 23.08
N ASP D 81 -24.39 -53.35 24.25
CA ASP D 81 -25.42 -52.36 24.67
C ASP D 81 -25.02 -50.91 24.33
N ASP D 82 -23.95 -50.66 23.56
CA ASP D 82 -23.52 -49.30 23.13
C ASP D 82 -23.98 -48.99 21.70
N PHE D 83 -24.86 -49.80 21.12
CA PHE D 83 -25.44 -49.62 19.76
C PHE D 83 -26.63 -48.67 19.84
N ALA D 84 -26.34 -47.37 20.02
CA ALA D 84 -27.31 -46.26 20.14
C ALA D 84 -27.22 -45.36 18.90
N THR D 85 -28.03 -44.31 18.84
CA THR D 85 -28.00 -43.28 17.79
C THR D 85 -26.92 -42.28 18.17
N TYR D 86 -26.29 -41.61 17.20
CA TYR D 86 -25.23 -40.65 17.44
C TYR D 86 -25.43 -39.44 16.56
N TYR D 87 -25.17 -38.25 17.11
CA TYR D 87 -25.43 -37.00 16.44
C TYR D 87 -24.17 -36.15 16.37
N CYS D 88 -24.06 -35.30 15.35
CA CYS D 88 -22.92 -34.38 15.13
C CYS D 88 -23.50 -32.96 15.07
N GLN D 89 -23.43 -32.15 16.12
CA GLN D 89 -24.05 -30.80 16.03
C GLN D 89 -22.95 -29.77 15.78
N GLN D 90 -23.33 -28.57 15.39
CA GLN D 90 -22.42 -27.44 15.07
C GLN D 90 -22.86 -26.22 15.89
N PHE D 91 -21.94 -25.51 16.54
CA PHE D 91 -22.27 -24.30 17.33
C PHE D 91 -21.42 -23.13 16.87
N ASN D 92 -21.27 -23.01 15.56
CA ASN D 92 -20.55 -21.91 14.86
C ASN D 92 -21.37 -20.62 14.91
N THR D 93 -22.69 -20.74 14.71
CA THR D 93 -23.67 -19.63 14.69
C THR D 93 -24.65 -19.86 15.85
N TYR D 94 -25.15 -18.78 16.44
CA TYR D 94 -26.05 -18.81 17.62
C TYR D 94 -27.19 -19.78 17.34
N SER D 95 -27.37 -20.12 16.07
CA SER D 95 -28.50 -21.01 15.66
C SER D 95 -27.95 -22.37 15.21
N TRP D 96 -28.00 -23.40 16.07
CA TRP D 96 -27.44 -24.75 15.86
C TRP D 96 -28.19 -25.57 14.82
N THR D 97 -27.55 -26.63 14.34
CA THR D 97 -28.14 -27.63 13.41
C THR D 97 -27.50 -28.99 13.73
N PHE D 98 -28.20 -30.07 13.37
CA PHE D 98 -27.93 -31.48 13.64
C PHE D 98 -27.78 -32.23 12.33
N GLY D 99 -27.65 -33.56 12.44
CA GLY D 99 -27.62 -34.44 11.30
C GLY D 99 -28.89 -35.26 11.17
N GLN D 100 -28.71 -36.52 10.78
CA GLN D 100 -29.84 -37.44 10.63
C GLN D 100 -29.89 -38.49 11.74
N GLY D 101 -28.80 -39.22 11.92
CA GLY D 101 -28.74 -40.28 12.90
C GLY D 101 -28.11 -41.54 12.31
N THR D 102 -27.57 -42.49 13.12
CA THR D 102 -26.85 -43.71 12.69
C THR D 102 -27.10 -44.85 13.67
N ARG D 103 -27.84 -45.91 13.29
CA ARG D 103 -28.17 -47.05 14.18
C ARG D 103 -27.03 -48.09 14.17
N VAL D 104 -25.98 -47.83 14.94
CA VAL D 104 -24.76 -48.66 15.05
C VAL D 104 -25.07 -50.15 15.21
N GLU D 105 -26.01 -50.52 16.08
CA GLU D 105 -26.39 -51.94 16.37
C GLU D 105 -25.13 -52.72 16.77
N VAL E 2 -50.90 2.18 -18.05
CA VAL E 2 -51.11 1.54 -16.75
C VAL E 2 -52.13 0.42 -16.91
N GLN E 3 -52.08 -0.27 -18.04
CA GLN E 3 -53.05 -1.32 -18.34
C GLN E 3 -52.46 -2.23 -19.41
N LEU E 4 -52.20 -3.49 -19.07
CA LEU E 4 -51.60 -4.45 -19.97
C LEU E 4 -52.63 -5.49 -20.38
N LEU E 5 -52.77 -5.70 -21.69
CA LEU E 5 -53.75 -6.62 -22.25
C LEU E 5 -53.04 -7.76 -22.94
N GLU E 6 -53.45 -8.99 -22.62
CA GLU E 6 -52.88 -10.18 -23.23
C GLU E 6 -53.83 -10.73 -24.29
N SER E 7 -53.27 -11.52 -25.20
CA SER E 7 -54.06 -12.10 -26.29
C SER E 7 -53.35 -13.35 -26.78
N GLY E 8 -54.06 -14.14 -27.57
CA GLY E 8 -53.53 -15.36 -28.12
C GLY E 8 -53.59 -16.49 -27.11
N GLY E 9 -53.36 -17.70 -27.61
CA GLY E 9 -53.31 -18.87 -26.76
C GLY E 9 -54.61 -19.64 -26.73
N GLY E 10 -54.51 -20.97 -26.78
CA GLY E 10 -55.68 -21.81 -26.78
C GLY E 10 -55.29 -23.27 -26.83
N LEU E 11 -56.24 -24.11 -27.20
CA LEU E 11 -55.98 -25.54 -27.27
C LEU E 11 -55.12 -25.86 -28.48
N VAL E 12 -54.07 -26.64 -28.28
CA VAL E 12 -53.18 -27.05 -29.35
C VAL E 12 -52.60 -28.42 -28.98
N ARG E 13 -52.58 -29.33 -29.96
CA ARG E 13 -52.04 -30.65 -29.72
C ARG E 13 -50.52 -30.58 -29.60
N PRO E 14 -49.90 -31.61 -29.02
CA PRO E 14 -48.47 -31.53 -28.73
C PRO E 14 -47.64 -31.25 -29.97
N GLY E 15 -46.58 -30.47 -29.78
CA GLY E 15 -45.64 -30.16 -30.85
C GLY E 15 -45.92 -28.89 -31.61
N GLY E 16 -47.03 -28.21 -31.33
CA GLY E 16 -47.41 -27.05 -32.09
C GLY E 16 -46.58 -25.83 -31.76
N SER E 17 -46.91 -24.72 -32.43
CA SER E 17 -46.27 -23.43 -32.22
C SER E 17 -47.35 -22.39 -31.95
N LEU E 18 -47.10 -21.53 -30.97
CA LEU E 18 -48.05 -20.49 -30.57
C LEU E 18 -47.33 -19.17 -30.39
N ARG E 19 -48.07 -18.08 -30.50
CA ARG E 19 -47.52 -16.73 -30.41
C ARG E 19 -48.53 -15.85 -29.69
N LEU E 20 -48.23 -15.49 -28.45
CA LEU E 20 -49.09 -14.65 -27.63
C LEU E 20 -48.57 -13.21 -27.61
N SER E 21 -49.48 -12.28 -27.34
CA SER E 21 -49.15 -10.86 -27.31
C SER E 21 -49.72 -10.15 -26.10
N CYS E 22 -48.88 -9.38 -25.41
CA CYS E 22 -49.29 -8.50 -24.32
C CYS E 22 -49.08 -7.06 -24.78
N ALA E 23 -50.17 -6.40 -25.18
CA ALA E 23 -50.12 -4.99 -25.51
C ALA E 23 -50.04 -4.15 -24.24
N ALA E 24 -49.51 -2.95 -24.39
CA ALA E 24 -49.32 -2.04 -23.26
C ALA E 24 -49.78 -0.64 -23.64
N SER E 25 -50.14 0.14 -22.63
CA SER E 25 -50.58 1.51 -22.86
C SER E 25 -50.68 2.22 -21.53
N GLY E 26 -50.38 3.52 -21.55
CA GLY E 26 -50.58 4.39 -20.41
C GLY E 26 -49.33 4.74 -19.63
N PHE E 27 -48.19 4.14 -19.94
CA PHE E 27 -46.96 4.44 -19.21
C PHE E 27 -45.77 4.21 -20.13
N THR E 28 -44.64 4.81 -19.75
CA THR E 28 -43.43 4.62 -20.52
C THR E 28 -43.04 3.16 -20.58
N PHE E 29 -42.69 2.68 -21.78
CA PHE E 29 -42.41 1.27 -22.01
C PHE E 29 -40.94 0.98 -22.26
N SER E 30 -40.15 1.99 -22.64
CA SER E 30 -38.75 1.79 -22.99
C SER E 30 -37.81 1.95 -21.80
N LYS E 31 -38.35 1.97 -20.57
CA LYS E 31 -37.55 2.13 -19.37
C LYS E 31 -37.82 1.03 -18.35
N TYR E 32 -38.23 -0.15 -18.79
CA TYR E 32 -38.61 -1.21 -17.87
C TYR E 32 -38.33 -2.57 -18.49
N VAL E 33 -38.22 -3.57 -17.62
CA VAL E 33 -37.91 -4.94 -18.00
C VAL E 33 -39.15 -5.79 -17.80
N MET E 34 -39.45 -6.66 -18.76
CA MET E 34 -40.66 -7.46 -18.74
C MET E 34 -40.32 -8.94 -18.74
N ALA E 35 -41.08 -9.71 -17.98
CA ALA E 35 -40.87 -11.14 -17.82
C ALA E 35 -42.22 -11.84 -17.78
N TRP E 36 -42.22 -13.12 -18.12
CA TRP E 36 -43.43 -13.93 -18.15
C TRP E 36 -43.41 -14.91 -16.99
N VAL E 37 -44.56 -15.08 -16.35
CA VAL E 37 -44.73 -15.96 -15.19
C VAL E 37 -45.87 -16.92 -15.40
N ARG E 38 -45.62 -18.20 -15.10
CA ARG E 38 -46.61 -19.26 -15.25
C ARG E 38 -47.19 -19.91 -14.03
N GLN E 39 -48.45 -20.28 -14.10
CA GLN E 39 -49.16 -20.93 -13.01
C GLN E 39 -50.08 -22.06 -13.45
N ALA E 40 -49.67 -23.30 -13.20
CA ALA E 40 -50.45 -24.45 -13.60
C ALA E 40 -51.68 -24.52 -12.71
N PRO E 41 -52.78 -25.08 -13.20
CA PRO E 41 -54.00 -25.18 -12.37
C PRO E 41 -53.72 -25.90 -11.07
N GLY E 42 -54.13 -25.30 -9.96
CA GLY E 42 -53.91 -25.87 -8.65
C GLY E 42 -52.44 -26.08 -8.34
N LYS E 43 -51.61 -25.07 -8.61
CA LYS E 43 -50.18 -25.17 -8.38
C LYS E 43 -49.63 -23.80 -8.07
N GLY E 44 -48.33 -23.77 -7.73
CA GLY E 44 -47.68 -22.53 -7.40
C GLY E 44 -47.11 -21.82 -8.61
N LEU E 45 -46.92 -20.51 -8.46
CA LEU E 45 -46.43 -19.70 -9.56
C LEU E 45 -44.97 -20.01 -9.85
N GLU E 46 -44.56 -19.75 -11.08
CA GLU E 46 -43.23 -20.13 -11.55
C GLU E 46 -42.77 -19.14 -12.61
N TRP E 47 -41.45 -18.98 -12.71
CA TRP E 47 -40.87 -18.08 -13.70
C TRP E 47 -40.73 -18.78 -15.04
N VAL E 48 -40.76 -17.99 -16.12
CA VAL E 48 -40.68 -18.51 -17.48
C VAL E 48 -39.48 -17.93 -18.20
N SER E 49 -39.44 -16.61 -18.36
CA SER E 49 -38.35 -15.96 -19.08
C SER E 49 -38.39 -14.47 -18.78
N SER E 50 -37.41 -13.76 -19.30
CA SER E 50 -37.31 -12.32 -19.10
C SER E 50 -36.54 -11.70 -20.26
N ILE E 51 -36.95 -10.49 -20.64
CA ILE E 51 -36.34 -9.74 -21.74
C ILE E 51 -36.09 -8.32 -21.27
N THR E 52 -34.88 -7.83 -21.53
CA THR E 52 -34.48 -6.49 -21.12
C THR E 52 -34.73 -5.50 -22.25
N SER E 53 -34.74 -4.21 -21.88
CA SER E 53 -34.85 -3.15 -22.86
C SER E 53 -33.54 -3.05 -23.62
N GLY E 54 -33.42 -3.78 -24.73
CA GLY E 54 -32.14 -4.05 -25.41
C GLY E 54 -31.99 -5.50 -25.82
N GLU E 55 -32.97 -6.37 -25.50
CA GLU E 55 -33.09 -7.78 -25.91
C GLU E 55 -31.92 -8.64 -25.43
N ARG E 56 -31.49 -8.48 -24.18
CA ARG E 56 -30.38 -9.29 -23.62
C ARG E 56 -30.75 -10.78 -23.66
N THR E 57 -31.98 -11.13 -23.25
CA THR E 57 -32.64 -12.48 -23.26
C THR E 57 -32.14 -13.46 -22.18
N PHE E 58 -33.00 -13.90 -21.23
CA PHE E 58 -32.68 -14.89 -20.17
C PHE E 58 -33.77 -15.95 -20.18
N TYR E 59 -33.47 -17.18 -19.77
CA TYR E 59 -34.44 -18.31 -19.81
C TYR E 59 -34.33 -19.22 -18.58
N ALA E 60 -35.40 -19.98 -18.32
CA ALA E 60 -35.51 -20.97 -17.24
C ALA E 60 -35.14 -22.34 -17.80
N ASP E 61 -34.76 -23.27 -16.94
CA ASP E 61 -34.30 -24.60 -17.35
C ASP E 61 -35.41 -25.38 -18.06
N SER E 62 -36.63 -25.33 -17.53
CA SER E 62 -37.68 -26.20 -18.05
C SER E 62 -38.00 -25.89 -19.51
N VAL E 63 -37.85 -24.63 -19.94
CA VAL E 63 -38.27 -24.20 -21.25
C VAL E 63 -37.12 -23.65 -22.08
N LYS E 64 -35.89 -23.79 -21.61
CA LYS E 64 -34.75 -23.26 -22.36
C LYS E 64 -34.58 -24.01 -23.67
N GLY E 65 -34.19 -23.29 -24.71
CA GLY E 65 -33.92 -23.88 -26.00
C GLY E 65 -35.14 -24.14 -26.86
N ARG E 66 -36.34 -23.77 -26.40
CA ARG E 66 -37.55 -23.94 -27.16
C ARG E 66 -38.35 -22.67 -27.36
N PHE E 67 -38.23 -21.70 -26.46
CA PHE E 67 -39.01 -20.47 -26.52
C PHE E 67 -38.19 -19.36 -27.16
N THR E 68 -38.87 -18.27 -27.51
CA THR E 68 -38.23 -17.11 -28.13
C THR E 68 -39.07 -15.88 -27.82
N VAL E 69 -38.63 -15.08 -26.85
CA VAL E 69 -39.34 -13.87 -26.47
C VAL E 69 -38.72 -12.73 -27.27
N SER E 70 -39.57 -11.83 -27.77
CA SER E 70 -39.15 -10.67 -28.51
C SER E 70 -40.13 -9.55 -28.21
N ARG E 71 -39.71 -8.31 -28.47
CA ARG E 71 -40.53 -7.15 -28.15
C ARG E 71 -40.24 -6.05 -29.16
N ASP E 72 -41.16 -5.10 -29.22
CA ASP E 72 -41.04 -3.94 -30.11
C ASP E 72 -41.25 -2.68 -29.30
N ASN E 73 -40.28 -1.77 -29.35
CA ASN E 73 -40.36 -0.54 -28.56
C ASN E 73 -41.37 0.44 -29.18
N SER E 74 -41.33 0.60 -30.50
CA SER E 74 -42.15 1.63 -31.13
C SER E 74 -43.64 1.34 -30.96
N LYS E 75 -44.06 0.09 -31.13
CA LYS E 75 -45.47 -0.26 -31.12
C LYS E 75 -46.01 -0.57 -29.72
N TYR E 76 -45.16 -0.61 -28.70
CA TYR E 76 -45.59 -0.91 -27.33
C TYR E 76 -46.26 -2.27 -27.27
N THR E 77 -45.54 -3.29 -27.74
CA THR E 77 -46.05 -4.65 -27.76
C THR E 77 -44.96 -5.61 -27.32
N LEU E 78 -45.38 -6.74 -26.75
CA LEU E 78 -44.48 -7.78 -26.29
C LEU E 78 -45.04 -9.13 -26.71
N ASP E 79 -44.16 -10.04 -27.12
CA ASP E 79 -44.59 -11.30 -27.68
C ASP E 79 -43.73 -12.45 -27.15
N LEU E 80 -44.28 -13.65 -27.20
CA LEU E 80 -43.57 -14.87 -26.83
C LEU E 80 -43.86 -15.92 -27.89
N GLU E 81 -42.82 -16.62 -28.33
CA GLU E 81 -42.93 -17.68 -29.32
C GLU E 81 -42.47 -18.98 -28.70
N MET E 82 -43.27 -20.04 -28.86
CA MET E 82 -42.96 -21.35 -28.33
C MET E 82 -43.06 -22.38 -29.44
N SER E 83 -42.23 -23.44 -29.33
CA SER E 83 -42.22 -24.51 -30.30
C SER E 83 -41.88 -25.80 -29.59
N ARG E 84 -42.25 -26.92 -30.22
CA ARG E 84 -42.02 -28.25 -29.66
C ARG E 84 -42.59 -28.34 -28.25
N LEU E 85 -43.89 -28.07 -28.15
CA LEU E 85 -44.56 -28.05 -26.86
C LEU E 85 -44.63 -29.45 -26.25
N ARG E 86 -44.84 -29.49 -24.94
CA ARG E 86 -44.99 -30.74 -24.22
C ARG E 86 -46.26 -30.72 -23.39
N ALA E 87 -46.46 -31.74 -22.55
CA ALA E 87 -47.69 -31.87 -21.79
C ALA E 87 -47.68 -31.13 -20.47
N GLU E 88 -46.52 -30.64 -20.03
CA GLU E 88 -46.41 -29.97 -18.75
C GLU E 88 -46.45 -28.45 -18.86
N ASP E 89 -46.79 -27.92 -20.04
CA ASP E 89 -46.84 -26.48 -20.27
C ASP E 89 -48.28 -26.00 -20.42
N THR E 90 -49.19 -26.57 -19.62
CA THR E 90 -50.60 -26.19 -19.61
C THR E 90 -50.82 -25.34 -18.36
N ALA E 91 -51.01 -24.04 -18.55
CA ALA E 91 -51.09 -23.12 -17.44
C ALA E 91 -51.53 -21.76 -17.95
N VAL E 92 -51.74 -20.83 -17.03
CA VAL E 92 -52.10 -19.46 -17.34
C VAL E 92 -50.82 -18.62 -17.34
N TYR E 93 -50.60 -17.87 -18.40
CA TYR E 93 -49.39 -17.10 -18.60
C TYR E 93 -49.66 -15.62 -18.37
N TYR E 94 -48.75 -14.95 -17.67
CA TYR E 94 -48.91 -13.56 -17.29
C TYR E 94 -47.77 -12.72 -17.84
N CYS E 95 -48.08 -11.47 -18.14
CA CYS E 95 -47.10 -10.48 -18.58
C CYS E 95 -46.99 -9.40 -17.51
N ALA E 96 -45.77 -9.18 -17.01
CA ALA E 96 -45.54 -8.35 -15.84
C ALA E 96 -44.39 -7.38 -16.10
N LYS E 97 -44.17 -6.50 -15.13
CA LYS E 97 -43.13 -5.48 -15.20
C LYS E 97 -42.23 -5.62 -13.99
N MET E 98 -40.92 -5.61 -14.22
CA MET E 98 -39.94 -5.74 -13.15
C MET E 98 -39.65 -4.36 -12.57
N PHE E 99 -39.61 -4.30 -11.24
CA PHE E 99 -39.35 -3.03 -10.56
C PHE E 99 -37.92 -2.58 -10.79
N LYS E 100 -37.73 -1.26 -10.86
CA LYS E 100 -36.39 -0.71 -10.90
C LYS E 100 -35.75 -0.82 -9.53
N TRP E 101 -34.45 -1.08 -9.51
CA TRP E 101 -33.72 -1.28 -8.25
C TRP E 101 -33.38 0.07 -7.62
N ASP E 102 -34.44 0.81 -7.26
CA ASP E 102 -34.29 2.09 -6.61
C ASP E 102 -35.58 2.39 -5.85
N TYR E 103 -35.49 3.35 -4.93
CA TYR E 103 -36.61 3.70 -4.05
C TYR E 103 -37.40 4.90 -4.57
N ASP E 104 -37.31 5.20 -5.86
CA ASP E 104 -37.99 6.37 -6.41
C ASP E 104 -39.48 6.34 -6.12
N THR E 105 -40.14 7.49 -6.24
CA THR E 105 -41.55 7.62 -5.94
C THR E 105 -42.44 7.49 -7.17
N SER E 106 -41.86 7.17 -8.34
CA SER E 106 -42.62 7.08 -9.58
C SER E 106 -42.78 5.63 -10.07
N ASP E 107 -42.50 4.64 -9.23
CA ASP E 107 -42.64 3.24 -9.61
C ASP E 107 -43.99 2.72 -9.13
N PHE E 108 -44.68 1.99 -10.01
CA PHE E 108 -46.05 1.54 -9.73
C PHE E 108 -46.17 0.02 -9.69
N GLY E 109 -45.73 -0.69 -10.71
CA GLY E 109 -45.95 -2.12 -10.79
C GLY E 109 -47.32 -2.44 -11.33
N VAL E 110 -47.41 -3.37 -12.29
CA VAL E 110 -48.68 -3.72 -12.93
C VAL E 110 -48.61 -5.17 -13.38
N TRP E 111 -49.78 -5.78 -13.50
CA TRP E 111 -49.92 -7.15 -13.98
C TRP E 111 -51.05 -7.22 -15.00
N GLY E 112 -50.95 -8.20 -15.91
CA GLY E 112 -51.96 -8.42 -16.91
C GLY E 112 -52.96 -9.49 -16.51
N GLN E 113 -53.95 -9.69 -17.39
CA GLN E 113 -54.98 -10.69 -17.15
C GLN E 113 -54.57 -12.07 -17.61
N GLY E 114 -53.59 -12.18 -18.48
CA GLY E 114 -53.06 -13.47 -18.89
C GLY E 114 -53.93 -14.19 -19.89
N THR E 115 -53.44 -15.35 -20.31
CA THR E 115 -54.09 -16.19 -21.31
C THR E 115 -54.14 -17.62 -20.81
N LEU E 116 -55.23 -18.32 -21.16
CA LEU E 116 -55.46 -19.66 -20.60
C LEU E 116 -54.48 -20.68 -21.16
N VAL E 117 -54.30 -20.70 -22.47
CA VAL E 117 -53.43 -21.69 -23.13
C VAL E 117 -53.70 -23.10 -22.60
N PHE F 2 -30.28 -19.25 -5.12
CA PHE F 2 -31.28 -18.49 -4.38
C PHE F 2 -32.56 -19.29 -4.21
N GLN F 3 -32.72 -19.92 -3.06
CA GLN F 3 -33.92 -20.67 -2.73
C GLN F 3 -34.67 -19.93 -1.63
N MET F 4 -35.98 -19.76 -1.81
CA MET F 4 -36.81 -19.03 -0.86
C MET F 4 -37.86 -19.97 -0.30
N THR F 5 -37.95 -20.01 1.03
CA THR F 5 -38.88 -20.90 1.72
C THR F 5 -39.66 -20.07 2.74
N GLN F 6 -40.91 -20.46 3.00
CA GLN F 6 -41.76 -19.73 3.91
C GLN F 6 -42.63 -20.67 4.72
N SER F 7 -42.75 -20.39 6.02
CA SER F 7 -43.69 -21.03 6.90
C SER F 7 -44.41 -19.98 7.72
N PRO F 8 -45.62 -20.26 8.22
CA PRO F 8 -46.36 -21.53 8.18
C PRO F 8 -47.00 -21.82 6.83
N SER F 9 -47.06 -23.09 6.44
CA SER F 9 -47.71 -23.45 5.18
C SER F 9 -49.22 -23.32 5.30
N THR F 10 -49.80 -23.83 6.38
CA THR F 10 -51.23 -23.76 6.62
C THR F 10 -51.47 -22.94 7.88
N LEU F 11 -52.60 -22.24 7.92
CA LEU F 11 -52.91 -21.36 9.04
C LEU F 11 -54.41 -21.31 9.26
N SER F 12 -54.81 -21.26 10.52
CA SER F 12 -56.21 -21.18 10.92
C SER F 12 -56.37 -20.01 11.88
N ALA F 13 -57.27 -19.09 11.58
CA ALA F 13 -57.42 -17.89 12.37
C ALA F 13 -58.88 -17.47 12.37
N SER F 14 -59.25 -16.67 13.37
CA SER F 14 -60.58 -16.11 13.49
C SER F 14 -60.54 -14.62 13.19
N VAL F 15 -61.72 -14.04 13.01
CA VAL F 15 -61.81 -12.63 12.64
C VAL F 15 -61.23 -11.74 13.74
N GLY F 16 -60.58 -10.65 13.32
CA GLY F 16 -60.10 -9.64 14.23
C GLY F 16 -58.74 -9.90 14.83
N ASP F 17 -58.23 -11.13 14.72
CA ASP F 17 -56.96 -11.48 15.35
C ASP F 17 -55.80 -10.92 14.51
N ARG F 18 -54.58 -11.26 14.90
CA ARG F 18 -53.37 -10.85 14.20
C ARG F 18 -52.67 -12.08 13.67
N VAL F 19 -52.06 -11.95 12.51
CA VAL F 19 -51.38 -13.06 11.83
C VAL F 19 -50.04 -12.57 11.32
N THR F 20 -49.04 -13.45 11.36
CA THR F 20 -47.69 -13.14 10.89
C THR F 20 -47.20 -14.25 9.99
N ILE F 21 -46.72 -13.88 8.80
CA ILE F 21 -46.22 -14.82 7.80
C ILE F 21 -44.80 -14.43 7.47
N THR F 22 -43.89 -15.39 7.50
CA THR F 22 -42.46 -15.13 7.36
C THR F 22 -41.88 -15.91 6.19
N CYS F 23 -41.14 -15.22 5.33
CA CYS F 23 -40.36 -15.82 4.27
C CYS F 23 -38.87 -15.71 4.58
N ARG F 24 -38.12 -16.77 4.28
CA ARG F 24 -36.69 -16.83 4.53
C ARG F 24 -35.97 -17.16 3.23
N ALA F 25 -34.83 -16.51 3.03
CA ALA F 25 -34.03 -16.67 1.83
C ALA F 25 -32.73 -17.39 2.16
N SER F 26 -32.33 -18.31 1.29
CA SER F 26 -31.11 -19.07 1.52
C SER F 26 -29.91 -18.15 1.62
N GLN F 27 -29.80 -17.20 0.70
CA GLN F 27 -28.74 -16.21 0.68
C GLN F 27 -29.33 -14.83 0.92
N SER F 28 -28.47 -13.82 0.88
CA SER F 28 -28.91 -12.45 1.11
C SER F 28 -29.60 -11.93 -0.14
N VAL F 29 -30.82 -11.44 0.01
CA VAL F 29 -31.62 -10.95 -1.09
C VAL F 29 -31.93 -9.46 -0.97
N GLY F 30 -31.41 -8.78 0.03
CA GLY F 30 -31.58 -7.35 0.11
C GLY F 30 -33.02 -6.95 0.44
N ASN F 31 -33.31 -5.70 0.15
CA ASN F 31 -34.64 -5.13 0.34
C ASN F 31 -35.59 -5.47 -0.79
N TRP F 32 -35.18 -6.31 -1.73
CA TRP F 32 -35.97 -6.61 -2.91
C TRP F 32 -36.89 -7.78 -2.60
N LEU F 33 -38.18 -7.48 -2.41
CA LEU F 33 -39.17 -8.50 -2.09
C LEU F 33 -40.55 -7.88 -2.29
N THR F 34 -41.49 -8.69 -2.77
CA THR F 34 -42.85 -8.25 -3.02
C THR F 34 -43.83 -9.28 -2.46
N TRP F 35 -44.99 -8.78 -2.04
CA TRP F 35 -46.03 -9.63 -1.46
C TRP F 35 -47.27 -9.58 -2.36
N TYR F 36 -47.77 -10.75 -2.73
CA TYR F 36 -48.89 -10.90 -3.65
C TYR F 36 -50.08 -11.51 -2.93
N GLN F 37 -51.28 -11.16 -3.38
CA GLN F 37 -52.51 -11.81 -2.97
C GLN F 37 -53.12 -12.50 -4.17
N HIS F 38 -53.43 -13.78 -4.02
CA HIS F 38 -53.90 -14.62 -5.12
C HIS F 38 -55.18 -15.35 -4.69
N LYS F 39 -56.32 -14.73 -4.95
CA LYS F 39 -57.58 -15.42 -4.72
C LYS F 39 -57.83 -16.41 -5.85
N PRO F 40 -58.58 -17.49 -5.59
CA PRO F 40 -58.86 -18.44 -6.67
C PRO F 40 -59.65 -17.78 -7.79
N GLY F 41 -59.24 -18.05 -9.03
CA GLY F 41 -59.89 -17.48 -10.18
C GLY F 41 -59.75 -15.98 -10.33
N LYS F 42 -58.58 -15.42 -10.00
CA LYS F 42 -58.33 -14.00 -10.16
C LYS F 42 -56.87 -13.78 -10.51
N ALA F 43 -56.55 -12.54 -10.91
CA ALA F 43 -55.19 -12.15 -11.25
C ALA F 43 -54.47 -11.64 -9.99
N PRO F 44 -53.30 -12.16 -9.66
CA PRO F 44 -52.64 -11.74 -8.41
C PRO F 44 -52.40 -10.24 -8.36
N LYS F 45 -52.54 -9.69 -7.15
CA LYS F 45 -52.36 -8.27 -6.89
C LYS F 45 -50.99 -8.05 -6.23
N ILE F 46 -50.75 -6.82 -5.81
CA ILE F 46 -49.50 -6.44 -5.15
C ILE F 46 -49.83 -5.65 -3.89
N LEU F 47 -49.29 -6.09 -2.75
CA LEU F 47 -49.55 -5.46 -1.47
C LEU F 47 -48.40 -4.55 -1.03
N ILE F 48 -47.20 -5.11 -0.86
CA ILE F 48 -46.01 -4.37 -0.48
C ILE F 48 -44.91 -4.77 -1.45
N TYR F 49 -44.40 -3.81 -2.23
CA TYR F 49 -43.58 -4.15 -3.38
C TYR F 49 -42.10 -3.87 -3.18
N LYS F 50 -41.67 -3.44 -1.99
CA LYS F 50 -40.25 -3.45 -1.67
C LYS F 50 -40.00 -3.85 -0.23
N ALA F 51 -40.92 -4.64 0.35
CA ALA F 51 -40.93 -5.16 1.71
C ALA F 51 -41.39 -4.11 2.72
N SER F 52 -41.58 -2.85 2.33
CA SER F 52 -42.15 -1.86 3.24
C SER F 52 -43.17 -0.93 2.60
N THR F 53 -43.15 -0.73 1.28
CA THR F 53 -43.94 0.33 0.64
C THR F 53 -45.31 -0.18 0.26
N LEU F 54 -46.34 0.63 0.51
CA LEU F 54 -47.71 0.19 0.35
C LEU F 54 -48.23 0.53 -1.03
N GLN F 55 -48.84 -0.47 -1.68
CA GLN F 55 -49.42 -0.26 -3.01
C GLN F 55 -50.63 0.67 -2.93
N SER F 56 -50.71 1.59 -3.88
CA SER F 56 -51.80 2.55 -3.89
C SER F 56 -53.14 1.84 -3.89
N GLY F 57 -53.99 2.18 -2.92
CA GLY F 57 -55.33 1.63 -2.84
C GLY F 57 -55.46 0.41 -1.95
N VAL F 58 -54.36 -0.19 -1.53
CA VAL F 58 -54.44 -1.34 -0.61
C VAL F 58 -54.80 -0.83 0.77
N PRO F 59 -55.64 -1.53 1.54
CA PRO F 59 -56.05 -1.02 2.85
C PRO F 59 -54.87 -0.94 3.83
N SER F 60 -55.02 -0.04 4.79
CA SER F 60 -53.95 0.23 5.74
C SER F 60 -53.66 -0.94 6.67
N ARG F 61 -54.55 -1.94 6.71
CA ARG F 61 -54.35 -3.05 7.64
C ARG F 61 -53.06 -3.81 7.33
N PHE F 62 -52.56 -3.72 6.10
CA PHE F 62 -51.38 -4.46 5.68
C PHE F 62 -50.13 -3.62 5.89
N SER F 63 -49.09 -4.25 6.45
CA SER F 63 -47.79 -3.61 6.59
C SER F 63 -46.76 -4.70 6.86
N GLY F 64 -45.58 -4.53 6.28
CA GLY F 64 -44.54 -5.54 6.39
C GLY F 64 -43.19 -4.88 6.62
N SER F 65 -42.30 -5.64 7.25
CA SER F 65 -40.98 -5.14 7.60
C SER F 65 -39.99 -6.29 7.59
N GLY F 66 -38.72 -5.94 7.44
CA GLY F 66 -37.66 -6.92 7.40
C GLY F 66 -36.57 -6.56 6.41
N SER F 67 -35.49 -7.34 6.39
CA SER F 67 -34.39 -7.11 5.46
C SER F 67 -33.40 -8.25 5.63
N GLY F 68 -32.52 -8.39 4.63
CA GLY F 68 -31.48 -9.39 4.70
C GLY F 68 -31.96 -10.76 4.26
N THR F 69 -32.20 -11.64 5.23
CA THR F 69 -32.65 -13.00 4.96
C THR F 69 -33.99 -13.33 5.60
N GLU F 70 -34.38 -12.64 6.65
CA GLU F 70 -35.66 -12.87 7.33
C GLU F 70 -36.59 -11.71 7.05
N PHE F 71 -37.78 -12.01 6.54
CA PHE F 71 -38.82 -11.03 6.28
C PHE F 71 -40.11 -11.52 6.92
N THR F 72 -41.01 -10.57 7.21
CA THR F 72 -42.26 -10.91 7.87
C THR F 72 -43.33 -9.92 7.46
N LEU F 73 -44.55 -10.42 7.30
CA LEU F 73 -45.72 -9.62 6.97
C LEU F 73 -46.79 -9.88 8.01
N THR F 74 -47.54 -8.83 8.36
CA THR F 74 -48.56 -8.96 9.40
C THR F 74 -49.72 -8.02 9.08
N ILE F 75 -50.90 -8.40 9.55
CA ILE F 75 -52.13 -7.62 9.39
C ILE F 75 -52.71 -7.35 10.76
N SER F 76 -53.05 -6.09 11.02
CA SER F 76 -53.59 -5.73 12.33
C SER F 76 -54.88 -6.49 12.63
N SER F 77 -55.92 -6.27 11.82
CA SER F 77 -57.24 -6.86 12.05
C SER F 77 -57.62 -7.59 10.78
N LEU F 78 -58.17 -8.82 10.92
CA LEU F 78 -58.59 -9.73 9.81
C LEU F 78 -59.95 -9.31 9.26
N GLN F 79 -60.42 -9.97 8.19
CA GLN F 79 -61.70 -9.67 7.52
C GLN F 79 -62.26 -10.91 6.84
N PRO F 80 -63.56 -10.94 6.45
CA PRO F 80 -64.10 -12.10 5.74
C PRO F 80 -63.43 -12.30 4.37
N ASP F 81 -63.08 -11.19 3.71
CA ASP F 81 -62.49 -11.15 2.34
C ASP F 81 -60.96 -11.31 2.33
N ASP F 82 -60.29 -11.48 3.46
CA ASP F 82 -58.81 -11.61 3.55
C ASP F 82 -58.33 -13.06 3.43
N PHE F 83 -59.19 -14.05 3.21
CA PHE F 83 -58.78 -15.47 3.06
C PHE F 83 -58.25 -15.67 1.64
N ALA F 84 -56.96 -16.04 1.45
CA ALA F 84 -56.29 -16.21 0.13
C ALA F 84 -54.88 -16.78 0.34
N THR F 85 -54.20 -17.16 -0.74
CA THR F 85 -52.81 -17.60 -0.71
C THR F 85 -51.90 -16.40 -0.93
N TYR F 86 -50.93 -16.23 -0.05
CA TYR F 86 -50.03 -15.08 -0.08
C TYR F 86 -48.64 -15.55 -0.47
N TYR F 87 -47.94 -14.75 -1.27
CA TYR F 87 -46.68 -15.15 -1.87
C TYR F 87 -45.58 -14.14 -1.56
N CYS F 88 -44.33 -14.60 -1.60
CA CYS F 88 -43.14 -13.76 -1.40
C CYS F 88 -42.29 -13.84 -2.67
N GLN F 89 -42.11 -12.78 -3.45
CA GLN F 89 -41.21 -12.98 -4.59
C GLN F 89 -39.92 -12.23 -4.32
N GLN F 90 -38.83 -12.70 -4.93
CA GLN F 90 -37.49 -12.11 -4.82
C GLN F 90 -37.02 -11.78 -6.23
N PHE F 91 -36.75 -10.51 -6.56
CA PHE F 91 -36.32 -10.11 -7.92
C PHE F 91 -34.88 -9.63 -7.92
N ASN F 92 -34.07 -10.12 -6.99
CA ASN F 92 -32.64 -9.78 -6.86
C ASN F 92 -31.98 -10.10 -8.20
N THR F 93 -31.93 -11.38 -8.58
CA THR F 93 -31.38 -11.87 -9.86
C THR F 93 -32.41 -11.63 -10.97
N TYR F 94 -32.00 -11.53 -12.22
CA TYR F 94 -32.94 -11.31 -13.36
C TYR F 94 -33.92 -12.46 -13.32
N SER F 95 -33.45 -13.65 -12.97
CA SER F 95 -34.31 -14.85 -12.88
C SER F 95 -35.10 -14.84 -11.56
N TRP F 96 -36.42 -14.65 -11.59
CA TRP F 96 -37.30 -14.58 -10.39
C TRP F 96 -37.45 -15.95 -9.75
N THR F 97 -37.82 -15.99 -8.47
CA THR F 97 -38.10 -17.23 -7.72
C THR F 97 -39.15 -16.92 -6.64
N PHE F 98 -40.20 -17.74 -6.50
CA PHE F 98 -41.28 -17.62 -5.53
C PHE F 98 -41.03 -18.54 -4.35
N GLY F 99 -41.89 -18.44 -3.34
CA GLY F 99 -41.89 -19.35 -2.23
C GLY F 99 -42.67 -20.60 -2.52
N GLN F 100 -43.51 -21.01 -1.56
CA GLN F 100 -44.46 -22.10 -1.76
C GLN F 100 -45.90 -21.62 -1.63
N GLY F 101 -46.21 -20.86 -0.59
CA GLY F 101 -47.55 -20.32 -0.40
C GLY F 101 -48.13 -20.66 0.95
N THR F 102 -49.12 -19.92 1.51
CA THR F 102 -49.71 -20.18 2.85
C THR F 102 -51.18 -19.75 2.90
N ARG F 103 -52.13 -20.68 2.87
CA ARG F 103 -53.58 -20.41 2.97
C ARG F 103 -53.83 -19.84 4.37
N VAL F 104 -54.65 -18.79 4.51
CA VAL F 104 -54.86 -18.12 5.82
C VAL F 104 -56.19 -18.49 6.50
N GLU F 105 -57.26 -18.79 5.77
CA GLU F 105 -58.61 -19.06 6.35
C GLU F 105 -58.94 -17.95 7.37
N GLN G 1 38.83 21.52 -26.62
CA GLN G 1 40.28 21.47 -26.65
C GLN G 1 40.83 20.87 -25.36
N ILE G 2 40.00 20.09 -24.67
CA ILE G 2 40.42 19.47 -23.43
C ILE G 2 41.52 18.45 -23.73
N ASP G 3 42.61 18.52 -22.96
CA ASP G 3 43.73 17.62 -23.11
C ASP G 3 43.67 16.55 -22.02
N ILE G 4 43.73 15.28 -22.43
CA ILE G 4 43.57 14.17 -21.51
C ILE G 4 44.89 13.46 -21.21
N THR G 5 45.95 13.75 -21.95
CA THR G 5 47.23 13.08 -21.70
C THR G 5 48.12 13.86 -20.74
N LYS G 6 48.17 15.19 -20.86
CA LYS G 6 49.05 15.98 -20.01
C LYS G 6 48.52 16.04 -18.58
N LEU G 7 47.20 16.08 -18.39
CA LEU G 7 46.65 16.29 -17.07
C LEU G 7 46.96 15.15 -16.11
N GLN G 8 47.39 14.00 -16.62
CA GLN G 8 47.67 12.87 -15.74
C GLN G 8 48.92 13.09 -14.91
N HIS G 9 49.83 13.97 -15.33
CA HIS G 9 50.97 14.32 -14.51
C HIS G 9 50.57 15.00 -13.22
N VAL G 10 49.33 15.49 -13.14
CA VAL G 10 48.85 16.22 -11.98
C VAL G 10 47.76 15.47 -11.23
N GLY G 11 47.32 14.32 -11.74
CA GLY G 11 46.35 13.49 -11.04
C GLY G 11 44.94 13.57 -11.56
N VAL G 12 44.67 14.44 -12.52
CA VAL G 12 43.33 14.61 -13.06
C VAL G 12 43.10 13.58 -14.15
N LEU G 13 42.00 12.84 -14.05
CA LEU G 13 41.65 11.79 -15.01
C LEU G 13 40.30 12.11 -15.63
N VAL G 14 40.25 12.11 -16.96
CA VAL G 14 39.03 12.43 -17.70
C VAL G 14 38.51 11.16 -18.35
N ASN G 15 37.21 10.91 -18.20
CA ASN G 15 36.59 9.68 -18.68
C ASN G 15 36.17 9.84 -20.14
N SER G 16 35.38 8.88 -20.65
CA SER G 16 35.01 8.84 -22.05
C SER G 16 33.96 9.90 -22.37
N PRO G 17 33.94 10.42 -23.60
CA PRO G 17 33.00 11.49 -23.94
C PRO G 17 31.58 10.97 -24.18
N LYS G 18 30.64 11.91 -24.17
CA LYS G 18 29.25 11.64 -24.53
C LYS G 18 28.63 12.91 -25.08
N GLY G 19 27.54 12.73 -25.84
CA GLY G 19 26.84 13.85 -26.44
C GLY G 19 25.73 14.42 -25.58
N MET G 20 25.03 15.41 -26.14
CA MET G 20 23.95 16.10 -25.44
C MET G 20 22.64 16.02 -26.20
N LYS G 21 21.54 15.90 -25.45
CA LYS G 21 20.19 15.93 -26.00
C LYS G 21 19.37 16.95 -25.21
N ILE G 22 18.62 17.78 -25.93
CA ILE G 22 17.80 18.82 -25.34
C ILE G 22 16.43 18.81 -25.99
N SER G 23 15.45 19.38 -25.28
CA SER G 23 14.05 19.38 -25.71
C SER G 23 13.64 20.82 -25.99
N GLN G 24 13.86 21.26 -27.24
CA GLN G 24 13.50 22.62 -27.63
C GLN G 24 12.00 22.78 -27.80
N ASN G 25 11.34 21.83 -28.46
CA ASN G 25 9.93 21.92 -28.80
C ASN G 25 9.12 20.92 -27.99
N PHE G 26 7.81 21.10 -28.02
CA PHE G 26 6.88 20.27 -27.25
C PHE G 26 5.66 19.96 -28.10
N GLU G 27 5.00 18.86 -27.76
CA GLU G 27 3.74 18.45 -28.38
C GLU G 27 2.67 18.41 -27.30
N THR G 28 1.55 19.08 -27.55
CA THR G 28 0.49 19.25 -26.57
C THR G 28 -0.63 18.26 -26.83
N ARG G 29 -1.03 17.55 -25.78
CA ARG G 29 -2.17 16.64 -25.85
C ARG G 29 -3.00 16.80 -24.58
N TYR G 30 -4.32 16.83 -24.75
CA TYR G 30 -5.24 17.00 -23.64
C TYR G 30 -5.82 15.65 -23.25
N LEU G 31 -5.92 15.41 -21.94
CA LEU G 31 -6.34 14.12 -21.42
C LEU G 31 -7.42 14.36 -20.38
N ILE G 32 -8.63 13.87 -20.68
CA ILE G 32 -9.80 14.08 -19.82
C ILE G 32 -10.02 12.82 -18.99
N LEU G 33 -10.16 13.01 -17.68
CA LEU G 33 -10.42 11.92 -16.73
C LEU G 33 -11.87 12.00 -16.28
N SER G 34 -12.69 11.08 -16.77
CA SER G 34 -14.08 10.98 -16.35
C SER G 34 -14.15 9.98 -15.19
N LEU G 35 -14.46 10.48 -14.00
CA LEU G 35 -14.35 9.67 -12.79
C LEU G 35 -15.56 8.81 -12.51
N ILE G 36 -16.68 9.02 -13.22
CA ILE G 36 -17.91 8.30 -12.97
C ILE G 36 -18.10 7.29 -14.09
N PRO G 37 -18.04 5.98 -13.82
CA PRO G 37 -18.26 5.00 -14.88
C PRO G 37 -19.72 4.96 -15.31
N LYS G 38 -19.97 4.25 -16.40
CA LYS G 38 -21.32 4.05 -16.92
C LYS G 38 -21.61 2.56 -16.99
N ILE G 39 -22.72 2.15 -16.39
CA ILE G 39 -23.21 0.78 -16.45
C ILE G 39 -24.39 0.76 -17.40
N GLU G 40 -24.37 -0.16 -18.35
CA GLU G 40 -25.31 -0.14 -19.47
C GLU G 40 -26.30 -1.28 -19.32
N ASP G 41 -27.60 -0.95 -19.37
CA ASP G 41 -28.66 -1.93 -19.35
C ASP G 41 -28.62 -2.81 -18.11
N SER G 42 -28.08 -2.28 -17.02
CA SER G 42 -27.98 -3.01 -15.76
C SER G 42 -29.17 -2.77 -14.83
N ASN G 43 -30.15 -1.98 -15.25
CA ASN G 43 -31.37 -1.76 -14.48
C ASN G 43 -31.07 -1.03 -13.17
N SER G 44 -30.02 -0.19 -13.18
CA SER G 44 -29.67 0.64 -12.04
C SER G 44 -29.18 -0.19 -10.86
N CYS G 45 -28.34 -1.19 -11.16
CA CYS G 45 -27.71 -1.97 -10.08
C CYS G 45 -26.57 -1.19 -9.44
N GLY G 46 -26.02 -0.21 -10.16
CA GLY G 46 -24.88 0.52 -9.64
C GLY G 46 -25.26 1.54 -8.58
N ASP G 47 -26.44 2.15 -8.72
CA ASP G 47 -26.83 3.23 -7.82
C ASP G 47 -26.81 2.76 -6.37
N GLN G 48 -26.78 3.73 -5.45
CA GLN G 48 -26.60 3.50 -4.02
C GLN G 48 -25.15 3.17 -3.72
N GLN G 49 -24.33 3.04 -4.76
CA GLN G 49 -22.88 2.95 -4.63
C GLN G 49 -22.17 4.08 -5.35
N ILE G 50 -22.66 4.46 -6.53
CA ILE G 50 -22.14 5.65 -7.19
C ILE G 50 -22.47 6.90 -6.39
N LYS G 51 -23.63 6.92 -5.74
CA LYS G 51 -23.99 8.08 -4.93
C LYS G 51 -23.05 8.21 -3.73
N GLN G 52 -22.71 7.10 -3.07
CA GLN G 52 -21.73 7.16 -2.00
C GLN G 52 -20.35 7.52 -2.55
N TYR G 53 -19.98 6.97 -3.69
CA TYR G 53 -18.68 7.25 -4.34
C TYR G 53 -18.58 8.75 -4.58
N LYS G 54 -19.68 9.39 -5.00
CA LYS G 54 -19.74 10.84 -5.31
C LYS G 54 -19.51 11.65 -4.03
N ARG G 55 -20.03 11.20 -2.89
CA ARG G 55 -19.85 11.88 -1.59
C ARG G 55 -18.37 11.84 -1.22
N LEU G 56 -17.68 10.73 -1.44
CA LEU G 56 -16.25 10.62 -1.19
C LEU G 56 -15.47 11.51 -2.14
N LEU G 57 -15.81 11.46 -3.43
CA LEU G 57 -15.12 12.30 -4.41
C LEU G 57 -15.37 13.77 -4.16
N ASP G 58 -16.43 14.12 -3.45
CA ASP G 58 -16.75 15.52 -3.19
C ASP G 58 -15.74 16.15 -2.25
N ARG G 59 -15.02 15.35 -1.45
CA ARG G 59 -13.98 15.86 -0.57
C ARG G 59 -12.73 16.27 -1.31
N LEU G 60 -12.46 15.67 -2.47
CA LEU G 60 -11.26 15.96 -3.24
C LEU G 60 -11.48 17.10 -4.23
N ILE G 61 -12.57 17.06 -4.97
CA ILE G 61 -12.74 17.98 -6.10
C ILE G 61 -12.99 19.40 -5.61
N ILE G 62 -13.87 19.57 -4.61
CA ILE G 62 -14.24 20.93 -4.19
C ILE G 62 -13.03 21.72 -3.73
N PRO G 63 -12.14 21.20 -2.88
CA PRO G 63 -10.92 21.96 -2.58
C PRO G 63 -10.11 22.27 -3.82
N LEU G 64 -10.04 21.33 -4.77
CA LEU G 64 -9.28 21.56 -5.99
C LEU G 64 -9.90 22.65 -6.84
N TYR G 65 -11.23 22.66 -6.95
CA TYR G 65 -11.89 23.71 -7.73
C TYR G 65 -11.66 25.07 -7.10
N ASP G 66 -11.69 25.15 -5.77
CA ASP G 66 -11.49 26.43 -5.10
C ASP G 66 -10.08 26.95 -5.34
N GLY G 67 -9.09 26.06 -5.35
CA GLY G 67 -7.73 26.50 -5.55
C GLY G 67 -7.52 27.13 -6.92
N LEU G 68 -8.20 26.61 -7.94
CA LEU G 68 -8.03 27.13 -9.28
C LEU G 68 -8.41 28.61 -9.36
N LYS G 69 -9.51 28.98 -8.70
CA LYS G 69 -10.03 30.33 -8.84
C LYS G 69 -9.23 31.35 -8.03
N LEU G 70 -8.45 30.90 -7.04
CA LEU G 70 -7.59 31.81 -6.30
C LEU G 70 -6.28 32.08 -7.01
N GLN G 71 -5.91 31.26 -7.99
CA GLN G 71 -4.67 31.49 -8.73
C GLN G 71 -4.75 32.81 -9.48
N LYS G 72 -3.68 33.59 -9.36
CA LYS G 72 -3.64 34.87 -10.05
C LYS G 72 -3.52 34.69 -11.54
N ASP G 73 -3.95 35.68 -12.30
CA ASP G 73 -3.88 35.62 -13.76
C ASP G 73 -2.73 36.49 -14.23
N VAL G 74 -1.66 35.86 -14.71
CA VAL G 74 -0.50 36.60 -15.18
C VAL G 74 -0.84 37.34 -16.47
N ILE G 75 -1.65 36.74 -17.32
CA ILE G 75 -1.90 37.23 -18.67
C ILE G 75 -3.40 37.20 -18.94
N VAL G 76 -3.91 38.27 -19.55
CA VAL G 76 -5.32 38.32 -19.94
C VAL G 76 -5.49 39.29 -21.10
N VAL G 96 -1.24 39.13 -31.27
CA VAL G 96 -1.40 39.49 -29.88
C VAL G 96 -1.85 38.28 -29.08
N ILE G 97 -1.13 37.97 -28.00
CA ILE G 97 -1.48 36.84 -27.15
C ILE G 97 -2.42 37.25 -26.03
N GLY G 98 -2.23 38.43 -25.45
CA GLY G 98 -3.11 38.89 -24.39
C GLY G 98 -2.73 40.25 -23.85
N THR G 99 -2.92 40.44 -22.55
CA THR G 99 -2.56 41.69 -21.87
C THR G 99 -1.73 41.34 -20.64
N ILE G 100 -0.85 42.27 -20.27
CA ILE G 100 0.18 41.97 -19.28
C ILE G 100 -0.41 41.71 -17.89
N ALA G 101 -1.61 42.19 -17.62
CA ALA G 101 -2.21 42.04 -16.28
C ALA G 101 -1.43 42.86 -15.27
N LEU G 102 -1.68 42.62 -13.98
CA LEU G 102 -1.05 43.37 -12.90
C LEU G 102 -0.23 42.43 -12.03
N GLY G 103 0.61 43.02 -11.19
CA GLY G 103 1.51 42.24 -10.36
C GLY G 103 2.85 42.01 -11.03
N VAL G 104 3.62 41.11 -10.43
CA VAL G 104 4.99 40.83 -10.85
C VAL G 104 5.08 39.38 -11.31
N ALA G 105 5.74 39.16 -12.44
CA ALA G 105 5.97 37.81 -12.96
C ALA G 105 7.27 37.82 -13.77
N THR G 106 8.04 36.74 -13.62
CA THR G 106 9.32 36.60 -14.29
C THR G 106 9.17 35.69 -15.52
N SER G 107 10.30 35.39 -16.17
CA SER G 107 10.26 34.65 -17.43
C SER G 107 9.65 33.26 -17.24
N ALA G 108 10.09 32.55 -16.20
CA ALA G 108 9.60 31.20 -15.98
C ALA G 108 8.11 31.24 -15.69
N GLN G 109 7.57 32.40 -15.33
CA GLN G 109 6.14 32.56 -15.12
C GLN G 109 5.39 32.82 -16.42
N ILE G 110 5.94 33.68 -17.29
CA ILE G 110 5.32 33.93 -18.58
C ILE G 110 5.31 32.71 -19.49
N THR G 111 6.35 31.89 -19.42
CA THR G 111 6.39 30.70 -20.27
C THR G 111 5.20 29.79 -19.98
N ALA G 112 4.77 29.71 -18.71
CA ALA G 112 3.57 28.96 -18.37
C ALA G 112 2.30 29.73 -18.72
N ALA G 113 2.33 31.05 -18.56
CA ALA G 113 1.17 31.86 -18.95
C ALA G 113 0.79 31.61 -20.40
N VAL G 114 1.80 31.50 -21.27
CA VAL G 114 1.53 31.23 -22.69
C VAL G 114 0.78 29.92 -22.84
N ALA G 115 1.18 28.89 -22.09
CA ALA G 115 0.49 27.61 -22.17
C ALA G 115 -0.94 27.72 -21.68
N LEU G 116 -1.17 28.48 -20.62
CA LEU G 116 -2.54 28.70 -20.16
C LEU G 116 -3.40 29.35 -21.25
N VAL G 117 -2.88 30.40 -21.90
CA VAL G 117 -3.66 31.04 -22.95
C VAL G 117 -3.93 30.05 -24.08
N GLU G 118 -2.92 29.27 -24.47
CA GLU G 118 -3.12 28.30 -25.54
C GLU G 118 -4.20 27.29 -25.17
N ALA G 119 -4.23 26.88 -23.90
CA ALA G 119 -5.29 25.97 -23.47
C ALA G 119 -6.65 26.64 -23.55
N LYS G 120 -6.73 27.91 -23.18
CA LYS G 120 -8.02 28.62 -23.25
C LYS G 120 -8.44 28.85 -24.69
N GLN G 121 -7.49 29.11 -25.59
CA GLN G 121 -7.83 29.39 -26.99
C GLN G 121 -8.38 28.17 -27.71
N ALA G 122 -8.29 26.98 -27.12
CA ALA G 122 -8.82 25.76 -27.71
C ALA G 122 -9.84 25.09 -26.79
N LYS G 123 -10.56 25.89 -26.00
CA LYS G 123 -11.55 25.35 -25.09
C LYS G 123 -12.83 24.93 -25.80
N SER G 124 -13.17 25.62 -26.89
CA SER G 124 -14.42 25.32 -27.59
C SER G 124 -14.45 23.90 -28.11
N ASP G 125 -13.36 23.46 -28.74
CA ASP G 125 -13.33 22.12 -29.33
C ASP G 125 -13.44 21.04 -28.26
N ILE G 126 -12.80 21.23 -27.11
CA ILE G 126 -12.85 20.22 -26.05
C ILE G 126 -14.28 20.01 -25.58
N GLU G 127 -15.07 21.09 -25.52
CA GLU G 127 -16.47 20.95 -25.12
C GLU G 127 -17.21 20.00 -26.05
N LYS G 128 -16.90 20.05 -27.35
CA LYS G 128 -17.60 19.19 -28.30
C LYS G 128 -17.35 17.72 -27.98
N LEU G 129 -16.10 17.36 -27.69
CA LEU G 129 -15.77 15.97 -27.42
C LEU G 129 -16.51 15.47 -26.19
N LYS G 130 -16.61 16.29 -25.15
CA LYS G 130 -17.30 15.85 -23.93
C LYS G 130 -18.74 15.46 -24.22
N GLU G 131 -19.39 16.12 -25.19
CA GLU G 131 -20.75 15.76 -25.53
C GLU G 131 -20.83 14.34 -26.09
N ALA G 132 -19.86 13.96 -26.93
CA ALA G 132 -19.90 12.63 -27.54
C ALA G 132 -19.77 11.54 -26.49
N ILE G 133 -18.90 11.74 -25.49
CA ILE G 133 -18.67 10.72 -24.47
C ILE G 133 -19.70 10.75 -23.35
N ARG G 134 -20.68 11.65 -23.42
CA ARG G 134 -21.70 11.71 -22.38
C ARG G 134 -22.33 10.34 -22.16
N ASP G 135 -22.60 9.61 -23.23
CA ASP G 135 -23.22 8.29 -23.17
C ASP G 135 -22.38 7.33 -24.01
N THR G 136 -21.44 6.65 -23.34
CA THR G 136 -20.59 5.67 -23.99
C THR G 136 -19.99 4.79 -22.92
N ASN G 137 -19.50 3.62 -23.33
CA ASN G 137 -18.86 2.67 -22.43
C ASN G 137 -17.55 2.18 -23.01
N LYS G 138 -16.74 3.10 -23.50
CA LYS G 138 -15.42 2.80 -24.05
C LYS G 138 -14.35 3.31 -23.10
N ALA G 139 -13.40 2.45 -22.76
CA ALA G 139 -12.36 2.83 -21.80
C ALA G 139 -11.51 3.98 -22.34
N VAL G 140 -11.12 3.92 -23.60
CA VAL G 140 -10.27 4.93 -24.22
C VAL G 140 -10.90 5.33 -25.55
N GLN G 141 -11.02 6.65 -25.78
CA GLN G 141 -11.61 7.18 -26.98
C GLN G 141 -10.81 8.41 -27.41
N SER G 142 -10.63 8.58 -28.72
CA SER G 142 -9.79 9.63 -29.24
C SER G 142 -10.42 10.26 -30.48
N VAL G 143 -10.11 11.53 -30.70
CA VAL G 143 -10.50 12.26 -31.90
C VAL G 143 -9.42 13.29 -32.20
N CYS G 144 -9.36 13.71 -33.46
CA CYS G 144 -8.62 14.90 -33.86
C CYS G 144 -9.51 15.79 -34.72
N SER G 145 -9.26 17.09 -34.63
CA SER G 145 -10.06 18.08 -35.36
C SER G 145 -9.25 18.68 -36.50
N ASN G 149 -6.02 19.32 -33.10
CA ASN G 149 -6.09 19.15 -31.65
C ASN G 149 -6.76 17.84 -31.28
N CYS G 150 -5.98 16.76 -31.14
CA CYS G 150 -6.54 15.51 -30.66
C CYS G 150 -6.65 15.49 -29.14
N ILE G 151 -7.68 14.80 -28.67
CA ILE G 151 -8.00 14.68 -27.26
C ILE G 151 -8.24 13.21 -26.94
N VAL G 152 -7.69 12.75 -25.82
CA VAL G 152 -7.87 11.38 -25.38
C VAL G 152 -8.63 11.41 -24.06
N ALA G 153 -9.58 10.48 -23.86
CA ALA G 153 -10.45 10.47 -22.68
C ALA G 153 -10.51 9.07 -22.07
N ILE G 154 -10.13 8.87 -20.80
CA ILE G 154 -10.18 7.56 -20.09
C ILE G 154 -11.28 7.66 -19.03
N LYS G 155 -12.11 6.64 -18.85
CA LYS G 155 -13.22 6.65 -17.87
C LYS G 155 -12.92 5.75 -16.66
N SER G 156 -12.75 6.31 -15.45
CA SER G 156 -12.48 5.68 -14.13
C SER G 156 -12.16 4.19 -14.20
N VAL G 157 -13.14 3.26 -14.15
CA VAL G 157 -12.87 1.80 -14.12
C VAL G 157 -13.76 1.10 -15.14
N GLN G 158 -13.91 1.67 -16.34
CA GLN G 158 -14.83 1.16 -17.39
C GLN G 158 -14.44 -0.25 -17.85
N ASP G 159 -13.14 -0.51 -18.02
CA ASP G 159 -12.66 -1.83 -18.50
C ASP G 159 -13.11 -2.91 -17.51
N TYR G 160 -12.87 -2.70 -16.23
CA TYR G 160 -13.21 -3.69 -15.21
C TYR G 160 -14.71 -3.89 -15.13
N VAL G 161 -15.48 -2.82 -15.18
CA VAL G 161 -16.94 -2.93 -15.19
C VAL G 161 -17.37 -3.86 -16.32
N ASN G 162 -17.09 -3.45 -17.56
CA ASN G 162 -17.56 -4.19 -18.72
C ASN G 162 -17.31 -5.69 -18.80
N LYS G 163 -16.14 -6.14 -18.35
CA LYS G 163 -15.82 -7.55 -18.48
C LYS G 163 -16.03 -8.48 -17.23
N GLU G 164 -16.22 -7.83 -16.09
CA GLU G 164 -16.38 -8.56 -14.84
C GLU G 164 -17.68 -8.24 -14.13
N ILE G 165 -18.04 -6.97 -13.97
CA ILE G 165 -19.20 -6.62 -13.15
C ILE G 165 -20.49 -6.82 -13.93
N VAL G 166 -20.57 -6.25 -15.13
CA VAL G 166 -21.80 -6.38 -15.92
C VAL G 166 -22.09 -7.85 -16.23
N PRO G 167 -21.13 -8.66 -16.70
CA PRO G 167 -21.42 -10.09 -16.82
C PRO G 167 -21.77 -10.76 -15.50
N SER G 168 -21.24 -10.26 -14.39
CA SER G 168 -21.43 -10.92 -13.10
C SER G 168 -22.87 -10.82 -12.63
N ILE G 169 -23.61 -9.82 -13.10
CA ILE G 169 -24.95 -9.58 -12.57
C ILE G 169 -25.87 -10.78 -12.83
N ALA G 170 -25.69 -11.43 -13.98
CA ALA G 170 -26.61 -12.50 -14.36
C ALA G 170 -26.53 -13.68 -13.40
N ARG G 171 -25.32 -14.07 -13.00
CA ARG G 171 -25.14 -15.33 -12.27
C ARG G 171 -24.91 -15.15 -10.78
N LEU G 172 -24.79 -13.91 -10.28
CA LEU G 172 -24.53 -13.69 -8.87
C LEU G 172 -25.59 -12.83 -8.18
N GLY G 173 -26.26 -11.95 -8.90
CA GLY G 173 -27.23 -11.06 -8.30
C GLY G 173 -26.73 -9.64 -8.16
N CYS G 174 -27.66 -8.74 -7.85
CA CYS G 174 -27.31 -7.32 -7.79
C CYS G 174 -26.56 -6.98 -6.52
N GLU G 175 -26.81 -7.70 -5.43
CA GLU G 175 -26.13 -7.39 -4.17
C GLU G 175 -24.66 -7.77 -4.22
N ALA G 176 -24.35 -8.97 -4.71
CA ALA G 176 -22.95 -9.40 -4.81
C ALA G 176 -22.18 -8.49 -5.74
N ALA G 177 -22.78 -8.11 -6.87
CA ALA G 177 -22.12 -7.19 -7.80
C ALA G 177 -21.94 -5.82 -7.17
N GLY G 178 -22.94 -5.37 -6.41
CA GLY G 178 -22.83 -4.07 -5.78
C GLY G 178 -21.70 -4.00 -4.77
N LEU G 179 -21.55 -5.06 -3.97
CA LEU G 179 -20.46 -5.06 -2.99
C LEU G 179 -19.11 -5.02 -3.68
N GLN G 180 -18.94 -5.78 -4.76
CA GLN G 180 -17.69 -5.76 -5.50
C GLN G 180 -17.43 -4.38 -6.10
N LEU G 181 -18.46 -3.75 -6.66
CA LEU G 181 -18.29 -2.41 -7.22
C LEU G 181 -17.90 -1.43 -6.13
N GLY G 182 -18.50 -1.55 -4.95
CA GLY G 182 -18.11 -0.68 -3.85
C GLY G 182 -16.66 -0.86 -3.45
N ILE G 183 -16.21 -2.11 -3.36
CA ILE G 183 -14.81 -2.37 -3.04
C ILE G 183 -13.89 -1.72 -4.08
N ALA G 184 -14.20 -1.93 -5.36
CA ALA G 184 -13.35 -1.41 -6.42
C ALA G 184 -13.33 0.12 -6.40
N LEU G 185 -14.48 0.75 -6.20
CA LEU G 185 -14.53 2.20 -6.20
C LEU G 185 -13.81 2.79 -4.99
N THR G 186 -13.92 2.14 -3.83
CA THR G 186 -13.20 2.61 -2.66
C THR G 186 -11.70 2.51 -2.89
N GLN G 187 -11.23 1.40 -3.48
CA GLN G 187 -9.81 1.27 -3.78
C GLN G 187 -9.36 2.33 -4.77
N HIS G 188 -10.18 2.61 -5.78
CA HIS G 188 -9.81 3.63 -6.76
C HIS G 188 -9.74 5.01 -6.11
N TYR G 189 -10.68 5.32 -5.22
CA TYR G 189 -10.62 6.61 -4.53
C TYR G 189 -9.38 6.70 -3.67
N SER G 190 -9.03 5.62 -2.97
CA SER G 190 -7.81 5.63 -2.17
C SER G 190 -6.59 5.85 -3.06
N GLU G 191 -6.55 5.20 -4.21
CA GLU G 191 -5.42 5.38 -5.12
C GLU G 191 -5.35 6.80 -5.63
N LEU G 192 -6.50 7.43 -5.87
CA LEU G 192 -6.54 8.87 -5.99
C LEU G 192 -6.30 9.51 -4.63
N THR G 193 -5.86 10.77 -4.64
CA THR G 193 -5.43 11.48 -3.44
C THR G 193 -4.06 10.98 -2.98
N ASN G 194 -3.55 9.93 -3.62
CA ASN G 194 -2.21 9.44 -3.29
C ASN G 194 -1.15 10.40 -3.80
N CYS G 195 -1.36 10.97 -4.99
CA CYS G 195 -0.50 12.03 -5.49
C CYS G 195 -1.29 13.16 -6.13
N PHE G 196 -2.63 13.12 -6.07
CA PHE G 196 -3.46 14.22 -6.54
C PHE G 196 -3.81 15.18 -5.42
N GLY G 197 -3.34 14.93 -4.21
CA GLY G 197 -3.62 15.79 -3.06
C GLY G 197 -2.37 16.26 -2.37
N GLY G 207 2.16 20.30 -9.70
CA GLY G 207 2.22 19.22 -10.70
C GLY G 207 1.69 17.92 -10.15
N ILE G 208 1.17 17.04 -11.00
CA ILE G 208 0.58 15.74 -10.56
C ILE G 208 1.47 14.53 -10.83
N LYS G 209 2.40 14.59 -11.81
CA LYS G 209 3.38 13.56 -12.32
C LYS G 209 2.70 12.66 -13.35
N LEU G 210 3.45 12.15 -14.33
CA LEU G 210 2.89 11.30 -15.41
C LEU G 210 2.89 9.83 -15.01
N GLN G 211 3.78 9.42 -14.11
CA GLN G 211 3.90 8.03 -13.64
C GLN G 211 2.62 7.61 -12.92
N CYS G 212 2.05 8.51 -12.12
CA CYS G 212 0.79 8.30 -11.35
C CYS G 212 -0.33 7.89 -12.30
N ILE G 213 -0.60 8.70 -13.33
CA ILE G 213 -1.64 8.51 -14.33
C ILE G 213 -1.43 7.18 -15.03
N ALA G 214 -0.18 6.81 -15.26
CA ALA G 214 0.16 5.51 -15.88
C ALA G 214 -0.21 4.40 -14.91
N SER G 215 0.12 4.55 -13.62
CA SER G 215 -0.12 3.56 -12.55
C SER G 215 -1.61 3.30 -12.34
N LEU G 216 -2.45 4.35 -12.35
CA LEU G 216 -3.92 4.22 -12.25
C LEU G 216 -4.38 3.52 -13.52
N TYR G 217 -5.35 2.59 -13.49
CA TYR G 217 -5.89 1.86 -14.66
C TYR G 217 -4.71 1.45 -15.54
N ARG G 218 -3.78 0.64 -14.98
CA ARG G 218 -2.44 0.22 -15.51
C ARG G 218 -2.40 0.34 -17.03
N THR G 219 -1.57 1.22 -17.59
CA THR G 219 -1.57 1.52 -19.04
C THR G 219 -0.19 1.46 -19.70
N ASN G 220 0.76 2.38 -19.34
CA ASN G 220 2.09 2.72 -19.84
C ASN G 220 1.93 3.76 -20.95
N ILE G 221 2.92 4.64 -21.10
CA ILE G 221 2.73 5.83 -21.92
C ILE G 221 2.45 5.47 -23.37
N THR G 222 3.18 4.50 -23.91
CA THR G 222 3.09 4.21 -25.33
C THR G 222 1.65 3.90 -25.75
N GLU G 223 0.86 3.30 -24.85
CA GLU G 223 -0.51 2.96 -25.19
C GLU G 223 -1.44 4.17 -25.16
N ILE G 224 -1.21 5.11 -24.25
CA ILE G 224 -2.13 6.22 -24.10
C ILE G 224 -2.11 7.12 -25.33
N PHE G 225 -0.92 7.56 -25.74
CA PHE G 225 -0.76 8.44 -26.91
C PHE G 225 -0.17 7.61 -28.04
N THR G 226 -1.03 6.94 -28.79
CA THR G 226 -0.55 6.12 -29.90
C THR G 226 -0.10 6.98 -31.08
N THR G 227 -0.90 7.99 -31.42
CA THR G 227 -0.62 8.84 -32.58
C THR G 227 0.20 10.04 -32.12
N SER G 228 1.50 9.81 -31.95
CA SER G 228 2.42 10.84 -31.52
C SER G 228 3.83 10.38 -31.86
N THR G 229 4.83 11.10 -31.34
CA THR G 229 6.23 10.76 -31.53
C THR G 229 6.76 9.78 -30.50
N VAL G 230 5.89 9.29 -29.60
CA VAL G 230 6.33 8.39 -28.55
C VAL G 230 6.88 7.09 -29.10
N ASP G 231 6.49 6.72 -30.33
CA ASP G 231 6.90 5.44 -30.88
C ASP G 231 8.42 5.34 -31.02
N LYS G 232 9.06 6.42 -31.45
CA LYS G 232 10.50 6.41 -31.69
C LYS G 232 11.26 6.92 -30.46
N TYR G 233 11.10 6.17 -29.36
CA TYR G 233 11.75 6.49 -28.10
C TYR G 233 12.47 5.27 -27.57
N ASP G 234 13.70 5.49 -27.08
CA ASP G 234 14.50 4.44 -26.49
C ASP G 234 14.16 4.32 -25.00
N ILE G 235 14.82 3.39 -24.30
CA ILE G 235 14.55 3.22 -22.88
C ILE G 235 14.95 4.46 -22.09
N TYR G 236 16.04 5.11 -22.49
CA TYR G 236 16.47 6.32 -21.79
C TYR G 236 15.55 7.49 -22.09
N ASP G 237 14.90 7.49 -23.26
CA ASP G 237 14.05 8.62 -23.63
C ASP G 237 12.75 8.61 -22.84
N LEU G 238 12.28 7.44 -22.39
CA LEU G 238 11.05 7.39 -21.62
C LEU G 238 11.23 7.94 -20.20
N LEU G 239 12.41 7.75 -19.62
CA LEU G 239 12.63 8.23 -18.25
C LEU G 239 12.49 9.74 -18.18
N PHE G 240 12.96 10.45 -19.21
CA PHE G 240 12.82 11.90 -19.22
C PHE G 240 11.35 12.31 -19.25
N THR G 241 10.54 11.63 -20.06
CA THR G 241 9.13 11.99 -20.16
C THR G 241 8.41 11.75 -18.84
N GLU G 242 8.78 10.69 -18.12
CA GLU G 242 8.14 10.39 -16.84
C GLU G 242 8.46 11.44 -15.78
N SER G 243 9.41 12.33 -16.02
CA SER G 243 9.77 13.38 -15.08
C SER G 243 9.16 14.72 -15.43
N ILE G 244 8.25 14.78 -16.40
CA ILE G 244 7.62 16.03 -16.82
C ILE G 244 6.32 16.20 -16.04
N LYS G 245 6.14 17.39 -15.47
CA LYS G 245 4.94 17.65 -14.69
C LYS G 245 3.75 17.92 -15.61
N VAL G 246 2.57 17.52 -15.16
CA VAL G 246 1.31 17.75 -15.86
C VAL G 246 0.42 18.59 -14.97
N ARG G 247 -0.27 19.56 -15.57
CA ARG G 247 -1.02 20.55 -14.82
C ARG G 247 -2.52 20.45 -15.12
N VAL G 248 -3.30 20.94 -14.17
CA VAL G 248 -4.77 20.89 -14.26
C VAL G 248 -5.25 22.23 -14.82
N ILE G 249 -6.16 22.18 -15.78
CA ILE G 249 -6.68 23.39 -16.41
C ILE G 249 -8.17 23.61 -16.19
N ASP G 250 -8.92 22.59 -15.79
CA ASP G 250 -10.34 22.78 -15.56
C ASP G 250 -10.92 21.61 -14.78
N VAL G 251 -11.85 21.91 -13.88
CA VAL G 251 -12.63 20.91 -13.15
C VAL G 251 -14.09 21.31 -13.25
N ASP G 252 -14.96 20.36 -13.59
CA ASP G 252 -16.31 20.69 -14.00
C ASP G 252 -17.27 20.87 -12.82
N LEU G 253 -17.26 19.95 -11.87
CA LEU G 253 -18.04 19.97 -10.63
C LEU G 253 -19.50 19.60 -10.84
N ASN G 254 -19.96 19.40 -12.07
CA ASN G 254 -21.32 18.93 -12.32
C ASN G 254 -21.32 17.50 -12.84
N ASP G 255 -20.62 17.24 -13.94
CA ASP G 255 -20.22 15.88 -14.32
C ASP G 255 -18.74 15.78 -13.97
N TYR G 256 -18.43 14.89 -13.02
CA TYR G 256 -17.14 14.93 -12.35
C TYR G 256 -16.02 14.57 -13.31
N SER G 257 -15.21 15.57 -13.68
CA SER G 257 -14.17 15.37 -14.66
C SER G 257 -13.02 16.34 -14.40
N ILE G 258 -11.81 15.91 -14.76
CA ILE G 258 -10.60 16.72 -14.65
C ILE G 258 -9.90 16.73 -15.99
N THR G 259 -9.50 17.91 -16.44
CA THR G 259 -8.82 18.08 -17.73
C THR G 259 -7.35 18.41 -17.46
N LEU G 260 -6.46 17.67 -18.11
CA LEU G 260 -5.02 17.80 -17.93
C LEU G 260 -4.37 18.17 -19.24
N GLN G 261 -3.19 18.78 -19.15
CA GLN G 261 -2.43 19.25 -20.31
C GLN G 261 -1.03 18.65 -20.26
N VAL G 262 -0.76 17.69 -21.13
CA VAL G 262 0.55 17.03 -21.22
C VAL G 262 1.36 17.69 -22.32
N ARG G 263 2.68 17.72 -22.14
CA ARG G 263 3.60 18.34 -23.09
C ARG G 263 4.73 17.35 -23.39
N LEU G 264 4.51 16.48 -24.37
CA LEU G 264 5.54 15.51 -24.73
C LEU G 264 6.68 16.22 -25.46
N PRO G 265 7.93 15.84 -25.20
CA PRO G 265 9.06 16.55 -25.82
C PRO G 265 9.53 15.92 -27.12
N LEU G 266 10.01 16.79 -28.01
CA LEU G 266 10.74 16.39 -29.20
C LEU G 266 12.23 16.57 -28.93
N LEU G 267 12.99 15.49 -29.05
CA LEU G 267 14.39 15.47 -28.66
C LEU G 267 15.27 15.49 -29.90
N THR G 268 16.12 16.50 -30.00
CA THR G 268 17.09 16.63 -31.09
C THR G 268 18.50 16.63 -30.50
N ARG G 269 19.38 15.81 -31.07
CA ARG G 269 20.75 15.71 -30.58
C ARG G 269 21.53 16.93 -31.04
N LEU G 270 21.94 17.77 -30.09
CA LEU G 270 22.81 18.89 -30.43
C LEU G 270 24.09 18.43 -31.11
N LEU G 271 24.71 19.35 -31.84
CA LEU G 271 25.91 19.05 -32.61
C LEU G 271 27.13 19.79 -32.09
N ASN G 272 28.30 19.17 -32.28
CA ASN G 272 29.57 19.77 -31.89
C ASN G 272 29.59 20.12 -30.41
N THR G 273 29.06 19.24 -29.57
CA THR G 273 29.06 19.41 -28.13
C THR G 273 29.47 18.10 -27.47
N GLN G 274 30.25 18.20 -26.39
CA GLN G 274 30.77 17.03 -25.70
C GLN G 274 30.64 17.21 -24.20
N ILE G 275 30.49 16.09 -23.49
CA ILE G 275 30.53 16.06 -22.04
C ILE G 275 31.48 14.95 -21.60
N TYR G 276 32.29 15.24 -20.60
CA TYR G 276 33.22 14.28 -20.01
C TYR G 276 32.89 14.10 -18.52
N LYS G 277 33.76 13.35 -17.83
CA LYS G 277 33.72 13.18 -16.39
C LYS G 277 35.13 13.33 -15.84
N VAL G 278 35.25 13.87 -14.64
CA VAL G 278 36.54 14.23 -14.06
C VAL G 278 36.67 13.63 -12.67
N ASP G 279 37.81 12.99 -12.41
CA ASP G 279 38.17 12.50 -11.08
C ASP G 279 39.60 12.90 -10.77
N SER G 280 39.91 13.04 -9.48
CA SER G 280 41.21 13.47 -9.03
C SER G 280 41.76 12.48 -8.00
N ILE G 281 43.09 12.35 -7.98
CA ILE G 281 43.78 11.47 -7.05
C ILE G 281 44.83 12.28 -6.29
N SER G 282 45.35 11.67 -5.23
CA SER G 282 46.26 12.37 -4.34
C SER G 282 47.54 12.78 -5.06
N TYR G 283 48.09 13.91 -4.65
CA TYR G 283 49.30 14.48 -5.23
C TYR G 283 50.23 14.88 -4.10
N ASN G 284 51.49 14.46 -4.19
CA ASN G 284 52.45 14.64 -3.12
C ASN G 284 53.24 15.94 -3.27
N ILE G 285 53.43 16.63 -2.14
CA ILE G 285 54.40 17.71 -2.04
C ILE G 285 55.04 17.66 -0.66
N GLN G 286 56.30 17.27 -0.60
CA GLN G 286 57.05 17.24 0.66
C GLN G 286 56.34 16.42 1.73
N ASN G 287 56.02 15.18 1.37
CA ASN G 287 55.42 14.22 2.31
C ASN G 287 54.08 14.72 2.83
N ARG G 288 53.40 15.54 2.06
CA ARG G 288 52.05 15.99 2.39
C ARG G 288 51.14 15.69 1.21
N GLU G 289 49.84 15.62 1.50
CA GLU G 289 48.84 15.23 0.50
C GLU G 289 48.04 16.44 0.05
N TRP G 290 47.85 16.56 -1.27
CA TRP G 290 47.03 17.61 -1.86
C TRP G 290 46.19 17.01 -2.98
N TYR G 291 45.29 17.83 -3.54
CA TYR G 291 44.53 17.46 -4.71
C TYR G 291 44.02 18.67 -5.46
N ILE G 292 43.72 18.47 -6.74
CA ILE G 292 43.28 19.54 -7.63
C ILE G 292 41.76 19.48 -7.65
N PRO G 293 41.06 20.50 -7.16
CA PRO G 293 39.59 20.43 -7.14
C PRO G 293 38.99 20.76 -8.49
N LEU G 294 37.94 20.02 -8.84
CA LEU G 294 37.25 20.21 -10.11
C LEU G 294 35.82 19.73 -9.97
N PRO G 295 34.89 20.25 -10.78
CA PRO G 295 33.50 19.78 -10.70
C PRO G 295 33.40 18.31 -11.07
N SER G 296 32.20 17.77 -10.90
CA SER G 296 31.98 16.36 -11.21
C SER G 296 32.01 16.10 -12.71
N HIS G 297 31.60 17.07 -13.52
CA HIS G 297 31.55 16.91 -14.96
C HIS G 297 32.09 18.15 -15.64
N ILE G 298 32.55 17.98 -16.89
CA ILE G 298 33.09 19.07 -17.68
C ILE G 298 32.61 18.89 -19.11
N MET G 299 32.27 20.01 -19.77
CA MET G 299 31.67 19.98 -21.08
C MET G 299 32.29 21.02 -22.00
N THR G 300 32.24 20.73 -23.30
CA THR G 300 32.76 21.60 -24.35
C THR G 300 31.72 21.68 -25.46
N LYS G 301 31.44 22.90 -25.92
CA LYS G 301 30.44 23.14 -26.96
C LYS G 301 31.02 24.17 -27.92
N GLY G 302 31.55 23.69 -29.05
CA GLY G 302 32.17 24.57 -30.01
C GLY G 302 33.41 25.23 -29.44
N ALA G 303 33.32 26.53 -29.16
CA ALA G 303 34.44 27.29 -28.61
C ALA G 303 34.14 27.78 -27.20
N PHE G 304 33.37 27.01 -26.43
CA PHE G 304 33.00 27.36 -25.07
C PHE G 304 33.37 26.20 -24.17
N LEU G 305 34.26 26.44 -23.22
CA LEU G 305 34.75 25.43 -22.30
C LEU G 305 34.30 25.76 -20.88
N GLY G 306 33.62 24.81 -20.25
CA GLY G 306 33.14 25.03 -18.90
C GLY G 306 32.54 23.77 -18.33
N GLY G 307 32.24 23.82 -17.04
CA GLY G 307 31.64 22.70 -16.36
C GLY G 307 30.17 22.57 -16.67
N ALA G 308 29.61 21.43 -16.29
CA ALA G 308 28.21 21.12 -16.54
C ALA G 308 27.62 20.46 -15.31
N ASP G 309 26.47 20.98 -14.87
CA ASP G 309 25.69 20.35 -13.81
C ASP G 309 24.72 19.37 -14.43
N VAL G 310 24.61 18.18 -13.85
CA VAL G 310 23.87 17.09 -14.46
C VAL G 310 22.92 16.50 -13.43
N LYS G 311 22.71 17.24 -12.33
CA LYS G 311 21.88 16.70 -11.26
C LYS G 311 20.45 16.44 -11.74
N GLU G 312 19.90 17.32 -12.56
CA GLU G 312 18.54 17.18 -13.04
C GLU G 312 18.44 16.40 -14.34
N CYS G 313 19.56 16.15 -15.02
CA CYS G 313 19.54 15.43 -16.29
C CYS G 313 19.54 13.92 -16.04
N ILE G 314 19.39 13.18 -17.14
CA ILE G 314 19.40 11.72 -17.11
C ILE G 314 20.53 11.23 -18.00
N GLU G 315 21.37 10.36 -17.46
CA GLU G 315 22.54 9.86 -18.17
C GLU G 315 22.15 8.65 -19.02
N ALA G 316 22.50 8.70 -20.29
CA ALA G 316 22.23 7.62 -21.23
C ALA G 316 23.54 6.98 -21.67
N PHE G 317 23.44 5.96 -22.51
CA PHE G 317 24.63 5.21 -22.92
C PHE G 317 25.56 6.05 -23.78
N SER G 318 25.03 6.97 -24.58
CA SER G 318 25.86 7.75 -25.50
C SER G 318 25.55 9.24 -25.49
N SER G 319 24.74 9.72 -24.55
CA SER G 319 24.45 11.15 -24.48
C SER G 319 23.71 11.45 -23.19
N TYR G 320 23.50 12.74 -22.96
CA TYR G 320 22.82 13.24 -21.77
C TYR G 320 21.53 13.91 -22.21
N ILE G 321 20.44 13.66 -21.50
CA ILE G 321 19.15 14.30 -21.76
C ILE G 321 18.94 15.36 -20.68
N CYS G 322 18.90 16.63 -21.09
CA CYS G 322 18.90 17.73 -20.14
C CYS G 322 17.73 18.68 -20.45
N PRO G 323 16.93 19.05 -19.45
CA PRO G 323 15.88 20.05 -19.70
C PRO G 323 16.39 21.35 -20.24
N SER G 324 17.58 21.79 -19.82
CA SER G 324 18.12 23.05 -20.31
C SER G 324 19.64 22.97 -20.31
N ASP G 325 20.25 23.84 -21.11
CA ASP G 325 21.70 23.88 -21.22
C ASP G 325 22.34 23.98 -19.84
N PRO G 326 23.02 22.93 -19.35
CA PRO G 326 23.50 22.96 -17.97
C PRO G 326 24.81 23.70 -17.75
N GLY G 327 25.50 24.12 -18.81
CA GLY G 327 26.79 24.73 -18.65
C GLY G 327 26.80 25.94 -17.75
N PHE G 328 27.76 26.01 -16.83
CA PHE G 328 27.95 27.18 -15.98
C PHE G 328 29.41 27.58 -16.00
N VAL G 329 29.66 28.89 -16.11
CA VAL G 329 31.01 29.38 -16.26
C VAL G 329 31.87 28.92 -15.09
N LEU G 330 33.13 28.61 -15.39
CA LEU G 330 34.10 28.17 -14.39
C LEU G 330 35.17 29.23 -14.22
N ASN G 331 35.95 29.08 -13.15
CA ASN G 331 37.02 30.01 -12.88
C ASN G 331 38.02 30.02 -14.03
N HIS G 332 38.59 31.20 -14.30
CA HIS G 332 39.50 31.35 -15.43
C HIS G 332 40.70 30.41 -15.29
N GLU G 333 41.29 30.33 -14.10
CA GLU G 333 42.43 29.47 -13.89
C GLU G 333 42.08 28.02 -14.16
N MET G 334 40.88 27.60 -13.78
CA MET G 334 40.46 26.23 -14.02
C MET G 334 40.35 25.94 -15.52
N GLU G 335 39.83 26.92 -16.28
CA GLU G 335 39.78 26.76 -17.73
C GLU G 335 41.18 26.62 -18.32
N SER G 336 42.11 27.47 -17.88
CA SER G 336 43.48 27.36 -18.37
C SER G 336 44.05 25.99 -18.03
N CYS G 337 43.72 25.44 -16.86
CA CYS G 337 44.23 24.13 -16.38
C CYS G 337 43.75 22.98 -17.26
N LEU G 338 42.49 22.98 -17.68
CA LEU G 338 41.86 21.90 -18.50
C LEU G 338 42.21 22.03 -19.97
N SER G 339 42.79 23.14 -20.41
CA SER G 339 43.20 23.41 -21.80
C SER G 339 44.68 23.05 -22.04
N GLY G 340 45.36 22.44 -21.06
CA GLY G 340 46.76 22.01 -21.20
C GLY G 340 47.77 22.89 -20.47
N ASN G 341 47.44 24.13 -20.12
CA ASN G 341 48.41 25.03 -19.44
C ASN G 341 48.43 24.52 -18.00
N ILE G 342 49.23 23.47 -17.74
CA ILE G 342 49.27 22.64 -16.50
C ILE G 342 49.86 23.33 -15.27
N SER G 343 50.53 24.48 -15.41
CA SER G 343 51.14 25.22 -14.28
C SER G 343 50.20 26.27 -13.67
N GLN G 344 48.94 26.35 -14.13
CA GLN G 344 47.94 27.29 -13.65
C GLN G 344 46.85 26.61 -12.82
N CYS G 345 46.96 25.31 -12.59
CA CYS G 345 45.94 24.63 -11.80
C CYS G 345 46.10 24.98 -10.32
N PRO G 346 45.00 25.09 -9.58
CA PRO G 346 45.10 25.26 -8.12
C PRO G 346 45.05 23.92 -7.40
N ARG G 347 45.47 23.95 -6.13
CA ARG G 347 45.49 22.75 -5.30
C ARG G 347 45.03 23.12 -3.90
N THR G 348 44.58 22.10 -3.17
CA THR G 348 44.12 22.26 -1.80
C THR G 348 44.63 21.09 -0.96
N THR G 349 44.49 21.22 0.35
CA THR G 349 44.95 20.20 1.27
C THR G 349 43.90 19.10 1.43
N VAL G 350 44.36 17.86 1.44
CA VAL G 350 43.49 16.71 1.67
C VAL G 350 43.12 16.66 3.14
N THR G 351 41.82 16.58 3.43
CA THR G 351 41.33 16.60 4.80
C THR G 351 40.79 15.26 5.27
N SER G 352 40.13 14.51 4.39
CA SER G 352 39.55 13.22 4.75
C SER G 352 39.95 12.18 3.71
N ASP G 353 39.65 10.92 4.03
CA ASP G 353 40.01 9.80 3.16
C ASP G 353 38.91 9.52 2.14
N ILE G 354 38.63 10.52 1.32
CA ILE G 354 37.71 10.39 0.20
C ILE G 354 38.34 10.77 -1.13
N VAL G 355 39.58 11.23 -1.14
CA VAL G 355 40.33 11.47 -2.37
C VAL G 355 41.22 10.27 -2.62
N PRO G 356 41.03 9.52 -3.71
CA PRO G 356 41.77 8.28 -3.88
C PRO G 356 43.27 8.49 -3.93
N ARG G 357 44.01 7.47 -3.48
CA ARG G 357 45.47 7.49 -3.50
C ARG G 357 46.05 6.71 -4.66
N TYR G 358 45.25 5.91 -5.36
CA TYR G 358 45.73 5.17 -6.51
C TYR G 358 44.57 4.95 -7.48
N ALA G 359 44.90 4.79 -8.75
CA ALA G 359 43.90 4.49 -9.77
C ALA G 359 44.60 4.14 -11.07
N PHE G 360 44.20 3.06 -11.73
CA PHE G 360 44.80 2.69 -13.01
C PHE G 360 43.82 2.94 -14.13
N VAL G 361 44.35 3.45 -15.25
CA VAL G 361 43.56 3.96 -16.35
C VAL G 361 43.59 3.01 -17.55
N ASN G 362 44.77 2.77 -18.12
CA ASN G 362 44.85 1.95 -19.33
C ASN G 362 46.20 1.24 -19.33
N GLY G 363 46.21 0.00 -18.84
CA GLY G 363 47.41 -0.81 -18.86
C GLY G 363 48.45 -0.43 -17.83
N GLY G 364 48.13 0.47 -16.91
CA GLY G 364 49.09 0.86 -15.89
C GLY G 364 48.39 1.66 -14.82
N VAL G 365 49.14 1.93 -13.75
CA VAL G 365 48.61 2.66 -12.61
C VAL G 365 49.23 4.06 -12.61
N VAL G 366 48.51 4.97 -11.95
CA VAL G 366 49.04 6.30 -11.64
C VAL G 366 48.66 6.59 -10.20
N ALA G 367 49.60 6.38 -9.28
CA ALA G 367 49.29 6.45 -7.86
C ALA G 367 50.40 7.18 -7.12
N ASN G 368 50.06 7.71 -5.96
CA ASN G 368 51.03 8.35 -5.08
C ASN G 368 51.81 7.25 -4.36
N CYS G 369 53.01 6.96 -4.87
CA CYS G 369 53.76 5.82 -4.36
C CYS G 369 54.42 6.10 -3.01
N ILE G 370 54.45 7.35 -2.58
CA ILE G 370 55.00 7.67 -1.27
C ILE G 370 54.10 7.13 -0.17
N THR G 371 52.79 7.34 -0.29
CA THR G 371 51.87 6.88 0.74
C THR G 371 51.60 5.39 0.61
N THR G 372 51.02 4.97 -0.52
CA THR G 372 50.73 3.56 -0.75
C THR G 372 51.91 2.91 -1.47
N THR G 373 52.35 1.78 -0.93
CA THR G 373 53.57 1.14 -1.42
C THR G 373 53.32 0.48 -2.77
N CYS G 374 54.22 0.75 -3.71
CA CYS G 374 54.15 0.18 -5.05
C CYS G 374 55.31 -0.78 -5.24
N THR G 375 55.04 -1.93 -5.86
CA THR G 375 56.03 -2.97 -6.05
C THR G 375 55.99 -3.47 -7.49
N CYS G 376 57.17 -3.84 -7.98
CA CYS G 376 57.30 -4.42 -9.31
C CYS G 376 57.10 -5.93 -9.21
N ASN G 377 57.47 -6.67 -10.27
CA ASN G 377 57.11 -8.08 -10.37
C ASN G 377 57.12 -8.79 -9.02
N GLY G 378 58.23 -8.69 -8.29
CA GLY G 378 58.34 -9.36 -7.01
C GLY G 378 57.79 -8.52 -5.87
N ILE G 379 57.23 -9.22 -4.87
CA ILE G 379 56.73 -8.52 -3.70
C ILE G 379 57.87 -7.82 -2.98
N GLY G 380 59.02 -8.48 -2.87
CA GLY G 380 60.17 -7.86 -2.23
C GLY G 380 60.63 -6.61 -2.97
N ASN G 381 60.63 -6.67 -4.29
CA ASN G 381 61.06 -5.52 -5.08
C ASN G 381 60.16 -4.32 -4.82
N ARG G 382 60.77 -3.15 -4.62
CA ARG G 382 60.04 -1.94 -4.29
C ARG G 382 60.53 -0.80 -5.18
N ILE G 383 59.62 0.15 -5.42
CA ILE G 383 59.90 1.33 -6.23
C ILE G 383 59.55 2.56 -5.41
N ASN G 384 60.47 3.49 -5.31
CA ASN G 384 60.29 4.71 -4.52
C ASN G 384 60.22 5.92 -5.45
N GLN G 385 59.25 6.78 -5.19
CA GLN G 385 59.13 8.02 -5.95
C GLN G 385 60.01 9.10 -5.32
N PRO G 386 60.91 9.73 -6.07
CA PRO G 386 61.81 10.71 -5.47
C PRO G 386 61.04 11.82 -4.78
N PRO G 387 61.67 12.56 -3.87
CA PRO G 387 60.91 13.59 -3.13
C PRO G 387 60.23 14.62 -4.01
N ASP G 388 60.87 15.04 -5.10
CA ASP G 388 60.29 16.09 -5.92
C ASP G 388 59.08 15.62 -6.72
N GLN G 389 59.10 14.38 -7.21
CA GLN G 389 58.03 13.90 -8.07
C GLN G 389 56.75 13.75 -7.28
N GLY G 390 55.63 14.08 -7.92
CA GLY G 390 54.33 13.99 -7.27
C GLY G 390 53.67 12.64 -7.36
N VAL G 391 53.48 12.13 -8.58
CA VAL G 391 52.91 10.81 -8.79
C VAL G 391 53.77 10.07 -9.82
N LYS G 392 53.66 8.74 -9.78
CA LYS G 392 54.48 7.85 -10.60
C LYS G 392 53.62 7.21 -11.67
N ILE G 393 53.99 7.42 -12.92
CA ILE G 393 53.31 6.83 -14.07
C ILE G 393 54.11 5.61 -14.51
N ILE G 394 53.53 4.43 -14.38
CA ILE G 394 54.20 3.18 -14.75
C ILE G 394 53.38 2.52 -15.85
N THR G 395 54.05 2.16 -16.94
CA THR G 395 53.39 1.66 -18.13
C THR G 395 53.22 0.15 -18.07
N LYS G 397 54.17 -2.41 -19.38
CA LYS G 397 55.33 -2.52 -20.26
C LYS G 397 56.54 -1.88 -19.61
N GLU G 398 56.43 -1.66 -18.30
CA GLU G 398 57.54 -1.35 -17.42
C GLU G 398 57.75 -2.45 -16.39
N CYS G 399 56.66 -2.90 -15.77
CA CYS G 399 56.66 -4.09 -14.93
C CYS G 399 55.50 -4.97 -15.37
N ASN G 400 55.79 -6.23 -15.69
CA ASN G 400 54.75 -7.16 -16.14
C ASN G 400 53.77 -7.54 -15.04
N THR G 401 54.01 -7.11 -13.81
CA THR G 401 53.05 -7.27 -12.73
C THR G 401 53.45 -6.29 -11.63
N ILE G 402 52.48 -5.55 -11.12
CA ILE G 402 52.72 -4.47 -10.16
C ILE G 402 51.88 -4.72 -8.93
N GLY G 403 52.43 -4.38 -7.77
CA GLY G 403 51.73 -4.57 -6.51
C GLY G 403 51.45 -3.26 -5.80
N ILE G 404 50.17 -2.99 -5.57
CA ILE G 404 49.74 -1.83 -4.79
C ILE G 404 49.28 -2.35 -3.44
N ASN G 405 49.97 -1.97 -2.38
CA ASN G 405 49.72 -2.50 -1.04
C ASN G 405 49.89 -4.01 -1.11
N GLY G 406 48.85 -4.81 -0.91
CA GLY G 406 48.99 -6.25 -0.94
C GLY G 406 48.74 -6.86 -2.30
N MET G 407 47.71 -6.40 -2.99
CA MET G 407 47.28 -7.01 -4.24
C MET G 407 48.20 -6.61 -5.39
N LEU G 408 48.32 -7.51 -6.37
CA LEU G 408 49.16 -7.31 -7.54
C LEU G 408 48.38 -7.69 -8.79
N PHE G 409 48.76 -7.11 -9.92
CA PHE G 409 47.98 -7.24 -11.14
C PHE G 409 48.90 -7.50 -12.34
N ASN G 410 48.30 -7.58 -13.52
CA ASN G 410 48.98 -8.15 -14.70
C ASN G 410 49.17 -7.16 -15.85
N THR G 411 48.85 -5.88 -15.66
CA THR G 411 49.27 -4.83 -16.60
C THR G 411 49.05 -5.16 -18.08
N ASN G 412 47.80 -5.08 -18.55
CA ASN G 412 47.35 -5.37 -19.95
C ASN G 412 48.32 -4.83 -21.01
N LYS G 413 48.67 -5.62 -22.04
CA LYS G 413 49.71 -5.31 -23.08
C LYS G 413 49.21 -4.50 -24.27
N GLU G 414 47.91 -4.32 -24.45
CA GLU G 414 47.34 -3.55 -25.59
C GLU G 414 47.00 -2.11 -25.20
N GLY G 415 47.37 -1.67 -23.97
CA GLY G 415 47.10 -0.31 -23.47
C GLY G 415 47.88 0.74 -24.23
N THR G 416 47.37 1.96 -24.29
CA THR G 416 47.97 3.10 -25.02
C THR G 416 48.68 4.09 -24.06
N LEU G 417 48.87 3.72 -22.79
CA LEU G 417 49.54 4.60 -21.79
C LEU G 417 50.99 4.84 -22.21
N ALA G 418 51.53 6.02 -21.92
CA ALA G 418 52.93 6.38 -22.26
C ALA G 418 53.63 6.93 -21.01
N PHE G 419 54.90 6.62 -20.79
CA PHE G 419 55.70 7.10 -19.67
C PHE G 419 56.32 8.45 -20.00
N ILE G 425 57.62 20.58 -12.21
CA ILE G 425 56.23 21.01 -12.19
C ILE G 425 55.99 21.69 -10.86
N THR G 426 55.62 22.96 -10.91
CA THR G 426 55.28 23.74 -9.73
C THR G 426 53.86 24.26 -9.90
N LEU G 427 52.99 23.95 -8.93
CA LEU G 427 51.59 24.35 -9.04
C LEU G 427 51.43 25.83 -8.72
N ASN G 428 51.99 26.29 -7.61
CA ASN G 428 52.15 27.71 -7.32
C ASN G 428 50.82 28.44 -7.14
N ASN G 429 49.75 27.73 -6.81
CA ASN G 429 48.45 28.38 -6.56
C ASN G 429 47.71 27.57 -5.50
N SER G 430 47.84 27.99 -4.25
CA SER G 430 47.21 27.32 -3.12
C SER G 430 45.82 27.89 -2.92
N VAL G 431 44.87 27.03 -2.56
CA VAL G 431 43.50 27.45 -2.31
C VAL G 431 43.01 26.80 -1.02
N ALA G 432 42.08 27.48 -0.37
CA ALA G 432 41.38 26.96 0.81
C ALA G 432 39.88 27.03 0.57
N LEU G 433 39.16 26.02 1.05
CA LEU G 433 37.73 25.89 0.80
C LEU G 433 36.90 26.08 2.07
N ASP G 434 37.44 26.76 3.08
CA ASP G 434 36.72 26.98 4.33
C ASP G 434 36.78 28.47 4.68
N PRO G 435 35.65 29.10 4.99
CA PRO G 435 35.68 30.54 5.27
C PRO G 435 36.55 30.92 6.46
N ILE G 436 36.72 30.02 7.43
CA ILE G 436 37.51 30.37 8.60
C ILE G 436 38.93 30.58 8.10
N ASP G 437 39.42 29.67 7.26
CA ASP G 437 40.80 29.77 6.81
C ASP G 437 41.09 31.15 6.18
N ILE G 438 40.23 31.54 5.24
CA ILE G 438 40.29 32.90 4.71
C ILE G 438 40.20 34.03 5.72
N SER G 439 39.37 33.87 6.75
CA SER G 439 39.23 34.93 7.74
C SER G 439 40.54 35.19 8.47
N ILE G 440 41.21 34.13 8.94
CA ILE G 440 42.47 34.34 9.63
C ILE G 440 43.52 34.92 8.69
N GLU G 441 43.51 34.50 7.42
CA GLU G 441 44.47 35.07 6.47
C GLU G 441 44.23 36.57 6.31
N LEU G 442 42.97 36.97 6.17
CA LEU G 442 42.65 38.40 6.08
C LEU G 442 43.11 39.12 7.34
N ASN G 443 42.91 38.51 8.50
CA ASN G 443 43.35 39.14 9.74
C ASN G 443 44.84 39.41 9.71
N LYS G 444 45.62 38.43 9.23
CA LYS G 444 47.06 38.63 9.11
C LYS G 444 47.38 39.76 8.16
N VAL G 445 46.70 39.83 7.02
CA VAL G 445 46.95 40.92 6.07
C VAL G 445 46.66 42.26 6.71
N LYS G 446 45.52 42.35 7.42
CA LYS G 446 45.17 43.61 8.07
C LYS G 446 46.27 44.03 9.03
N SER G 447 46.70 43.11 9.90
CA SER G 447 47.72 43.45 10.88
C SER G 447 49.02 43.87 10.20
N ASP G 448 49.40 43.16 9.13
CA ASP G 448 50.62 43.51 8.42
C ASP G 448 50.54 44.92 7.87
N LEU G 449 49.42 45.29 7.27
CA LEU G 449 49.34 46.63 6.70
C LEU G 449 49.29 47.70 7.78
N GLU G 450 48.65 47.44 8.93
CA GLU G 450 48.72 48.44 10.00
C GLU G 450 50.16 48.62 10.45
N GLU G 451 50.89 47.51 10.58
CA GLU G 451 52.31 47.62 10.96
C GLU G 451 53.09 48.40 9.91
N SER G 452 52.71 48.27 8.64
CA SER G 452 53.51 48.86 7.56
C SER G 452 53.64 50.37 7.72
N LYS G 453 52.53 51.05 8.04
CA LYS G 453 52.51 52.50 8.13
C LYS G 453 52.48 52.99 9.58
N GLU G 454 52.88 52.15 10.53
CA GLU G 454 52.95 52.54 11.93
C GLU G 454 54.32 52.21 12.52
N GLN H 1 43.18 15.07 24.78
CA GLN H 1 43.82 16.23 25.38
C GLN H 1 42.87 17.41 25.42
N ILE H 2 41.58 17.13 25.55
CA ILE H 2 40.56 18.16 25.69
C ILE H 2 40.53 18.61 27.13
N ASP H 3 40.36 19.91 27.35
CA ASP H 3 40.36 20.49 28.69
C ASP H 3 38.96 21.08 28.93
N ILE H 4 38.07 20.24 29.44
CA ILE H 4 36.65 20.60 29.51
C ILE H 4 36.43 21.74 30.50
N THR H 5 37.11 21.69 31.65
CA THR H 5 36.83 22.68 32.70
C THR H 5 37.15 24.10 32.22
N LYS H 6 38.28 24.27 31.54
CA LYS H 6 38.69 25.61 31.14
C LYS H 6 37.79 26.17 30.05
N LEU H 7 37.34 25.33 29.13
CA LEU H 7 36.57 25.82 28.00
C LEU H 7 35.26 26.46 28.42
N GLN H 8 34.71 26.06 29.56
CA GLN H 8 33.41 26.59 29.99
C GLN H 8 33.43 28.10 30.17
N HIS H 9 34.60 28.69 30.44
CA HIS H 9 34.68 30.13 30.58
C HIS H 9 34.41 30.86 29.26
N VAL H 10 34.38 30.15 28.14
CA VAL H 10 34.18 30.76 26.84
C VAL H 10 32.81 30.46 26.25
N GLY H 11 32.12 29.44 26.75
CA GLY H 11 30.81 29.05 26.23
C GLY H 11 30.77 27.66 25.64
N VAL H 12 31.92 27.10 25.27
CA VAL H 12 31.96 25.78 24.65
C VAL H 12 31.72 24.73 25.72
N LEU H 13 30.78 23.83 25.46
CA LEU H 13 30.44 22.74 26.37
C LEU H 13 30.59 21.41 25.65
N VAL H 14 31.22 20.45 26.31
CA VAL H 14 31.53 19.15 25.72
C VAL H 14 30.78 18.06 26.49
N ASN H 15 30.04 17.23 25.76
CA ASN H 15 29.29 16.14 26.34
C ASN H 15 30.22 14.98 26.70
N SER H 16 29.68 14.01 27.45
CA SER H 16 30.47 12.88 27.90
C SER H 16 30.93 12.05 26.70
N PRO H 17 32.01 11.29 26.85
CA PRO H 17 32.67 10.65 25.70
C PRO H 17 31.90 9.42 25.21
N LYS H 18 32.42 8.84 24.13
CA LYS H 18 31.90 7.61 23.56
C LYS H 18 32.98 7.01 22.67
N GLY H 19 32.95 5.69 22.52
CA GLY H 19 33.93 4.97 21.74
C GLY H 19 33.58 4.90 20.27
N MET H 20 34.38 4.14 19.53
CA MET H 20 34.19 3.97 18.10
C MET H 20 34.29 2.50 17.72
N LYS H 21 33.51 2.12 16.71
CA LYS H 21 33.56 0.79 16.11
C LYS H 21 33.72 0.95 14.61
N ILE H 22 34.58 0.13 14.01
CA ILE H 22 34.81 0.15 12.57
C ILE H 22 34.83 -1.27 12.05
N SER H 23 34.52 -1.41 10.76
CA SER H 23 34.46 -2.70 10.08
C SER H 23 35.58 -2.75 9.04
N GLN H 24 36.54 -3.66 9.24
CA GLN H 24 37.69 -3.79 8.37
C GLN H 24 37.65 -5.03 7.48
N ASN H 25 37.08 -6.12 7.97
CA ASN H 25 37.00 -7.37 7.21
C ASN H 25 35.55 -7.80 7.13
N PHE H 26 35.12 -8.17 5.93
CA PHE H 26 33.76 -8.62 5.68
C PHE H 26 33.70 -10.14 5.55
N GLU H 27 32.51 -10.68 5.73
CA GLU H 27 32.22 -12.08 5.46
C GLU H 27 31.26 -12.16 4.29
N THR H 28 31.62 -12.91 3.26
CA THR H 28 30.85 -12.96 2.02
C THR H 28 29.96 -14.19 2.03
N ARG H 29 28.68 -13.99 1.71
CA ARG H 29 27.73 -15.07 1.56
C ARG H 29 26.90 -14.82 0.31
N TYR H 30 26.35 -15.90 -0.25
CA TYR H 30 25.67 -15.84 -1.54
C TYR H 30 24.19 -16.16 -1.38
N LEU H 31 23.37 -15.37 -2.07
CA LEU H 31 21.91 -15.46 -2.01
C LEU H 31 21.37 -15.67 -3.42
N ILE H 32 20.59 -16.73 -3.60
CA ILE H 32 20.02 -17.07 -4.89
C ILE H 32 18.51 -16.96 -4.77
N LEU H 33 17.91 -16.18 -5.67
CA LEU H 33 16.48 -15.87 -5.64
C LEU H 33 15.80 -16.60 -6.80
N SER H 34 15.20 -17.74 -6.49
CA SER H 34 14.43 -18.49 -7.48
C SER H 34 13.00 -18.00 -7.49
N LEU H 35 12.58 -17.40 -8.60
CA LEU H 35 11.33 -16.65 -8.66
C LEU H 35 10.14 -17.49 -9.10
N ILE H 36 10.35 -18.75 -9.46
CA ILE H 36 9.29 -19.63 -9.94
C ILE H 36 9.06 -20.71 -8.89
N PRO H 37 7.92 -20.73 -8.20
CA PRO H 37 7.68 -21.79 -7.23
C PRO H 37 7.45 -23.13 -7.91
N LYS H 38 7.62 -24.20 -7.14
CA LYS H 38 7.39 -25.56 -7.62
C LYS H 38 6.22 -26.16 -6.86
N ILE H 39 5.22 -26.64 -7.61
CA ILE H 39 4.06 -27.29 -7.04
C ILE H 39 4.26 -28.79 -7.18
N GLU H 40 4.29 -29.51 -6.05
CA GLU H 40 4.78 -30.87 -6.01
C GLU H 40 4.02 -31.81 -6.94
N ASP H 41 2.75 -32.04 -6.66
CA ASP H 41 1.98 -33.04 -7.41
C ASP H 41 0.53 -32.52 -7.44
N SER H 42 0.20 -31.80 -8.52
CA SER H 42 -1.11 -31.19 -8.64
C SER H 42 -1.66 -31.28 -10.06
N ASN H 43 -1.18 -32.22 -10.86
CA ASN H 43 -1.64 -32.36 -12.24
C ASN H 43 -1.51 -31.05 -13.00
N SER H 44 -0.42 -30.34 -12.76
CA SER H 44 -0.15 -29.07 -13.43
C SER H 44 -1.30 -28.09 -13.25
N CYS H 45 -1.78 -27.96 -12.00
CA CYS H 45 -2.86 -27.04 -11.70
C CYS H 45 -2.24 -25.71 -11.27
N GLY H 46 -2.17 -24.77 -12.21
CA GLY H 46 -1.47 -23.52 -12.00
C GLY H 46 -0.51 -23.23 -13.13
N ASP H 47 -0.38 -24.10 -14.13
CA ASP H 47 0.52 -23.81 -15.24
C ASP H 47 0.07 -22.56 -16.00
N GLN H 48 -1.23 -22.42 -16.23
CA GLN H 48 -1.72 -21.21 -16.88
C GLN H 48 -1.38 -19.93 -16.12
N GLN H 49 -1.54 -19.94 -14.80
CA GLN H 49 -1.19 -18.78 -14.00
C GLN H 49 0.32 -18.53 -14.03
N ILE H 50 1.12 -19.58 -13.94
CA ILE H 50 2.57 -19.41 -13.96
C ILE H 50 3.09 -18.81 -15.26
N LYS H 51 2.50 -19.20 -16.40
CA LYS H 51 2.92 -18.61 -17.67
C LYS H 51 2.54 -17.13 -17.76
N GLN H 52 1.38 -16.77 -17.22
CA GLN H 52 1.00 -15.36 -17.15
C GLN H 52 2.00 -14.66 -16.24
N TYR H 53 2.31 -15.27 -15.10
CA TYR H 53 3.31 -14.71 -14.20
C TYR H 53 4.66 -14.60 -14.89
N LYS H 54 5.03 -15.61 -15.67
CA LYS H 54 6.30 -15.57 -16.38
C LYS H 54 6.33 -14.44 -17.40
N ARG H 55 5.24 -14.25 -18.14
CA ARG H 55 5.18 -13.18 -19.11
C ARG H 55 5.28 -11.82 -18.42
N LEU H 56 4.61 -11.68 -17.27
CA LEU H 56 4.71 -10.44 -16.52
C LEU H 56 6.13 -10.21 -16.02
N LEU H 57 6.80 -11.27 -15.57
CA LEU H 57 8.16 -11.15 -15.03
C LEU H 57 9.16 -10.81 -16.12
N ASP H 58 8.93 -11.29 -17.34
CA ASP H 58 9.86 -11.01 -18.42
C ASP H 58 9.96 -9.51 -18.71
N ARG H 59 9.00 -8.72 -18.25
CA ARG H 59 9.08 -7.27 -18.39
C ARG H 59 10.05 -6.65 -17.40
N LEU H 60 10.43 -7.37 -16.35
CA LEU H 60 11.37 -6.88 -15.36
C LEU H 60 12.74 -7.55 -15.43
N ILE H 61 12.79 -8.81 -15.84
CA ILE H 61 14.08 -9.50 -15.85
C ILE H 61 14.88 -9.18 -17.11
N ILE H 62 14.23 -9.00 -18.25
CA ILE H 62 14.97 -8.73 -19.48
C ILE H 62 15.76 -7.43 -19.39
N PRO H 63 15.20 -6.31 -18.96
CA PRO H 63 16.02 -5.10 -18.82
C PRO H 63 17.18 -5.26 -17.87
N LEU H 64 17.03 -6.06 -16.81
CA LEU H 64 18.13 -6.26 -15.87
C LEU H 64 19.33 -6.91 -16.55
N TYR H 65 19.08 -7.92 -17.39
CA TYR H 65 20.18 -8.60 -18.05
C TYR H 65 20.91 -7.67 -19.00
N ASP H 66 20.17 -6.82 -19.72
CA ASP H 66 20.79 -5.93 -20.70
C ASP H 66 21.67 -4.89 -20.01
N GLY H 67 21.25 -4.40 -18.85
CA GLY H 67 22.07 -3.47 -18.11
C GLY H 67 23.36 -4.11 -17.60
N LEU H 68 23.26 -5.34 -17.12
CA LEU H 68 24.44 -6.04 -16.62
C LEU H 68 25.45 -6.27 -17.74
N LYS H 69 24.98 -6.69 -18.92
CA LYS H 69 25.89 -6.93 -20.03
C LYS H 69 26.54 -5.65 -20.54
N LEU H 70 25.96 -4.50 -20.26
CA LEU H 70 26.52 -3.22 -20.67
C LEU H 70 27.46 -2.63 -19.63
N GLN H 71 27.67 -3.31 -18.50
CA GLN H 71 28.55 -2.81 -17.46
C GLN H 71 30.00 -3.11 -17.81
N LYS H 72 30.83 -2.07 -17.79
CA LYS H 72 32.25 -2.26 -18.08
C LYS H 72 32.94 -2.99 -16.95
N ASP H 73 33.95 -3.78 -17.32
CA ASP H 73 34.73 -4.57 -16.35
C ASP H 73 36.03 -3.85 -16.05
N VAL H 74 36.31 -3.63 -14.77
CA VAL H 74 37.49 -2.87 -14.38
C VAL H 74 38.75 -3.67 -14.64
N ILE H 75 38.73 -4.96 -14.35
CA ILE H 75 39.88 -5.84 -14.56
C ILE H 75 39.38 -7.13 -15.19
N VAL H 76 40.05 -7.57 -16.25
CA VAL H 76 39.66 -8.76 -17.00
C VAL H 76 40.53 -9.93 -16.57
N THR H 77 39.91 -11.05 -16.29
CA THR H 77 40.61 -12.25 -15.84
C THR H 77 41.03 -13.12 -17.02
N VAL H 96 46.68 -12.96 -11.62
CA VAL H 96 46.75 -12.74 -10.19
C VAL H 96 46.86 -11.25 -9.90
N ILE H 97 45.75 -10.59 -9.53
CA ILE H 97 44.38 -11.09 -9.45
C ILE H 97 43.77 -11.13 -10.85
N GLY H 98 44.31 -10.34 -11.79
CA GLY H 98 43.84 -10.30 -13.19
C GLY H 98 44.68 -9.34 -13.99
N THR H 99 44.12 -8.76 -15.05
CA THR H 99 44.77 -7.75 -15.93
C THR H 99 44.03 -6.43 -15.66
N ILE H 100 44.71 -5.31 -15.83
CA ILE H 100 44.24 -3.94 -15.46
C ILE H 100 42.97 -3.47 -16.17
N ALA H 101 42.82 -3.75 -17.48
CA ALA H 101 41.73 -3.39 -18.43
C ALA H 101 41.92 -1.94 -18.88
N LEU H 102 41.21 -1.51 -19.92
CA LEU H 102 41.36 -0.16 -20.52
C LEU H 102 40.15 0.69 -20.12
N GLY H 103 40.31 1.96 -19.76
CA GLY H 103 39.19 2.80 -19.30
C GLY H 103 39.72 3.83 -18.32
N VAL H 104 39.07 4.00 -17.15
CA VAL H 104 39.51 4.83 -15.98
C VAL H 104 38.78 4.26 -14.75
N ALA H 105 39.48 3.91 -13.67
CA ALA H 105 38.82 3.43 -12.45
C ALA H 105 39.66 3.85 -11.25
N THR H 106 38.99 4.38 -10.24
CA THR H 106 39.67 4.92 -9.06
C THR H 106 39.76 3.83 -7.98
N SER H 107 40.21 4.21 -6.79
CA SER H 107 40.40 3.23 -5.72
C SER H 107 39.08 2.61 -5.29
N ALA H 108 38.01 3.41 -5.23
CA ALA H 108 36.73 2.91 -4.75
C ALA H 108 36.13 1.86 -5.69
N GLN H 109 36.54 1.84 -6.95
CA GLN H 109 36.02 0.84 -7.89
C GLN H 109 36.78 -0.47 -7.81
N ILE H 110 38.04 -0.41 -7.38
CA ILE H 110 38.89 -1.60 -7.42
C ILE H 110 38.41 -2.63 -6.41
N THR H 111 37.90 -2.17 -5.26
CA THR H 111 37.37 -3.10 -4.26
C THR H 111 36.17 -3.85 -4.80
N ALA H 112 35.26 -3.15 -5.48
CA ALA H 112 34.13 -3.82 -6.11
C ALA H 112 34.60 -4.79 -7.18
N ALA H 113 35.64 -4.41 -7.93
CA ALA H 113 36.17 -5.31 -8.94
C ALA H 113 36.72 -6.59 -8.31
N VAL H 114 37.41 -6.45 -7.19
CA VAL H 114 37.97 -7.63 -6.52
C VAL H 114 36.86 -8.54 -6.01
N ALA H 115 35.81 -7.94 -5.43
CA ALA H 115 34.68 -8.75 -5.00
C ALA H 115 34.05 -9.49 -6.18
N LEU H 116 33.91 -8.81 -7.31
CA LEU H 116 33.33 -9.45 -8.50
C LEU H 116 34.22 -10.61 -8.97
N VAL H 117 35.53 -10.43 -8.91
CA VAL H 117 36.43 -11.50 -9.34
C VAL H 117 36.31 -12.69 -8.41
N GLU H 118 36.16 -12.45 -7.11
CA GLU H 118 35.94 -13.56 -6.18
C GLU H 118 34.66 -14.32 -6.52
N ALA H 119 33.59 -13.58 -6.83
CA ALA H 119 32.35 -14.24 -7.24
C ALA H 119 32.57 -15.06 -8.51
N LYS H 120 33.35 -14.53 -9.45
CA LYS H 120 33.65 -15.25 -10.67
C LYS H 120 34.37 -16.56 -10.37
N GLN H 121 35.29 -16.53 -9.41
CA GLN H 121 35.97 -17.75 -9.01
C GLN H 121 35.01 -18.76 -8.38
N ALA H 122 34.03 -18.29 -7.60
CA ALA H 122 33.09 -19.21 -6.95
C ALA H 122 32.00 -19.72 -7.89
N LYS H 123 31.87 -19.11 -9.06
CA LYS H 123 30.80 -19.46 -10.00
C LYS H 123 30.67 -20.98 -10.13
N SER H 124 31.79 -21.71 -10.15
CA SER H 124 31.71 -23.15 -10.40
C SER H 124 30.85 -23.86 -9.35
N ASP H 125 31.20 -23.68 -8.07
CA ASP H 125 30.40 -24.30 -7.02
C ASP H 125 28.99 -23.74 -6.94
N ILE H 126 28.80 -22.45 -7.26
CA ILE H 126 27.44 -21.93 -7.28
C ILE H 126 26.60 -22.72 -8.28
N GLU H 127 27.15 -22.99 -9.46
CA GLU H 127 26.41 -23.73 -10.48
C GLU H 127 26.14 -25.17 -10.03
N LYS H 128 27.12 -25.80 -9.38
CA LYS H 128 26.90 -27.15 -8.88
C LYS H 128 25.74 -27.20 -7.89
N LEU H 129 25.71 -26.22 -6.98
CA LEU H 129 24.62 -26.16 -6.02
C LEU H 129 23.28 -25.92 -6.71
N LYS H 130 23.27 -25.02 -7.70
CA LYS H 130 22.05 -24.79 -8.46
C LYS H 130 21.54 -26.08 -9.08
N GLU H 131 22.44 -26.87 -9.69
CA GLU H 131 22.05 -28.15 -10.25
C GLU H 131 21.47 -29.05 -9.18
N ALA H 132 22.08 -29.06 -8.00
CA ALA H 132 21.57 -29.91 -6.92
C ALA H 132 20.14 -29.54 -6.53
N ILE H 133 19.85 -28.25 -6.46
CA ILE H 133 18.56 -27.78 -5.95
C ILE H 133 17.53 -27.56 -7.05
N ARG H 134 17.90 -27.82 -8.32
CA ARG H 134 16.98 -27.55 -9.43
C ARG H 134 15.54 -27.88 -9.08
N ASP H 135 15.28 -29.09 -8.57
CA ASP H 135 13.92 -29.51 -8.19
C ASP H 135 13.93 -29.86 -6.71
N THR H 136 13.11 -29.13 -5.94
CA THR H 136 12.96 -29.34 -4.52
C THR H 136 11.95 -28.34 -3.99
N ASN H 137 11.26 -28.69 -2.90
CA ASN H 137 10.19 -27.87 -2.37
C ASN H 137 10.59 -27.03 -1.16
N LYS H 138 11.84 -27.13 -0.69
CA LYS H 138 12.24 -26.41 0.51
C LYS H 138 12.26 -24.91 0.25
N ALA H 139 11.82 -24.14 1.24
CA ALA H 139 11.81 -22.69 1.11
C ALA H 139 13.21 -22.11 1.24
N VAL H 140 14.00 -22.60 2.20
CA VAL H 140 15.36 -22.15 2.42
C VAL H 140 16.25 -23.38 2.57
N GLN H 141 17.34 -23.41 1.82
CA GLN H 141 18.35 -24.45 1.93
C GLN H 141 19.66 -23.86 2.39
N SER H 142 20.64 -24.73 2.66
CA SER H 142 21.96 -24.30 3.08
C SER H 142 22.95 -25.41 2.82
N VAL H 143 24.05 -25.09 2.14
CA VAL H 143 25.12 -26.06 1.93
C VAL H 143 26.48 -25.37 2.04
N ILE H 151 25.67 -22.55 0.45
CA ILE H 151 25.08 -21.23 0.66
C ILE H 151 23.57 -21.36 0.67
N VAL H 152 22.86 -20.24 0.79
CA VAL H 152 21.43 -20.23 1.08
C VAL H 152 20.65 -19.82 -0.17
N ALA H 153 19.55 -20.52 -0.42
CA ALA H 153 18.71 -20.29 -1.59
C ALA H 153 17.24 -20.20 -1.18
N ILE H 154 16.53 -19.23 -1.76
CA ILE H 154 15.12 -19.02 -1.49
C ILE H 154 14.34 -19.23 -2.78
N LYS H 155 13.04 -19.52 -2.64
CA LYS H 155 12.17 -19.79 -3.78
C LYS H 155 10.85 -19.04 -3.63
N SER H 156 10.81 -17.81 -4.15
CA SER H 156 9.57 -17.06 -4.35
C SER H 156 8.56 -17.29 -3.22
N VAL H 157 7.30 -17.52 -3.56
CA VAL H 157 6.26 -17.80 -2.57
C VAL H 157 6.14 -19.32 -2.50
N GLN H 158 6.93 -19.92 -1.61
CA GLN H 158 6.92 -21.36 -1.42
C GLN H 158 6.19 -21.79 -0.16
N ASP H 159 6.40 -21.05 0.94
CA ASP H 159 5.70 -21.37 2.18
C ASP H 159 4.20 -21.26 2.00
N TYR H 160 3.74 -20.18 1.36
CA TYR H 160 2.32 -20.01 1.11
C TYR H 160 1.76 -21.18 0.31
N VAL H 161 2.46 -21.53 -0.79
CA VAL H 161 2.01 -22.65 -1.62
C VAL H 161 1.86 -23.89 -0.77
N ASN H 162 2.96 -24.37 -0.20
CA ASN H 162 2.95 -25.63 0.53
C ASN H 162 2.03 -25.61 1.74
N LYS H 163 1.68 -24.42 2.24
CA LYS H 163 0.84 -24.38 3.44
C LYS H 163 -0.64 -24.44 3.08
N GLU H 164 -1.08 -23.68 2.09
CA GLU H 164 -2.51 -23.67 1.78
C GLU H 164 -2.86 -24.03 0.35
N ILE H 165 -2.09 -23.61 -0.64
CA ILE H 165 -2.57 -23.74 -2.02
C ILE H 165 -2.63 -25.21 -2.42
N VAL H 166 -1.57 -25.97 -2.13
CA VAL H 166 -1.58 -27.40 -2.46
C VAL H 166 -2.65 -28.14 -1.66
N PRO H 167 -2.74 -27.99 -0.33
CA PRO H 167 -3.82 -28.67 0.39
C PRO H 167 -5.22 -28.28 -0.06
N SER H 168 -5.42 -27.01 -0.43
CA SER H 168 -6.76 -26.56 -0.79
C SER H 168 -7.22 -27.04 -2.15
N ILE H 169 -6.30 -27.54 -2.99
CA ILE H 169 -6.71 -28.07 -4.28
C ILE H 169 -7.66 -29.24 -4.11
N ALA H 170 -7.57 -29.94 -2.97
CA ALA H 170 -8.41 -31.11 -2.71
C ALA H 170 -9.78 -30.75 -2.19
N ARG H 171 -10.05 -29.49 -1.87
CA ARG H 171 -11.32 -29.06 -1.33
C ARG H 171 -12.04 -28.06 -2.23
N LEU H 172 -11.35 -27.03 -2.68
CA LEU H 172 -11.97 -25.98 -3.48
C LEU H 172 -11.83 -26.19 -4.97
N GLY H 173 -11.10 -27.21 -5.42
CA GLY H 173 -10.87 -27.42 -6.84
C GLY H 173 -9.81 -26.49 -7.37
N CYS H 174 -9.48 -26.68 -8.65
CA CYS H 174 -8.39 -25.91 -9.25
C CYS H 174 -8.82 -24.53 -9.72
N GLU H 175 -10.12 -24.27 -9.85
CA GLU H 175 -10.54 -22.92 -10.25
C GLU H 175 -10.26 -21.92 -9.14
N ALA H 176 -10.78 -22.17 -7.95
CA ALA H 176 -10.54 -21.27 -6.83
C ALA H 176 -9.06 -21.28 -6.43
N ALA H 177 -8.44 -22.46 -6.45
CA ALA H 177 -7.02 -22.53 -6.12
C ALA H 177 -6.19 -21.71 -7.11
N GLY H 178 -6.49 -21.83 -8.40
CA GLY H 178 -5.77 -21.04 -9.39
C GLY H 178 -6.01 -19.56 -9.21
N LEU H 179 -7.24 -19.16 -8.87
CA LEU H 179 -7.52 -17.76 -8.64
C LEU H 179 -6.70 -17.15 -7.51
N GLN H 180 -6.62 -17.84 -6.38
CA GLN H 180 -5.82 -17.35 -5.27
C GLN H 180 -4.32 -17.36 -5.59
N LEU H 181 -3.88 -18.38 -6.34
CA LEU H 181 -2.48 -18.45 -6.74
C LEU H 181 -2.19 -17.23 -7.59
N GLY H 182 -3.09 -16.90 -8.51
CA GLY H 182 -2.88 -15.73 -9.34
C GLY H 182 -2.86 -14.45 -8.54
N ILE H 183 -3.78 -14.32 -7.58
CA ILE H 183 -3.78 -13.14 -6.72
C ILE H 183 -2.44 -13.04 -5.98
N ALA H 184 -1.98 -14.16 -5.44
CA ALA H 184 -0.73 -14.13 -4.67
C ALA H 184 0.45 -13.75 -5.55
N LEU H 185 0.53 -14.31 -6.76
CA LEU H 185 1.67 -14.03 -7.62
C LEU H 185 1.62 -12.59 -8.13
N THR H 186 0.43 -12.06 -8.40
CA THR H 186 0.33 -10.67 -8.79
C THR H 186 0.80 -9.76 -7.66
N GLN H 187 0.41 -10.09 -6.43
CA GLN H 187 0.88 -9.29 -5.30
C GLN H 187 2.39 -9.38 -5.15
N HIS H 188 2.96 -10.57 -5.35
CA HIS H 188 4.41 -10.72 -5.25
C HIS H 188 5.13 -9.92 -6.33
N TYR H 189 4.61 -9.94 -7.55
CA TYR H 189 5.20 -9.14 -8.61
C TYR H 189 5.12 -7.65 -8.29
N SER H 190 3.99 -7.21 -7.73
CA SER H 190 3.87 -5.81 -7.32
C SER H 190 4.88 -5.48 -6.25
N GLU H 191 5.10 -6.39 -5.29
CA GLU H 191 6.11 -6.17 -4.27
C GLU H 191 7.48 -6.02 -4.89
N LEU H 192 7.82 -6.92 -5.81
CA LEU H 192 8.95 -6.65 -6.69
C LEU H 192 8.61 -5.47 -7.60
N THR H 193 9.62 -4.98 -8.31
CA THR H 193 9.54 -3.74 -9.08
C THR H 193 9.48 -2.55 -8.15
N ASN H 194 9.44 -2.80 -6.83
CA ASN H 194 9.74 -1.80 -5.83
C ASN H 194 11.14 -1.96 -5.26
N CYS H 195 11.65 -3.19 -5.13
CA CYS H 195 13.03 -3.44 -4.66
C CYS H 195 14.01 -3.22 -5.82
N PHE H 196 13.60 -3.57 -7.04
CA PHE H 196 14.45 -3.51 -8.27
C PHE H 196 14.09 -2.35 -9.20
N GLY H 197 13.26 -1.41 -8.76
CA GLY H 197 12.84 -0.25 -9.58
C GLY H 197 13.71 0.96 -9.34
N GLY H 207 22.35 0.04 -6.34
CA GLY H 207 22.24 -1.25 -5.64
C GLY H 207 20.88 -1.42 -5.00
N ILE H 208 20.63 -2.58 -4.38
CA ILE H 208 19.35 -2.93 -3.72
C ILE H 208 19.57 -2.94 -2.19
N LYS H 209 18.73 -2.26 -1.41
CA LYS H 209 18.86 -2.23 0.07
C LYS H 209 18.60 -3.64 0.61
N LEU H 210 19.38 -4.11 1.59
CA LEU H 210 19.23 -5.48 2.16
C LEU H 210 17.88 -5.60 2.85
N GLN H 211 17.44 -4.53 3.48
CA GLN H 211 16.17 -4.53 4.24
C GLN H 211 15.02 -4.84 3.30
N CYS H 212 14.97 -4.25 2.10
CA CYS H 212 13.89 -4.44 1.09
C CYS H 212 13.64 -5.94 0.91
N ILE H 213 14.72 -6.71 0.83
CA ILE H 213 14.72 -8.15 0.56
C ILE H 213 14.22 -8.86 1.80
N ALA H 214 14.69 -8.45 2.98
CA ALA H 214 14.20 -9.05 4.21
C ALA H 214 12.72 -8.76 4.41
N SER H 215 12.23 -7.66 3.85
CA SER H 215 10.79 -7.38 3.90
C SER H 215 10.01 -8.27 2.93
N LEU H 216 10.56 -8.48 1.73
CA LEU H 216 9.88 -9.30 0.73
C LEU H 216 9.55 -10.66 1.30
N TYR H 217 10.55 -11.34 1.86
CA TYR H 217 10.35 -12.61 2.54
C TYR H 217 10.30 -12.34 4.04
N ARG H 218 9.21 -12.75 4.69
CA ARG H 218 8.93 -12.34 6.05
C ARG H 218 9.90 -13.05 7.00
N THR H 219 11.13 -12.53 7.05
CA THR H 219 12.17 -13.11 7.88
C THR H 219 13.09 -12.00 8.38
N ASN H 220 13.78 -12.29 9.48
CA ASN H 220 14.83 -11.41 9.98
C ASN H 220 16.13 -11.68 9.24
N ILE H 221 17.10 -10.78 9.44
CA ILE H 221 18.43 -11.02 8.90
C ILE H 221 19.09 -12.19 9.60
N THR H 222 18.81 -12.38 10.88
CA THR H 222 19.44 -13.47 11.64
C THR H 222 19.01 -14.82 11.09
N GLU H 223 17.73 -14.99 10.75
CA GLU H 223 17.25 -16.28 10.30
C GLU H 223 17.86 -16.69 8.96
N ILE H 224 18.08 -15.73 8.06
CA ILE H 224 18.63 -16.06 6.75
C ILE H 224 20.03 -16.64 6.88
N PHE H 225 20.86 -16.04 7.74
CA PHE H 225 22.26 -16.43 7.86
C PHE H 225 22.54 -17.02 9.23
N THR H 226 21.69 -17.94 9.69
CA THR H 226 21.80 -18.44 11.06
C THR H 226 23.21 -18.89 11.39
N THR H 227 23.82 -19.68 10.51
CA THR H 227 25.17 -20.19 10.75
C THR H 227 26.20 -19.16 10.28
N SER H 228 26.22 -18.04 10.99
CA SER H 228 27.16 -16.96 10.71
C SER H 228 27.43 -16.21 12.00
N THR H 229 28.17 -15.10 11.90
CA THR H 229 28.50 -14.27 13.05
C THR H 229 27.40 -13.28 13.40
N VAL H 230 26.31 -13.24 12.63
CA VAL H 230 25.25 -12.27 12.90
C VAL H 230 24.61 -12.50 14.26
N ASP H 231 24.79 -13.67 14.85
CA ASP H 231 24.15 -13.95 16.13
C ASP H 231 24.68 -13.04 17.23
N LYS H 232 25.97 -12.72 17.18
CA LYS H 232 26.61 -11.90 18.21
C LYS H 232 26.58 -10.42 17.82
N TYR H 233 25.36 -9.90 17.70
CA TYR H 233 25.12 -8.50 17.37
C TYR H 233 24.10 -7.94 18.34
N ASP H 234 24.23 -6.65 18.66
CA ASP H 234 23.29 -5.97 19.54
C ASP H 234 22.23 -5.26 18.70
N ILE H 235 21.35 -4.51 19.38
CA ILE H 235 20.27 -3.82 18.68
C ILE H 235 20.84 -2.79 17.70
N TYR H 236 21.87 -2.05 18.12
CA TYR H 236 22.46 -1.03 17.26
C TYR H 236 23.36 -1.54 16.14
N ASP H 237 23.84 -2.78 16.24
CA ASP H 237 24.68 -3.32 15.16
C ASP H 237 23.89 -3.80 13.94
N LEU H 238 22.71 -4.37 14.16
CA LEU H 238 21.89 -4.81 13.04
C LEU H 238 21.48 -3.59 12.22
N LEU H 239 21.42 -2.42 12.84
CA LEU H 239 20.99 -1.22 12.14
C LEU H 239 22.06 -0.89 11.11
N PHE H 240 23.33 -1.08 11.44
CA PHE H 240 24.40 -0.80 10.48
C PHE H 240 24.36 -1.78 9.31
N THR H 241 24.11 -3.06 9.60
CA THR H 241 24.11 -4.06 8.54
C THR H 241 22.96 -3.85 7.55
N GLU H 242 21.98 -3.02 7.89
CA GLU H 242 20.85 -2.79 7.01
C GLU H 242 21.08 -1.65 6.01
N SER H 243 22.17 -0.91 6.14
CA SER H 243 22.45 0.20 5.23
C SER H 243 23.37 -0.19 4.09
N ILE H 244 24.14 -1.29 4.24
CA ILE H 244 25.00 -1.73 3.15
C ILE H 244 24.13 -2.14 1.96
N LYS H 245 24.71 -2.05 0.77
CA LYS H 245 24.01 -2.32 -0.49
C LYS H 245 24.46 -3.66 -1.06
N VAL H 246 23.51 -4.43 -1.56
CA VAL H 246 23.81 -5.68 -2.23
C VAL H 246 23.95 -5.47 -3.74
N ARG H 247 24.61 -6.42 -4.40
CA ARG H 247 24.89 -6.33 -5.82
C ARG H 247 24.43 -7.55 -6.60
N VAL H 248 24.05 -7.32 -7.86
CA VAL H 248 23.54 -8.37 -8.73
C VAL H 248 24.71 -8.80 -9.61
N ILE H 249 24.89 -10.12 -9.77
CA ILE H 249 26.05 -10.63 -10.49
C ILE H 249 25.67 -11.70 -11.51
N ASP H 250 24.38 -12.06 -11.59
CA ASP H 250 24.00 -13.07 -12.58
C ASP H 250 22.48 -13.13 -12.70
N VAL H 251 22.00 -13.23 -13.93
CA VAL H 251 20.60 -13.49 -14.23
C VAL H 251 20.63 -14.51 -15.36
N ASP H 252 19.75 -15.51 -15.27
CA ASP H 252 19.86 -16.68 -16.14
C ASP H 252 18.95 -16.65 -17.38
N LEU H 253 17.72 -16.20 -17.20
CA LEU H 253 16.71 -15.96 -18.24
C LEU H 253 16.11 -17.22 -18.84
N ASN H 254 16.56 -18.41 -18.46
CA ASN H 254 15.91 -19.66 -18.85
C ASN H 254 15.16 -20.29 -17.68
N ASP H 255 15.84 -20.47 -16.55
CA ASP H 255 15.19 -20.68 -15.27
C ASP H 255 15.34 -19.38 -14.48
N TYR H 256 14.20 -18.73 -14.21
CA TYR H 256 14.20 -17.36 -13.73
C TYR H 256 14.82 -17.29 -12.34
N SER H 257 16.02 -16.72 -12.25
CA SER H 257 16.73 -16.64 -10.98
C SER H 257 17.66 -15.43 -10.98
N ILE H 258 18.01 -14.98 -9.79
CA ILE H 258 18.93 -13.87 -9.58
C ILE H 258 19.91 -14.26 -8.48
N THR H 259 21.19 -13.91 -8.67
CA THR H 259 22.24 -14.21 -7.72
C THR H 259 22.74 -12.92 -7.10
N LEU H 260 22.89 -12.91 -5.78
CA LEU H 260 23.27 -11.72 -5.03
C LEU H 260 24.47 -12.02 -4.15
N GLN H 261 25.30 -10.99 -3.93
CA GLN H 261 26.49 -11.09 -3.09
C GLN H 261 26.32 -10.17 -1.89
N VAL H 262 26.46 -10.73 -0.69
CA VAL H 262 26.27 -9.99 0.56
C VAL H 262 27.57 -10.01 1.34
N ARG H 263 27.93 -8.87 1.91
CA ARG H 263 29.19 -8.69 2.64
C ARG H 263 28.89 -8.27 4.07
N LEU H 264 28.71 -9.24 4.94
CA LEU H 264 28.41 -8.95 6.34
C LEU H 264 29.67 -8.43 7.05
N PRO H 265 29.57 -7.35 7.83
CA PRO H 265 30.78 -6.81 8.45
C PRO H 265 31.17 -7.54 9.73
N LEU H 266 32.44 -7.42 10.07
CA LEU H 266 32.98 -7.82 11.37
C LEU H 266 33.40 -6.56 12.10
N LEU H 267 32.86 -6.35 13.29
CA LEU H 267 33.00 -5.09 14.01
C LEU H 267 34.00 -5.26 15.14
N THR H 268 35.10 -4.50 15.08
CA THR H 268 36.13 -4.52 16.10
C THR H 268 36.32 -3.10 16.63
N ARG H 269 36.22 -2.94 17.94
CA ARG H 269 36.32 -1.64 18.57
C ARG H 269 37.77 -1.19 18.62
N LEU H 270 38.04 0.03 18.16
CA LEU H 270 39.39 0.56 18.20
C LEU H 270 39.80 0.90 19.63
N LEU H 271 41.10 1.04 19.84
CA LEU H 271 41.68 1.38 21.13
C LEU H 271 42.14 2.83 21.15
N ASN H 272 41.97 3.48 22.30
CA ASN H 272 42.43 4.84 22.51
C ASN H 272 41.87 5.78 21.45
N THR H 273 40.56 5.75 21.27
CA THR H 273 39.86 6.65 20.36
C THR H 273 38.55 7.03 21.01
N GLN H 274 38.35 8.33 21.23
CA GLN H 274 37.16 8.88 21.88
C GLN H 274 36.46 9.81 20.91
N ILE H 275 35.15 9.96 21.09
CA ILE H 275 34.34 10.91 20.34
C ILE H 275 33.53 11.74 21.33
N TYR H 276 33.42 13.04 21.06
CA TYR H 276 32.71 13.97 21.92
C TYR H 276 31.61 14.67 21.12
N LYS H 277 30.86 15.52 21.80
CA LYS H 277 29.82 16.35 21.18
C LYS H 277 29.93 17.75 21.76
N VAL H 278 29.85 18.77 20.89
CA VAL H 278 30.15 20.13 21.27
C VAL H 278 28.93 21.01 21.01
N ASP H 279 28.63 21.89 21.96
CA ASP H 279 27.60 22.90 21.83
C ASP H 279 28.13 24.23 22.34
N SER H 280 27.61 25.32 21.77
CA SER H 280 28.06 26.66 22.11
C SER H 280 26.87 27.52 22.51
N ILE H 281 27.13 28.50 23.38
CA ILE H 281 26.11 29.42 23.86
C ILE H 281 26.61 30.84 23.67
N SER H 282 25.73 31.80 23.94
CA SER H 282 26.03 33.20 23.67
C SER H 282 27.15 33.69 24.57
N TYR H 283 27.84 34.73 24.10
CA TYR H 283 29.01 35.29 24.79
C TYR H 283 29.04 36.80 24.69
N ASN H 284 28.89 37.49 25.82
CA ASN H 284 28.78 38.95 25.77
C ASN H 284 30.03 39.79 25.62
N ILE H 285 30.04 40.67 24.64
CA ILE H 285 31.15 41.59 24.42
C ILE H 285 30.65 43.00 24.16
N GLN H 286 30.51 43.78 25.23
CA GLN H 286 30.00 45.15 25.15
C GLN H 286 28.60 45.17 24.54
N ASN H 287 27.68 44.50 25.23
CA ASN H 287 26.26 44.54 24.89
C ASN H 287 25.94 43.99 23.51
N ARG H 288 26.75 43.06 23.02
CA ARG H 288 26.48 42.39 21.75
C ARG H 288 26.78 40.91 21.89
N GLU H 289 26.03 40.09 21.16
CA GLU H 289 26.13 38.65 21.28
C GLU H 289 27.12 38.09 20.26
N TRP H 290 27.87 37.07 20.70
CA TRP H 290 28.81 36.37 19.85
C TRP H 290 28.75 34.88 20.19
N TYR H 291 29.58 34.09 19.52
CA TYR H 291 29.72 32.68 19.85
C TYR H 291 30.94 32.10 19.14
N ILE H 292 31.31 30.90 19.55
CA ILE H 292 32.50 30.19 19.08
C ILE H 292 32.03 29.08 18.14
N PRO H 293 32.32 29.16 16.84
CA PRO H 293 31.84 28.12 15.91
C PRO H 293 32.76 26.90 15.94
N LEU H 294 32.16 25.73 16.12
CA LEU H 294 32.89 24.46 16.14
C LEU H 294 32.05 23.41 15.44
N PRO H 295 32.68 22.33 14.98
CA PRO H 295 31.90 21.24 14.38
C PRO H 295 30.92 20.67 15.38
N SER H 296 30.05 19.78 14.88
CA SER H 296 29.06 19.16 15.74
C SER H 296 29.69 18.09 16.63
N HIS H 297 30.82 17.52 16.22
CA HIS H 297 31.49 16.46 16.98
C HIS H 297 32.99 16.68 16.94
N ILE H 298 33.67 16.09 17.91
CA ILE H 298 35.11 16.19 18.06
C ILE H 298 35.68 14.81 18.33
N MET H 299 36.91 14.58 17.87
CA MET H 299 37.57 13.29 17.99
C MET H 299 39.00 13.47 18.51
N THR H 300 39.45 12.48 19.27
CA THR H 300 40.84 12.37 19.70
C THR H 300 41.24 10.91 19.65
N LYS H 301 42.23 10.59 18.82
CA LYS H 301 42.73 9.22 18.67
C LYS H 301 44.24 9.27 18.76
N GLY H 302 44.80 8.64 19.78
CA GLY H 302 46.22 8.74 20.00
C GLY H 302 46.59 10.19 20.25
N ALA H 303 47.44 10.74 19.39
CA ALA H 303 47.86 12.13 19.47
C ALA H 303 47.23 12.99 18.39
N PHE H 304 46.12 12.53 17.81
CA PHE H 304 45.46 13.22 16.71
C PHE H 304 44.19 13.89 17.20
N LEU H 305 44.14 15.22 17.09
CA LEU H 305 42.97 16.00 17.48
C LEU H 305 42.25 16.53 16.25
N GLY H 306 40.99 16.15 16.10
CA GLY H 306 40.22 16.58 14.94
C GLY H 306 38.75 16.28 15.08
N GLY H 307 37.97 16.86 14.17
CA GLY H 307 36.54 16.69 14.17
C GLY H 307 36.12 15.34 13.62
N ALA H 308 34.81 15.12 13.63
CA ALA H 308 34.24 13.87 13.14
C ALA H 308 32.91 14.16 12.46
N ASP H 309 32.79 13.73 11.21
CA ASP H 309 31.54 13.86 10.46
C ASP H 309 30.80 12.53 10.57
N VAL H 310 29.81 12.48 11.45
CA VAL H 310 29.12 11.24 11.77
C VAL H 310 27.78 11.15 11.04
N LYS H 311 27.63 11.86 9.92
CA LYS H 311 26.37 11.81 9.18
C LYS H 311 26.02 10.39 8.78
N GLU H 312 26.99 9.65 8.24
CA GLU H 312 26.74 8.29 7.77
C GLU H 312 26.80 7.25 8.87
N CYS H 313 27.26 7.62 10.07
CA CYS H 313 27.43 6.66 11.14
C CYS H 313 26.12 6.49 11.92
N ILE H 314 26.05 5.38 12.66
CA ILE H 314 24.89 5.04 13.46
C ILE H 314 25.29 5.14 14.92
N GLU H 315 24.58 5.96 15.68
CA GLU H 315 24.92 6.17 17.08
C GLU H 315 24.55 4.96 17.92
N ALA H 316 25.19 4.85 19.08
CA ALA H 316 24.98 3.75 20.01
C ALA H 316 25.11 4.30 21.42
N PHE H 317 24.87 3.42 22.40
CA PHE H 317 24.94 3.86 23.79
C PHE H 317 26.37 4.05 24.28
N SER H 318 27.35 3.42 23.63
CA SER H 318 28.75 3.60 24.00
C SER H 318 29.70 3.78 22.83
N SER H 319 29.24 3.59 21.60
CA SER H 319 30.12 3.62 20.43
C SER H 319 29.47 4.41 19.31
N TYR H 320 30.25 4.61 18.25
CA TYR H 320 29.80 5.28 17.03
C TYR H 320 30.18 4.34 15.87
N ILE H 321 29.21 3.56 15.38
CA ILE H 321 29.49 2.61 14.32
C ILE H 321 29.63 3.36 13.00
N CYS H 322 30.81 3.26 12.38
CA CYS H 322 31.13 4.03 11.20
C CYS H 322 31.70 3.13 10.10
N PRO H 323 31.27 3.34 8.84
CA PRO H 323 31.84 2.53 7.74
C PRO H 323 33.33 2.82 7.55
N SER H 324 33.67 4.08 7.38
CA SER H 324 35.04 4.53 7.21
C SER H 324 35.46 5.41 8.39
N ASP H 325 36.71 5.81 8.39
CA ASP H 325 37.22 6.67 9.45
C ASP H 325 36.59 8.04 9.26
N PRO H 326 35.82 8.56 10.23
CA PRO H 326 35.14 9.85 10.01
C PRO H 326 36.01 11.07 10.24
N GLY H 327 37.19 10.92 10.82
CA GLY H 327 37.99 12.07 11.18
C GLY H 327 38.28 12.95 9.98
N PHE H 328 38.29 14.26 10.19
CA PHE H 328 38.70 15.22 9.19
C PHE H 328 39.49 16.33 9.87
N VAL H 329 40.58 16.74 9.23
CA VAL H 329 41.51 17.67 9.86
C VAL H 329 40.81 18.99 10.12
N LEU H 330 41.02 19.53 11.32
CA LEU H 330 40.45 20.80 11.73
C LEU H 330 41.49 21.90 11.58
N ASN H 331 41.02 23.14 11.62
CA ASN H 331 41.91 24.28 11.51
C ASN H 331 42.87 24.29 12.71
N HIS H 332 44.07 24.81 12.47
CA HIS H 332 45.10 24.81 13.52
C HIS H 332 44.63 25.59 14.74
N GLU H 333 44.00 26.75 14.52
CA GLU H 333 43.52 27.55 15.65
C GLU H 333 42.52 26.80 16.51
N MET H 334 41.62 26.05 15.87
CA MET H 334 40.61 25.32 16.65
C MET H 334 41.27 24.23 17.50
N GLU H 335 42.26 23.53 16.94
CA GLU H 335 42.95 22.50 17.72
C GLU H 335 43.67 23.14 18.90
N SER H 336 44.34 24.27 18.66
CA SER H 336 45.01 24.96 19.76
C SER H 336 44.01 25.38 20.82
N CYS H 337 42.84 25.88 20.39
CA CYS H 337 41.82 26.32 21.33
C CYS H 337 41.32 25.15 22.16
N LEU H 338 41.01 24.02 21.52
CA LEU H 338 40.47 22.88 22.24
C LEU H 338 41.52 22.26 23.16
N SER H 339 42.80 22.34 22.81
CA SER H 339 43.83 21.85 23.71
C SER H 339 43.87 22.62 25.02
N GLY H 340 43.43 23.88 25.02
CA GLY H 340 43.40 24.66 26.24
C GLY H 340 43.75 26.12 26.07
N ASN H 341 44.37 26.49 24.95
CA ASN H 341 44.74 27.88 24.72
C ASN H 341 43.48 28.69 24.41
N ILE H 342 42.89 29.30 25.44
CA ILE H 342 41.60 29.97 25.28
C ILE H 342 41.74 31.17 24.36
N SER H 343 42.88 31.87 24.43
CA SER H 343 43.04 33.11 23.68
C SER H 343 43.09 33.09 22.16
N GLN H 344 43.24 31.93 21.53
CA GLN H 344 43.27 31.83 20.08
C GLN H 344 42.01 31.15 19.42
N CYS H 345 40.98 31.04 20.24
CA CYS H 345 39.71 30.53 19.74
C CYS H 345 39.20 31.77 18.99
N PRO H 346 38.57 31.59 17.84
CA PRO H 346 37.93 32.72 17.16
C PRO H 346 36.46 32.85 17.56
N ARG H 347 35.84 33.93 17.10
CA ARG H 347 34.44 34.20 17.41
C ARG H 347 33.77 34.87 16.22
N THR H 348 32.45 34.81 16.21
CA THR H 348 31.64 35.41 15.16
C THR H 348 30.39 36.04 15.78
N THR H 349 29.66 36.79 14.97
CA THR H 349 28.43 37.41 15.43
C THR H 349 27.27 36.42 15.39
N VAL H 350 26.26 36.69 16.21
CA VAL H 350 25.05 35.88 16.26
C VAL H 350 24.02 36.52 15.33
N THR H 351 23.50 35.73 14.39
CA THR H 351 22.62 36.25 13.35
C THR H 351 21.15 35.94 13.59
N SER H 352 20.83 34.79 14.18
CA SER H 352 19.45 34.40 14.40
C SER H 352 19.30 33.86 15.82
N ASP H 353 18.06 33.55 16.18
CA ASP H 353 17.77 32.99 17.50
C ASP H 353 17.85 31.46 17.43
N ILE H 354 19.07 30.99 17.16
CA ILE H 354 19.36 29.56 17.17
C ILE H 354 20.46 29.18 18.14
N VAL H 355 21.34 30.09 18.52
CA VAL H 355 22.39 29.82 19.50
C VAL H 355 21.82 30.13 20.89
N PRO H 356 21.77 29.16 21.81
CA PRO H 356 21.12 29.41 23.10
C PRO H 356 21.78 30.54 23.88
N ARG H 357 21.13 30.91 24.98
CA ARG H 357 21.63 31.92 25.89
C ARG H 357 21.83 31.40 27.31
N TYR H 358 21.49 30.16 27.59
CA TYR H 358 21.74 29.56 28.90
C TYR H 358 21.80 28.05 28.72
N ALA H 359 22.40 27.37 29.71
CA ALA H 359 22.50 25.93 29.65
C ALA H 359 22.79 25.36 31.03
N PHE H 360 22.35 24.13 31.24
CA PHE H 360 22.70 23.35 32.42
C PHE H 360 24.04 22.66 32.15
N VAL H 361 25.00 22.80 33.05
CA VAL H 361 26.32 22.22 32.85
C VAL H 361 26.57 21.11 33.86
N ASN H 362 26.70 21.48 35.14
CA ASN H 362 26.85 20.47 36.20
C ASN H 362 26.25 21.05 37.47
N GLY H 363 24.98 20.73 37.72
CA GLY H 363 24.30 21.18 38.92
C GLY H 363 23.99 22.67 38.93
N GLY H 364 24.68 23.45 38.11
CA GLY H 364 24.44 24.88 38.00
C GLY H 364 24.28 25.28 36.55
N VAL H 365 23.98 26.56 36.37
CA VAL H 365 23.78 27.11 35.04
C VAL H 365 24.95 28.01 34.68
N VAL H 366 25.19 28.13 33.38
CA VAL H 366 26.06 29.15 32.81
C VAL H 366 25.24 29.86 31.74
N ALA H 367 25.15 31.18 31.83
CA ALA H 367 24.26 31.91 30.93
C ALA H 367 24.77 33.32 30.73
N ASN H 368 24.31 33.94 29.64
CA ASN H 368 24.59 35.34 29.34
C ASN H 368 23.55 36.18 30.06
N CYS H 369 23.83 36.50 31.33
CA CYS H 369 22.83 37.16 32.16
C CYS H 369 22.54 38.59 31.71
N ILE H 370 23.35 39.16 30.82
CA ILE H 370 23.06 40.50 30.33
C ILE H 370 21.79 40.49 29.49
N THR H 371 21.65 39.51 28.60
CA THR H 371 20.49 39.41 27.73
C THR H 371 19.40 38.49 28.26
N THR H 372 19.63 37.85 29.39
CA THR H 372 18.62 37.00 30.03
C THR H 372 18.67 37.26 31.52
N THR H 373 17.58 37.79 32.07
CA THR H 373 17.56 38.16 33.48
C THR H 373 17.73 36.92 34.36
N CYS H 374 18.66 37.00 35.32
CA CYS H 374 18.95 35.91 36.23
C CYS H 374 18.67 36.36 37.66
N THR H 375 17.97 35.52 38.42
CA THR H 375 17.54 35.84 39.76
C THR H 375 18.02 34.78 40.74
N CYS H 376 18.56 35.24 41.86
CA CYS H 376 18.98 34.35 42.94
C CYS H 376 17.79 34.10 43.86
N ASN H 377 18.05 33.53 45.05
CA ASN H 377 16.98 32.99 45.90
C ASN H 377 15.66 33.73 45.69
N GLY H 378 15.66 35.05 45.92
CA GLY H 378 14.45 35.82 45.77
C GLY H 378 14.16 36.14 44.31
N ILE H 379 12.89 36.07 43.94
CA ILE H 379 12.51 36.42 42.58
C ILE H 379 12.84 37.87 42.30
N GLY H 380 12.64 38.74 43.29
CA GLY H 380 12.98 40.14 43.11
C GLY H 380 14.48 40.35 42.95
N ASN H 381 15.27 39.63 43.72
CA ASN H 381 16.73 39.78 43.65
C ASN H 381 17.22 39.50 42.24
N ARG H 382 18.08 40.39 41.74
CA ARG H 382 18.65 40.29 40.41
C ARG H 382 20.17 40.32 40.51
N ILE H 383 20.82 39.47 39.72
CA ILE H 383 22.28 39.38 39.66
C ILE H 383 22.71 39.79 38.27
N ASN H 384 23.56 40.80 38.19
CA ASN H 384 23.99 41.38 36.92
C ASN H 384 25.45 41.01 36.66
N GLN H 385 25.71 40.42 35.51
CA GLN H 385 27.08 40.12 35.11
C GLN H 385 27.79 41.43 34.76
N PRO H 386 28.94 41.72 35.36
CA PRO H 386 29.59 43.01 35.07
C PRO H 386 29.90 43.13 33.60
N PRO H 387 29.91 44.36 33.08
CA PRO H 387 30.01 44.53 31.61
C PRO H 387 31.24 43.82 31.06
N ASP H 388 32.35 43.85 31.79
CA ASP H 388 33.57 43.21 31.29
C ASP H 388 33.37 41.72 31.05
N GLN H 389 32.79 41.03 32.02
CA GLN H 389 32.63 39.58 31.91
C GLN H 389 31.69 39.14 30.80
N GLY H 390 31.99 37.98 30.22
CA GLY H 390 31.23 37.47 29.10
C GLY H 390 30.09 36.58 29.52
N VAL H 391 30.37 35.58 30.35
CA VAL H 391 29.36 34.64 30.82
C VAL H 391 29.51 34.37 32.32
N LYS H 392 28.39 34.10 32.98
CA LYS H 392 28.35 33.93 34.42
C LYS H 392 28.11 32.49 34.86
N ILE H 393 28.97 31.99 35.75
CA ILE H 393 28.95 30.60 36.19
C ILE H 393 28.52 30.59 37.65
N ILE H 394 27.33 30.03 37.92
CA ILE H 394 26.92 29.75 39.28
C ILE H 394 27.44 28.40 39.71
N THR H 395 27.37 28.12 41.02
CA THR H 395 27.92 26.88 41.56
C THR H 395 26.97 26.13 42.51
N HIS H 396 25.82 26.70 42.81
CA HIS H 396 24.86 26.12 43.75
C HIS H 396 25.29 26.28 45.20
N LYS H 397 26.52 26.75 45.41
CA LYS H 397 26.90 27.22 46.74
C LYS H 397 26.79 28.73 46.82
N GLU H 398 26.69 29.40 45.66
CA GLU H 398 26.46 30.83 45.65
C GLU H 398 25.06 31.15 46.18
N CYS H 399 24.05 30.43 45.70
CA CYS H 399 22.76 30.38 46.40
C CYS H 399 21.91 29.23 45.88
N ASN H 400 20.92 28.85 46.69
CA ASN H 400 20.28 27.54 46.56
C ASN H 400 19.27 27.50 45.42
N THR H 401 18.55 28.59 45.17
CA THR H 401 17.53 28.62 44.14
C THR H 401 17.82 29.77 43.20
N ILE H 402 17.81 29.49 41.90
CA ILE H 402 18.13 30.48 40.88
C ILE H 402 17.01 30.49 39.86
N GLY H 403 16.68 31.68 39.36
CA GLY H 403 15.68 31.83 38.33
C GLY H 403 16.20 32.40 37.03
N ILE H 404 15.52 32.03 35.96
CA ILE H 404 15.73 32.57 34.63
C ILE H 404 14.59 33.51 34.29
N ASN H 405 14.56 34.06 33.08
CA ASN H 405 13.58 35.10 32.77
C ASN H 405 12.30 34.27 32.76
N GLY H 406 11.72 34.14 33.94
CA GLY H 406 10.69 33.14 34.22
C GLY H 406 11.29 31.83 34.68
N MET H 407 10.46 31.02 35.32
CA MET H 407 10.87 29.68 35.73
C MET H 407 11.86 29.73 36.90
N LEU H 408 11.83 28.72 37.78
CA LEU H 408 12.67 28.67 39.00
C LEU H 408 13.23 27.26 39.18
N PHE H 409 14.53 27.10 39.47
CA PHE H 409 15.20 25.78 39.67
C PHE H 409 15.88 25.78 41.05
N ASN H 410 15.87 24.65 41.76
CA ASN H 410 16.33 24.57 43.16
C ASN H 410 17.73 23.96 43.34
N THR H 411 18.48 23.64 42.26
CA THR H 411 19.93 23.27 42.19
C THR H 411 20.33 21.90 42.76
N ASN H 412 21.51 21.39 42.42
CA ASN H 412 21.93 20.04 42.86
C ASN H 412 23.05 20.14 43.90
N LYS H 413 22.91 19.49 45.07
CA LYS H 413 23.90 19.53 46.18
C LYS H 413 25.21 18.88 45.74
N GLU H 414 25.15 17.82 44.95
CA GLU H 414 26.33 17.01 44.53
C GLU H 414 26.92 17.38 43.18
N GLY H 415 26.74 18.62 42.63
CA GLY H 415 27.33 19.15 41.41
C GLY H 415 28.84 19.21 41.49
N THR H 416 29.49 19.05 40.34
CA THR H 416 30.93 19.10 40.23
C THR H 416 31.44 20.40 39.64
N LEU H 417 30.56 21.34 39.33
CA LEU H 417 31.01 22.62 38.79
C LEU H 417 31.79 23.40 39.84
N ALA H 418 32.64 24.31 39.38
CA ALA H 418 33.53 25.06 40.24
C ALA H 418 33.42 26.57 39.99
N PHE H 419 34.04 27.33 40.88
CA PHE H 419 34.04 28.79 40.79
C PHE H 419 34.48 29.25 39.40
N ILE H 425 40.16 38.28 29.92
CA ILE H 425 40.17 37.18 28.97
C ILE H 425 39.68 37.72 27.64
N THR H 426 40.60 37.89 26.69
CA THR H 426 40.30 38.45 25.38
C THR H 426 40.50 37.39 24.32
N LEU H 427 39.60 37.37 23.32
CA LEU H 427 39.67 36.38 22.26
C LEU H 427 40.59 36.82 21.13
N ASN H 428 40.39 38.05 20.64
CA ASN H 428 41.31 38.70 19.72
C ASN H 428 41.39 38.02 18.36
N ASN H 429 40.35 37.28 17.97
CA ASN H 429 40.33 36.62 16.67
C ASN H 429 38.88 36.58 16.19
N SER H 430 38.51 37.56 15.38
CA SER H 430 37.15 37.68 14.86
C SER H 430 37.12 37.22 13.40
N VAL H 431 36.12 36.42 13.04
CA VAL H 431 35.98 35.91 11.70
C VAL H 431 34.54 36.08 11.24
N ALA H 432 34.34 35.99 9.93
CA ALA H 432 33.02 36.07 9.32
C ALA H 432 32.77 34.80 8.51
N LEU H 433 31.49 34.41 8.41
CA LEU H 433 31.10 33.16 7.78
C LEU H 433 30.27 33.37 6.51
N ASP H 434 30.24 34.60 5.98
CA ASP H 434 29.43 34.91 4.80
C ASP H 434 30.33 35.53 3.73
N PRO H 435 30.31 35.01 2.51
CA PRO H 435 31.28 35.51 1.51
C PRO H 435 31.16 36.99 1.21
N ILE H 436 29.97 37.57 1.31
CA ILE H 436 29.80 38.99 0.97
C ILE H 436 30.60 39.72 2.03
N ASP H 437 30.49 39.29 3.29
CA ASP H 437 31.27 39.94 4.34
C ASP H 437 32.78 40.03 4.01
N ILE H 438 33.36 38.86 3.74
CA ILE H 438 34.73 38.80 3.25
C ILE H 438 35.11 39.64 2.04
N SER H 439 34.23 39.67 1.04
CA SER H 439 34.52 40.46 -0.16
C SER H 439 34.60 41.96 0.15
N ILE H 440 33.72 42.47 1.01
CA ILE H 440 33.79 43.89 1.35
C ILE H 440 35.08 44.21 2.09
N GLU H 441 35.49 43.34 3.02
CA GLU H 441 36.76 43.61 3.69
C GLU H 441 37.92 43.58 2.69
N LEU H 442 37.88 42.64 1.75
CA LEU H 442 38.90 42.58 0.71
C LEU H 442 38.95 43.89 -0.07
N ASN H 443 37.78 44.40 -0.46
CA ASN H 443 37.73 45.66 -1.20
C ASN H 443 38.32 46.80 -0.38
N LYS H 444 38.04 46.81 0.93
CA LYS H 444 38.56 47.87 1.79
C LYS H 444 40.09 47.83 1.82
N VAL H 445 40.66 46.64 2.00
CA VAL H 445 42.12 46.55 2.03
C VAL H 445 42.69 46.91 0.67
N LYS H 446 41.99 46.54 -0.41
CA LYS H 446 42.44 46.89 -1.75
C LYS H 446 42.57 48.41 -1.88
N SER H 447 41.51 49.13 -1.48
CA SER H 447 41.58 50.58 -1.51
C SER H 447 42.70 51.10 -0.62
N ASP H 448 42.95 50.42 0.50
CA ASP H 448 44.03 50.85 1.38
C ASP H 448 45.38 50.82 0.67
N LEU H 449 45.72 49.70 0.03
CA LEU H 449 46.99 49.65 -0.69
C LEU H 449 47.00 50.69 -1.82
N GLU H 450 45.91 50.80 -2.56
CA GLU H 450 45.87 51.78 -3.64
C GLU H 450 46.21 53.16 -3.10
N GLU H 451 45.67 53.51 -1.93
CA GLU H 451 46.00 54.79 -1.33
C GLU H 451 47.47 54.87 -0.94
N SER H 452 48.02 53.79 -0.36
CA SER H 452 49.39 53.84 0.14
C SER H 452 50.40 54.01 -0.99
N LYS H 453 50.14 53.41 -2.15
CA LYS H 453 51.10 53.48 -3.25
C LYS H 453 51.40 54.92 -3.63
N GLU H 454 50.42 55.82 -3.52
CA GLU H 454 50.62 57.23 -3.84
C GLU H 454 51.10 57.36 -5.28
N GLN I 1 10.03 50.46 5.48
CA GLN I 1 10.81 51.54 4.87
C GLN I 1 11.35 51.11 3.51
N ILE I 2 10.72 50.11 2.90
CA ILE I 2 11.17 49.60 1.60
C ILE I 2 10.62 50.51 0.51
N ASP I 3 11.48 50.89 -0.42
CA ASP I 3 11.12 51.75 -1.54
C ASP I 3 11.06 50.88 -2.79
N ILE I 4 9.85 50.40 -3.10
CA ILE I 4 9.70 49.42 -4.17
C ILE I 4 9.94 50.06 -5.53
N THR I 5 9.44 51.29 -5.73
CA THR I 5 9.58 51.91 -7.04
C THR I 5 11.04 52.20 -7.39
N LYS I 6 11.82 52.67 -6.42
CA LYS I 6 13.21 53.01 -6.70
C LYS I 6 14.03 51.78 -7.06
N LEU I 7 13.77 50.66 -6.39
CA LEU I 7 14.60 49.47 -6.58
C LEU I 7 14.53 48.91 -7.99
N GLN I 8 13.45 49.18 -8.72
CA GLN I 8 13.31 48.62 -10.06
C GLN I 8 14.46 49.02 -10.97
N HIS I 9 15.08 50.17 -10.73
CA HIS I 9 16.17 50.62 -11.59
C HIS I 9 17.31 49.62 -11.63
N VAL I 10 17.48 48.83 -10.58
CA VAL I 10 18.56 47.85 -10.51
C VAL I 10 18.01 46.41 -10.51
N GLY I 11 16.80 46.22 -11.02
CA GLY I 11 16.32 44.88 -11.34
C GLY I 11 15.74 44.09 -10.20
N VAL I 12 15.57 44.68 -9.02
CA VAL I 12 14.99 44.00 -7.88
C VAL I 12 13.50 44.32 -7.82
N LEU I 13 12.68 43.28 -7.85
CA LEU I 13 11.22 43.42 -7.84
C LEU I 13 10.68 42.83 -6.54
N VAL I 14 9.82 43.58 -5.86
CA VAL I 14 9.29 43.20 -4.56
C VAL I 14 7.81 42.91 -4.71
N ASN I 15 7.40 41.70 -4.33
CA ASN I 15 6.02 41.27 -4.44
C ASN I 15 5.16 42.02 -3.42
N SER I 16 3.84 41.91 -3.59
CA SER I 16 2.92 42.59 -2.69
C SER I 16 3.03 42.01 -1.28
N PRO I 17 2.70 42.80 -0.25
CA PRO I 17 3.03 42.39 1.13
C PRO I 17 2.18 41.26 1.68
N LYS I 18 2.49 40.85 2.91
CA LYS I 18 1.71 39.89 3.67
C LYS I 18 2.09 40.04 5.14
N GLY I 19 1.21 39.53 6.01
CA GLY I 19 1.44 39.60 7.44
C GLY I 19 2.05 38.28 7.89
N MET I 20 2.31 38.21 9.20
CA MET I 20 2.89 37.02 9.82
C MET I 20 2.05 36.63 11.01
N LYS I 21 1.93 35.32 11.24
CA LYS I 21 1.23 34.76 12.38
C LYS I 21 2.20 33.85 13.12
N ILE I 22 2.24 33.96 14.45
CA ILE I 22 3.14 33.16 15.27
C ILE I 22 2.35 32.59 16.44
N SER I 23 2.79 31.43 16.93
CA SER I 23 2.17 30.74 18.05
C SER I 23 3.15 30.73 19.22
N GLN I 24 2.72 31.27 20.36
CA GLN I 24 3.55 31.33 21.55
C GLN I 24 2.97 30.57 22.74
N ASN I 25 1.65 30.42 22.81
CA ASN I 25 1.00 29.64 23.85
C ASN I 25 0.36 28.41 23.24
N PHE I 26 0.42 27.29 23.95
CA PHE I 26 -0.10 26.02 23.47
C PHE I 26 -1.17 25.52 24.43
N GLU I 27 -2.13 24.78 23.86
CA GLU I 27 -3.17 24.12 24.64
C GLU I 27 -2.84 22.63 24.71
N THR I 28 -2.75 22.11 25.92
CA THR I 28 -2.28 20.74 26.14
C THR I 28 -3.47 19.81 26.28
N ARG I 29 -3.44 18.72 25.51
CA ARG I 29 -4.45 17.67 25.59
C ARG I 29 -3.74 16.33 25.55
N TYR I 30 -4.37 15.32 26.14
CA TYR I 30 -3.80 13.99 26.25
C TYR I 30 -4.64 12.99 25.48
N LEU I 31 -3.99 12.01 24.87
CA LEU I 31 -4.60 11.10 23.91
C LEU I 31 -4.18 9.67 24.26
N ILE I 32 -5.04 8.94 24.95
CA ILE I 32 -4.76 7.55 25.28
C ILE I 32 -5.25 6.66 24.16
N LEU I 33 -4.38 5.78 23.67
CA LEU I 33 -4.66 4.90 22.55
C LEU I 33 -4.66 3.46 23.04
N SER I 34 -5.82 2.98 23.45
CA SER I 34 -5.96 1.58 23.82
C SER I 34 -6.05 0.73 22.56
N LEU I 35 -5.15 -0.23 22.42
CA LEU I 35 -4.99 -0.97 21.17
C LEU I 35 -5.71 -2.31 21.16
N ILE I 36 -6.39 -2.68 22.23
CA ILE I 36 -7.09 -3.95 22.31
C ILE I 36 -8.59 -3.65 22.32
N PRO I 37 -9.34 -3.96 21.26
CA PRO I 37 -10.78 -3.71 21.26
C PRO I 37 -11.51 -4.68 22.17
N LYS I 38 -12.78 -4.40 22.41
CA LYS I 38 -13.63 -5.23 23.24
C LYS I 38 -14.84 -5.69 22.45
N ILE I 39 -15.19 -6.97 22.62
CA ILE I 39 -16.39 -7.55 22.03
C ILE I 39 -17.36 -7.84 23.17
N GLU I 40 -18.59 -7.34 23.04
CA GLU I 40 -19.48 -7.20 24.19
C GLU I 40 -19.78 -8.54 24.86
N ASP I 41 -20.56 -9.39 24.20
CA ASP I 41 -21.00 -10.65 24.79
C ASP I 41 -20.95 -11.79 23.77
N SER I 42 -19.90 -11.80 22.94
CA SER I 42 -19.82 -12.72 21.81
C SER I 42 -19.40 -14.14 22.22
N ASN I 43 -19.47 -14.48 23.50
CA ASN I 43 -19.12 -15.83 23.95
C ASN I 43 -17.65 -16.16 23.68
N SER I 44 -16.80 -15.14 23.71
CA SER I 44 -15.37 -15.32 23.52
C SER I 44 -15.03 -15.67 22.07
N CYS I 45 -15.77 -15.09 21.12
CA CYS I 45 -15.42 -15.17 19.71
C CYS I 45 -14.41 -14.09 19.40
N GLY I 46 -13.26 -14.49 18.87
CA GLY I 46 -12.15 -13.59 18.63
C GLY I 46 -11.01 -13.73 19.62
N ASP I 47 -11.12 -14.62 20.60
CA ASP I 47 -10.06 -14.76 21.60
C ASP I 47 -8.76 -15.23 20.96
N GLN I 48 -8.83 -16.22 20.08
CA GLN I 48 -7.62 -16.71 19.43
C GLN I 48 -6.97 -15.64 18.58
N GLN I 49 -7.77 -14.86 17.85
CA GLN I 49 -7.22 -13.79 17.03
C GLN I 49 -6.68 -12.64 17.86
N ILE I 50 -7.18 -12.46 19.08
CA ILE I 50 -6.62 -11.43 19.96
C ILE I 50 -5.24 -11.83 20.45
N LYS I 51 -5.05 -13.11 20.76
CA LYS I 51 -3.76 -13.58 21.27
C LYS I 51 -2.66 -13.36 20.22
N GLN I 52 -2.93 -13.73 18.97
CA GLN I 52 -1.96 -13.51 17.91
C GLN I 52 -1.70 -12.01 17.72
N TYR I 53 -2.76 -11.20 17.83
CA TYR I 53 -2.57 -9.75 17.78
C TYR I 53 -1.65 -9.30 18.89
N LYS I 54 -1.77 -9.89 20.08
CA LYS I 54 -0.89 -9.52 21.19
C LYS I 54 0.56 -9.90 20.90
N ARG I 55 0.77 -11.11 20.36
CA ARG I 55 2.14 -11.51 20.02
C ARG I 55 2.74 -10.58 18.98
N LEU I 56 1.95 -10.22 17.97
CA LEU I 56 2.45 -9.29 16.95
C LEU I 56 2.74 -7.92 17.57
N LEU I 57 1.90 -7.47 18.48
CA LEU I 57 2.09 -6.15 19.10
C LEU I 57 3.32 -6.12 19.97
N ASP I 58 3.65 -7.24 20.63
CA ASP I 58 4.81 -7.26 21.50
C ASP I 58 6.10 -6.91 20.76
N ARG I 59 6.13 -7.09 19.44
CA ARG I 59 7.32 -6.75 18.67
C ARG I 59 7.54 -5.24 18.65
N LEU I 60 6.47 -4.45 18.58
CA LEU I 60 6.58 -3.01 18.47
C LEU I 60 6.40 -2.29 19.80
N ILE I 61 5.97 -2.98 20.85
CA ILE I 61 5.67 -2.33 22.12
C ILE I 61 6.75 -2.57 23.17
N ILE I 62 7.50 -3.66 23.08
CA ILE I 62 8.55 -3.95 24.05
C ILE I 62 9.77 -3.08 23.73
N PRO I 63 10.20 -2.98 22.48
CA PRO I 63 11.28 -2.02 22.17
C PRO I 63 10.94 -0.60 22.53
N LEU I 64 9.67 -0.20 22.36
CA LEU I 64 9.29 1.17 22.66
C LEU I 64 9.43 1.46 24.14
N TYR I 65 9.04 0.52 25.00
CA TYR I 65 9.18 0.74 26.44
C TYR I 65 10.65 0.84 26.83
N ASP I 66 11.50 -0.03 26.27
CA ASP I 66 12.91 0.00 26.63
C ASP I 66 13.56 1.29 26.20
N GLY I 67 13.22 1.81 25.02
CA GLY I 67 13.75 3.09 24.59
C GLY I 67 13.35 4.22 25.52
N LEU I 68 12.14 4.17 26.07
CA LEU I 68 11.69 5.21 26.98
C LEU I 68 12.54 5.25 28.24
N LYS I 69 12.88 4.08 28.79
CA LYS I 69 13.62 4.04 30.04
C LYS I 69 15.04 4.55 29.87
N LEU I 70 15.68 4.26 28.73
CA LEU I 70 17.06 4.67 28.52
C LEU I 70 17.20 6.18 28.34
N GLN I 71 16.11 6.88 28.06
CA GLN I 71 16.17 8.33 27.90
C GLN I 71 16.65 8.98 29.18
N LYS I 72 17.54 9.95 29.04
CA LYS I 72 18.02 10.70 30.20
C LYS I 72 16.96 11.68 30.66
N ASP I 73 17.16 12.23 31.86
CA ASP I 73 16.24 13.18 32.46
C ASP I 73 16.97 14.48 32.77
N VAL I 74 16.52 15.56 32.13
CA VAL I 74 17.12 16.88 32.38
C VAL I 74 16.74 17.39 33.76
N ILE I 75 15.47 17.21 34.15
CA ILE I 75 14.96 17.66 35.43
C ILE I 75 14.51 16.43 36.21
N VAL I 76 14.96 16.32 37.46
CA VAL I 76 14.56 15.24 38.35
C VAL I 76 13.64 15.83 39.42
N THR I 77 12.48 15.21 39.60
CA THR I 77 11.48 15.70 40.54
C THR I 77 11.47 14.86 41.80
N VAL I 96 8.53 25.85 42.78
CA VAL I 96 9.75 25.45 42.11
C VAL I 96 9.48 24.26 41.22
N ILE I 97 10.01 24.30 39.99
CA ILE I 97 9.69 23.28 39.01
C ILE I 97 10.37 21.96 39.36
N GLY I 98 11.64 21.97 39.75
CA GLY I 98 12.36 20.73 40.12
C GLY I 98 13.86 20.93 40.26
N THR I 99 14.67 19.87 40.14
CA THR I 99 16.16 19.93 40.25
C THR I 99 16.77 19.76 38.84
N ILE I 100 17.95 20.37 38.64
CA ILE I 100 18.66 20.53 37.34
C ILE I 100 19.10 19.22 36.69
N ALA I 101 19.56 18.24 37.48
CA ALA I 101 20.10 16.88 37.11
C ALA I 101 21.57 17.01 36.66
N LEU I 102 22.25 15.90 36.38
CA LEU I 102 23.69 15.91 36.03
C LEU I 102 23.87 15.72 34.52
N GLY I 103 24.90 16.35 33.92
CA GLY I 103 25.15 16.27 32.47
C GLY I 103 24.94 17.62 31.81
N VAL I 104 24.91 17.67 30.48
CA VAL I 104 24.74 18.95 29.71
C VAL I 104 23.37 18.97 29.02
N ALA I 105 22.68 20.13 29.00
CA ALA I 105 21.43 20.31 28.29
C ALA I 105 21.27 21.79 27.97
N THR I 106 20.79 22.09 26.77
CA THR I 106 20.72 23.46 26.28
C THR I 106 19.32 24.03 26.48
N SER I 107 19.10 25.25 25.98
CA SER I 107 17.80 25.89 26.14
C SER I 107 16.69 25.11 25.43
N ALA I 108 16.97 24.63 24.22
CA ALA I 108 15.94 23.94 23.46
C ALA I 108 15.49 22.65 24.15
N GLN I 109 16.34 22.07 24.99
CA GLN I 109 15.98 20.85 25.69
C GLN I 109 15.24 21.13 26.99
N ILE I 110 15.51 22.27 27.61
CA ILE I 110 14.88 22.61 28.88
C ILE I 110 13.38 22.80 28.70
N THR I 111 12.96 23.37 27.56
CA THR I 111 11.54 23.57 27.32
C THR I 111 10.81 22.23 27.25
N ALA I 112 11.38 21.28 26.51
CA ALA I 112 10.78 19.94 26.45
C ALA I 112 10.80 19.28 27.82
N ALA I 113 11.87 19.49 28.58
CA ALA I 113 11.93 18.92 29.92
C ALA I 113 10.82 19.46 30.81
N VAL I 114 10.56 20.76 30.74
CA VAL I 114 9.49 21.35 31.51
C VAL I 114 8.14 20.81 31.06
N ALA I 115 7.94 20.70 29.75
CA ALA I 115 6.70 20.13 29.24
C ALA I 115 6.47 18.73 29.78
N LEU I 116 7.52 17.91 29.80
CA LEU I 116 7.37 16.56 30.34
C LEU I 116 7.14 16.57 31.85
N VAL I 117 7.74 17.52 32.56
CA VAL I 117 7.49 17.64 33.99
C VAL I 117 6.02 17.94 34.24
N GLU I 118 5.42 18.76 33.38
CA GLU I 118 3.98 19.04 33.52
C GLU I 118 3.13 17.79 33.36
N ALA I 119 3.64 16.76 32.68
CA ALA I 119 2.87 15.54 32.52
C ALA I 119 2.74 14.77 33.83
N LYS I 120 3.76 14.83 34.68
CA LYS I 120 3.71 14.11 35.95
C LYS I 120 2.67 14.70 36.90
N GLN I 121 2.19 15.91 36.64
CA GLN I 121 1.17 16.52 37.50
C GLN I 121 -0.21 15.94 37.25
N ALA I 122 -0.44 15.47 36.02
CA ALA I 122 -1.72 14.91 35.56
C ALA I 122 -1.69 13.39 35.55
N LYS I 123 -0.68 12.75 36.13
CA LYS I 123 -0.58 11.28 36.19
C LYS I 123 -1.75 10.72 36.99
N SER I 124 -2.12 11.36 38.10
CA SER I 124 -3.22 10.93 38.98
C SER I 124 -4.57 10.99 38.25
N ASP I 125 -4.88 12.09 37.56
CA ASP I 125 -6.15 12.28 36.82
C ASP I 125 -6.24 11.29 35.66
N ILE I 126 -5.14 11.08 34.93
CA ILE I 126 -5.07 10.16 33.77
C ILE I 126 -5.34 8.74 34.25
N GLU I 127 -4.81 8.39 35.43
CA GLU I 127 -4.99 7.05 36.05
C GLU I 127 -6.48 6.83 36.32
N LYS I 128 -7.18 7.88 36.78
CA LYS I 128 -8.62 7.85 37.08
C LYS I 128 -9.40 7.59 35.79
N LEU I 129 -9.11 8.29 34.70
CA LEU I 129 -9.82 8.11 33.44
C LEU I 129 -9.62 6.69 32.91
N LYS I 130 -8.39 6.19 32.97
CA LYS I 130 -8.14 4.83 32.49
C LYS I 130 -8.94 3.81 33.29
N GLU I 131 -9.02 4.00 34.60
CA GLU I 131 -9.83 3.10 35.42
C GLU I 131 -11.30 3.17 35.01
N ALA I 132 -11.80 4.36 34.73
CA ALA I 132 -13.20 4.50 34.32
C ALA I 132 -13.46 3.78 33.00
N ILE I 133 -12.52 3.86 32.06
CA ILE I 133 -12.77 3.33 30.71
C ILE I 133 -12.24 1.91 30.59
N ARG I 134 -11.99 1.24 31.71
CA ARG I 134 -11.45 -0.11 31.66
C ARG I 134 -12.31 -1.02 30.81
N ASP I 135 -13.61 -1.07 31.10
CA ASP I 135 -14.56 -1.92 30.38
C ASP I 135 -15.65 -1.02 29.82
N THR I 136 -15.58 -0.78 28.51
CA THR I 136 -16.51 0.12 27.83
C THR I 136 -16.47 -0.22 26.36
N ASN I 137 -17.49 0.22 25.62
CA ASN I 137 -17.63 -0.11 24.21
C ASN I 137 -17.61 1.10 23.29
N LYS I 138 -17.20 2.27 23.79
CA LYS I 138 -17.26 3.50 22.99
C LYS I 138 -15.92 3.74 22.30
N ALA I 139 -15.98 4.07 21.00
CA ALA I 139 -14.77 4.32 20.25
C ALA I 139 -14.04 5.57 20.73
N VAL I 140 -14.76 6.68 20.84
CA VAL I 140 -14.21 7.95 21.27
C VAL I 140 -14.97 8.40 22.51
N GLN I 141 -14.23 8.79 23.54
CA GLN I 141 -14.82 9.17 24.81
C GLN I 141 -13.89 10.14 25.52
N SER I 142 -14.44 11.22 26.06
CA SER I 142 -13.66 12.29 26.66
C SER I 142 -14.18 12.62 28.04
N VAL I 143 -13.26 12.92 28.96
CA VAL I 143 -13.58 13.36 30.31
C VAL I 143 -12.70 14.56 30.62
N CYS I 144 -13.30 15.61 31.16
CA CYS I 144 -12.58 16.83 31.51
C CYS I 144 -13.04 17.30 32.88
N SER I 145 -12.10 17.39 33.82
CA SER I 145 -12.41 17.84 35.17
C SER I 145 -12.87 19.30 35.17
N ASN I 149 -6.42 19.27 31.76
CA ASN I 149 -7.34 18.44 32.54
C ASN I 149 -8.28 17.64 31.63
N CYS I 150 -8.18 17.88 30.33
CA CYS I 150 -9.02 17.19 29.35
C CYS I 150 -8.29 15.96 28.84
N ILE I 151 -9.04 14.86 28.70
CA ILE I 151 -8.49 13.60 28.21
C ILE I 151 -9.40 13.08 27.10
N VAL I 152 -8.80 12.34 26.17
CA VAL I 152 -9.53 11.69 25.08
C VAL I 152 -8.96 10.30 24.90
N ALA I 153 -9.81 9.29 24.68
CA ALA I 153 -9.37 7.88 24.57
C ALA I 153 -9.99 7.24 23.32
N ILE I 154 -9.19 6.76 22.36
CA ILE I 154 -9.64 6.09 21.12
C ILE I 154 -9.28 4.61 21.27
N LYS I 155 -10.20 3.67 21.04
CA LYS I 155 -9.94 2.22 21.17
C LYS I 155 -9.81 1.60 19.77
N SER I 156 -8.64 1.02 19.41
CA SER I 156 -8.23 0.39 18.12
C SER I 156 -9.31 0.44 17.01
N VAL I 157 -10.07 -0.63 16.68
CA VAL I 157 -11.03 -0.59 15.54
C VAL I 157 -12.42 -0.90 16.09
N GLN I 158 -12.76 -0.33 17.24
CA GLN I 158 -14.03 -0.60 17.97
C GLN I 158 -15.25 -0.27 17.14
N ASP I 159 -15.24 0.84 16.40
CA ASP I 159 -16.39 1.24 15.55
C ASP I 159 -16.72 0.12 14.56
N TYR I 160 -15.72 -0.40 13.85
CA TYR I 160 -15.88 -1.45 12.85
C TYR I 160 -16.40 -2.71 13.53
N VAL I 161 -15.85 -3.05 14.68
CA VAL I 161 -16.35 -4.21 15.41
C VAL I 161 -17.84 -4.08 15.67
N ASN I 162 -18.23 -3.05 16.43
CA ASN I 162 -19.62 -2.87 16.79
C ASN I 162 -20.53 -2.82 15.57
N LYS I 163 -20.03 -2.30 14.45
CA LYS I 163 -20.90 -2.11 13.29
C LYS I 163 -21.06 -3.38 12.46
N GLU I 164 -20.00 -4.18 12.31
CA GLU I 164 -20.01 -5.24 11.31
C GLU I 164 -19.45 -6.58 11.76
N ILE I 165 -19.11 -6.77 13.04
CA ILE I 165 -18.59 -8.04 13.53
C ILE I 165 -19.50 -8.61 14.61
N VAL I 166 -19.83 -7.82 15.63
CA VAL I 166 -20.81 -8.27 16.61
C VAL I 166 -22.15 -8.57 15.96
N PRO I 167 -22.69 -7.72 15.09
CA PRO I 167 -23.88 -8.13 14.33
C PRO I 167 -23.61 -9.33 13.44
N SER I 168 -22.39 -9.48 12.94
CA SER I 168 -22.10 -10.54 11.99
C SER I 168 -22.27 -11.92 12.61
N ILE I 169 -22.07 -12.06 13.92
CA ILE I 169 -22.23 -13.37 14.51
C ILE I 169 -23.70 -13.53 14.88
N ALA I 170 -24.54 -13.62 13.85
CA ALA I 170 -25.84 -14.29 13.92
C ALA I 170 -26.15 -15.04 12.64
N ARG I 171 -25.53 -14.68 11.52
CA ARG I 171 -25.82 -15.19 10.19
C ARG I 171 -24.68 -16.01 9.61
N LEU I 172 -23.44 -15.71 9.98
CA LEU I 172 -22.26 -16.39 9.45
C LEU I 172 -21.67 -17.39 10.43
N GLY I 173 -21.53 -17.02 11.70
CA GLY I 173 -20.95 -17.87 12.71
C GLY I 173 -19.65 -17.29 13.24
N CYS I 174 -19.05 -18.04 14.17
CA CYS I 174 -17.82 -17.56 14.81
C CYS I 174 -16.62 -17.72 13.89
N GLU I 175 -16.66 -18.64 12.94
CA GLU I 175 -15.50 -18.88 12.08
C GLU I 175 -15.30 -17.74 11.09
N ALA I 176 -16.33 -17.42 10.30
CA ALA I 176 -16.19 -16.33 9.36
C ALA I 176 -15.95 -15.00 10.05
N ALA I 177 -16.64 -14.77 11.17
CA ALA I 177 -16.42 -13.54 11.93
C ALA I 177 -14.99 -13.47 12.44
N GLY I 178 -14.46 -14.59 12.93
CA GLY I 178 -13.08 -14.59 13.38
C GLY I 178 -12.10 -14.32 12.26
N LEU I 179 -12.34 -14.89 11.09
CA LEU I 179 -11.45 -14.65 9.95
C LEU I 179 -11.47 -13.17 9.57
N GLN I 180 -12.67 -12.57 9.52
CA GLN I 180 -12.77 -11.16 9.19
C GLN I 180 -12.06 -10.31 10.25
N LEU I 181 -12.24 -10.64 11.52
CA LEU I 181 -11.56 -9.90 12.58
C LEU I 181 -10.06 -10.01 12.45
N GLY I 182 -9.57 -11.20 12.11
CA GLY I 182 -8.13 -11.38 11.95
C GLY I 182 -7.58 -10.55 10.81
N ILE I 183 -8.28 -10.53 9.68
CA ILE I 183 -7.83 -9.71 8.56
C ILE I 183 -7.81 -8.24 8.97
N ALA I 184 -8.87 -7.78 9.64
CA ALA I 184 -8.92 -6.39 10.06
C ALA I 184 -7.77 -6.05 11.00
N LEU I 185 -7.50 -6.92 11.97
CA LEU I 185 -6.46 -6.62 12.95
C LEU I 185 -5.07 -6.66 12.32
N THR I 186 -4.83 -7.60 11.40
CA THR I 186 -3.54 -7.62 10.74
C THR I 186 -3.34 -6.38 9.88
N GLN I 187 -4.40 -5.93 9.20
CA GLN I 187 -4.29 -4.69 8.45
C GLN I 187 -4.01 -3.51 9.38
N HIS I 188 -4.66 -3.50 10.55
CA HIS I 188 -4.40 -2.44 11.52
C HIS I 188 -2.95 -2.46 11.99
N TYR I 189 -2.40 -3.66 12.21
CA TYR I 189 -0.99 -3.75 12.61
C TYR I 189 -0.09 -3.22 11.51
N SER I 190 -0.40 -3.56 10.25
CA SER I 190 0.40 -3.05 9.14
C SER I 190 0.34 -1.52 9.08
N GLU I 191 -0.85 -0.95 9.30
CA GLU I 191 -0.95 0.50 9.34
C GLU I 191 -0.12 1.08 10.49
N LEU I 192 -0.19 0.46 11.66
CA LEU I 192 0.84 0.69 12.66
C LEU I 192 2.17 0.18 12.12
N THR I 193 3.26 0.55 12.78
CA THR I 193 4.62 0.34 12.30
C THR I 193 5.04 1.23 11.13
N ASN I 194 4.14 2.06 10.62
CA ASN I 194 4.49 3.13 9.69
C ASN I 194 4.45 4.52 10.32
N CYS I 195 3.78 4.63 11.47
CA CYS I 195 3.80 5.84 12.27
C CYS I 195 4.73 5.66 13.46
N PHE I 196 4.90 4.43 13.94
CA PHE I 196 5.74 4.14 15.09
C PHE I 196 7.01 3.38 14.69
N GLY I 197 7.56 3.68 13.52
CA GLY I 197 8.76 3.02 13.05
C GLY I 197 10.03 3.75 13.42
N GLY I 207 9.09 11.92 17.57
CA GLY I 207 7.90 12.49 16.92
C GLY I 207 7.15 11.44 16.13
N ILE I 208 5.82 11.29 16.29
CA ILE I 208 5.03 10.26 15.55
C ILE I 208 4.23 10.88 14.40
N LYS I 209 4.17 12.22 14.27
CA LYS I 209 3.49 13.04 13.21
C LYS I 209 1.96 13.02 13.41
N LEU I 210 1.30 14.15 13.65
CA LEU I 210 -0.16 14.22 13.96
C LEU I 210 -1.01 13.69 12.82
N GLN I 211 -0.65 13.96 11.57
CA GLN I 211 -1.42 13.54 10.38
C GLN I 211 -1.51 12.01 10.33
N CYS I 212 -0.44 11.29 10.65
CA CYS I 212 -0.37 9.81 10.61
C CYS I 212 -1.40 9.25 11.58
N ILE I 213 -1.52 9.86 12.76
CA ILE I 213 -2.47 9.43 13.83
C ILE I 213 -3.89 9.69 13.38
N ALA I 214 -4.16 10.88 12.85
CA ALA I 214 -5.51 11.27 12.44
C ALA I 214 -6.14 10.35 11.40
N SER I 215 -5.43 10.16 10.27
CA SER I 215 -5.96 9.29 9.22
C SER I 215 -6.02 7.81 9.63
N LEU I 216 -5.15 7.45 10.58
CA LEU I 216 -5.06 6.05 11.00
C LEU I 216 -6.42 5.66 11.55
N TYR I 217 -6.82 6.26 12.68
CA TYR I 217 -7.91 5.70 13.45
C TYR I 217 -9.23 5.75 12.68
N ARG I 218 -9.81 6.92 12.50
CA ARG I 218 -10.91 7.05 11.55
C ARG I 218 -10.63 8.12 10.49
N THR I 219 -10.55 9.38 10.93
CA THR I 219 -10.26 10.51 10.04
C THR I 219 -10.45 11.74 10.92
N ASN I 220 -10.15 12.88 10.28
CA ASN I 220 -10.35 14.26 10.79
C ASN I 220 -9.37 14.62 11.91
N ILE I 221 -9.38 15.89 12.24
CA ILE I 221 -8.59 16.42 13.35
C ILE I 221 -9.50 17.35 14.14
N THR I 222 -10.56 17.91 13.53
CA THR I 222 -11.52 18.71 14.24
C THR I 222 -12.55 17.87 14.99
N GLU I 223 -12.58 16.57 14.75
CA GLU I 223 -13.52 15.68 15.43
C GLU I 223 -12.94 15.10 16.71
N ILE I 224 -11.65 14.79 16.71
CA ILE I 224 -11.02 14.21 17.91
C ILE I 224 -11.10 15.19 19.07
N PHE I 225 -10.78 16.45 18.82
CA PHE I 225 -10.73 17.47 19.84
C PHE I 225 -12.02 18.28 19.88
N THR I 226 -13.18 17.61 19.90
CA THR I 226 -14.47 18.25 19.68
C THR I 226 -14.54 19.64 20.29
N THR I 227 -14.42 19.72 21.62
CA THR I 227 -14.48 21.01 22.33
C THR I 227 -13.11 21.61 22.55
N SER I 228 -12.74 22.57 21.71
CA SER I 228 -11.44 23.21 21.77
C SER I 228 -11.42 24.38 20.81
N THR I 229 -10.24 24.98 20.64
CA THR I 229 -10.08 26.12 19.75
C THR I 229 -9.96 25.75 18.28
N VAL I 230 -9.93 24.45 17.96
CA VAL I 230 -9.75 24.00 16.58
C VAL I 230 -10.93 24.47 15.73
N ASP I 231 -12.02 24.86 16.39
CA ASP I 231 -13.20 25.30 15.63
C ASP I 231 -12.86 26.54 14.81
N LYS I 232 -12.09 27.46 15.38
CA LYS I 232 -11.75 28.71 14.70
C LYS I 232 -10.49 28.62 13.85
N TYR I 233 -10.41 27.59 13.02
CA TYR I 233 -9.24 27.33 12.19
C TYR I 233 -9.59 27.34 10.71
N ASP I 234 -8.86 28.13 9.93
CA ASP I 234 -9.02 28.16 8.49
C ASP I 234 -8.35 26.94 7.87
N ILE I 235 -8.33 26.87 6.54
CA ILE I 235 -7.70 25.75 5.86
C ILE I 235 -6.19 25.80 6.04
N TYR I 236 -5.61 27.00 6.04
CA TYR I 236 -4.17 27.13 6.22
C TYR I 236 -3.76 26.78 7.65
N ASP I 237 -4.58 27.16 8.63
CA ASP I 237 -4.24 26.89 10.02
C ASP I 237 -4.13 25.40 10.29
N LEU I 238 -5.04 24.61 9.72
CA LEU I 238 -5.02 23.17 9.95
C LEU I 238 -3.73 22.54 9.43
N LEU I 239 -3.15 23.11 8.38
CA LEU I 239 -1.89 22.59 7.85
C LEU I 239 -0.77 22.75 8.88
N PHE I 240 -0.73 23.89 9.58
CA PHE I 240 0.33 24.13 10.55
C PHE I 240 0.28 23.10 11.67
N THR I 241 -0.91 22.78 12.17
CA THR I 241 -1.03 21.83 13.26
C THR I 241 -0.55 20.45 12.84
N GLU I 242 -0.82 20.04 11.61
CA GLU I 242 -0.41 18.72 11.15
C GLU I 242 1.09 18.55 11.12
N SER I 243 1.85 19.65 11.09
CA SER I 243 3.31 19.56 11.10
C SER I 243 3.88 19.37 12.49
N ILE I 244 3.11 19.69 13.54
CA ILE I 244 3.61 19.51 14.90
C ILE I 244 3.78 18.02 15.19
N LYS I 245 4.75 17.70 16.03
CA LYS I 245 5.06 16.33 16.39
C LYS I 245 4.60 16.04 17.81
N VAL I 246 4.00 14.87 18.00
CA VAL I 246 3.56 14.44 19.31
C VAL I 246 4.69 13.67 19.99
N ARG I 247 4.58 13.53 21.31
CA ARG I 247 5.61 12.88 22.12
C ARG I 247 4.97 11.76 22.93
N VAL I 248 5.60 10.59 22.91
CA VAL I 248 5.16 9.46 23.72
C VAL I 248 5.71 9.62 25.13
N ILE I 249 4.84 9.49 26.12
CA ILE I 249 5.22 9.72 27.51
C ILE I 249 4.86 8.57 28.43
N ASP I 250 4.36 7.45 27.90
CA ASP I 250 4.10 6.29 28.75
C ASP I 250 3.70 5.11 27.87
N VAL I 251 4.04 3.91 28.35
CA VAL I 251 3.61 2.66 27.75
C VAL I 251 3.38 1.67 28.89
N ASP I 252 2.35 0.84 28.76
CA ASP I 252 1.89 0.03 29.88
C ASP I 252 2.39 -1.41 29.84
N LEU I 253 2.19 -2.10 28.72
CA LEU I 253 2.66 -3.47 28.51
C LEU I 253 1.86 -4.49 29.31
N ASN I 254 0.95 -4.04 30.17
CA ASN I 254 0.01 -4.93 30.85
C ASN I 254 -1.35 -4.90 30.18
N ASP I 255 -1.95 -3.72 30.10
CA ASP I 255 -3.03 -3.43 29.15
C ASP I 255 -2.45 -2.52 28.08
N TYR I 256 -2.45 -3.00 26.83
CA TYR I 256 -1.63 -2.41 25.78
C TYR I 256 -2.15 -1.00 25.46
N SER I 257 -1.36 0.01 25.82
CA SER I 257 -1.78 1.39 25.63
C SER I 257 -0.58 2.30 25.50
N ILE I 258 -0.74 3.38 24.73
CA ILE I 258 0.28 4.40 24.55
C ILE I 258 -0.36 5.75 24.89
N THR I 259 0.33 6.54 25.71
CA THR I 259 -0.15 7.86 26.10
C THR I 259 0.66 8.92 25.38
N LEU I 260 -0.04 9.83 24.70
CA LEU I 260 0.59 10.86 23.90
C LEU I 260 0.15 12.24 24.39
N GLN I 261 1.06 13.21 24.25
CA GLN I 261 0.81 14.59 24.64
C GLN I 261 0.79 15.45 23.38
N VAL I 262 -0.31 16.17 23.17
CA VAL I 262 -0.50 16.98 21.97
C VAL I 262 -0.61 18.44 22.39
N ARG I 263 0.15 19.30 21.71
CA ARG I 263 0.22 20.72 22.03
C ARG I 263 -0.36 21.52 20.86
N LEU I 264 -1.67 21.74 20.88
CA LEU I 264 -2.30 22.49 19.80
C LEU I 264 -1.97 23.97 19.92
N PRO I 265 -1.79 24.68 18.80
CA PRO I 265 -1.35 26.07 18.87
C PRO I 265 -2.49 27.08 18.91
N LEU I 266 -2.18 28.21 19.55
CA LEU I 266 -3.05 29.39 19.56
C LEU I 266 -2.38 30.45 18.71
N LEU I 267 -2.94 30.71 17.53
CA LEU I 267 -2.31 31.58 16.55
C LEU I 267 -2.82 33.01 16.73
N THR I 268 -1.91 33.91 17.05
CA THR I 268 -2.22 35.34 17.19
C THR I 268 -1.38 36.13 16.22
N ARG I 269 -2.02 36.96 15.41
CA ARG I 269 -1.32 37.73 14.40
C ARG I 269 -0.58 38.89 15.06
N LEU I 270 0.70 39.05 14.71
CA LEU I 270 1.47 40.17 15.24
C LEU I 270 1.03 41.47 14.60
N LEU I 271 1.51 42.58 15.17
CA LEU I 271 1.17 43.92 14.71
C LEU I 271 2.41 44.59 14.14
N ASN I 272 2.21 45.41 13.12
CA ASN I 272 3.29 46.15 12.48
C ASN I 272 4.36 45.19 11.96
N THR I 273 3.92 44.16 11.25
CA THR I 273 4.81 43.19 10.63
C THR I 273 4.41 42.97 9.19
N GLN I 274 5.39 42.95 8.29
CA GLN I 274 5.16 42.70 6.88
C GLN I 274 6.25 41.79 6.35
N ILE I 275 5.89 40.98 5.35
CA ILE I 275 6.84 40.10 4.67
C ILE I 275 6.62 40.22 3.18
N TYR I 276 7.72 40.34 2.44
CA TYR I 276 7.70 40.49 0.99
C TYR I 276 8.42 39.31 0.33
N LYS I 277 8.59 39.42 -0.98
CA LYS I 277 9.32 38.45 -1.77
C LYS I 277 10.14 39.20 -2.82
N VAL I 278 11.37 38.75 -3.03
CA VAL I 278 12.33 39.48 -3.87
C VAL I 278 12.85 38.51 -4.91
N ASP I 279 12.93 38.97 -6.16
CA ASP I 279 13.61 38.25 -7.23
C ASP I 279 14.32 39.28 -8.07
N SER I 280 15.35 38.85 -8.78
CA SER I 280 16.22 39.75 -9.54
C SER I 280 16.33 39.29 -10.99
N ILE I 281 16.68 40.23 -11.86
CA ILE I 281 16.84 39.96 -13.28
C ILE I 281 18.17 40.51 -13.74
N SER I 282 18.59 40.09 -14.94
CA SER I 282 19.91 40.41 -15.43
C SER I 282 20.14 41.91 -15.48
N TYR I 283 21.36 42.32 -15.14
CA TYR I 283 21.78 43.72 -15.18
C TYR I 283 23.00 43.80 -16.10
N ASN I 284 22.95 44.71 -17.06
CA ASN I 284 23.96 44.81 -18.10
C ASN I 284 24.95 45.92 -17.78
N ILE I 285 26.23 45.57 -17.70
CA ILE I 285 27.31 46.53 -17.57
C ILE I 285 28.36 46.20 -18.61
N GLN I 286 28.60 47.14 -19.52
CA GLN I 286 29.64 46.98 -20.55
C GLN I 286 29.69 45.68 -21.33
N ASN I 287 28.56 45.27 -21.90
CA ASN I 287 28.51 44.08 -22.75
C ASN I 287 28.34 42.64 -22.09
N ARG I 288 28.21 42.73 -20.76
CA ARG I 288 28.04 41.56 -19.90
C ARG I 288 26.83 41.48 -18.99
N GLU I 289 26.71 40.38 -18.26
CA GLU I 289 25.54 40.12 -17.43
C GLU I 289 25.91 40.01 -15.96
N TRP I 290 25.15 40.71 -15.12
CA TRP I 290 25.32 40.68 -13.68
C TRP I 290 23.96 40.60 -13.01
N TYR I 291 23.95 40.24 -11.72
CA TYR I 291 22.74 40.33 -10.92
C TYR I 291 23.03 40.68 -9.48
N ILE I 292 22.01 41.18 -8.79
CA ILE I 292 22.13 41.70 -7.43
C ILE I 292 21.65 40.56 -6.53
N PRO I 293 22.52 39.94 -5.73
CA PRO I 293 22.12 38.75 -4.96
C PRO I 293 21.43 39.14 -3.66
N LEU I 294 20.24 38.59 -3.45
CA LEU I 294 19.40 38.90 -2.30
C LEU I 294 18.75 37.62 -1.82
N PRO I 295 18.29 37.59 -0.56
CA PRO I 295 17.58 36.40 -0.07
C PRO I 295 16.29 36.18 -0.82
N SER I 296 15.63 35.07 -0.50
CA SER I 296 14.34 34.78 -1.13
C SER I 296 13.25 35.72 -0.61
N HIS I 297 13.31 36.08 0.67
CA HIS I 297 12.27 36.90 1.29
C HIS I 297 12.90 38.02 2.11
N ILE I 298 12.14 39.09 2.26
CA ILE I 298 12.53 40.25 3.07
C ILE I 298 11.41 40.53 4.06
N MET I 299 11.78 41.00 5.25
CA MET I 299 10.85 41.19 6.35
C MET I 299 11.05 42.57 6.98
N THR I 300 9.97 43.11 7.52
CA THR I 300 10.01 44.41 8.22
C THR I 300 9.03 44.35 9.37
N LYS I 301 9.56 44.34 10.60
CA LYS I 301 8.76 44.34 11.82
C LYS I 301 9.22 45.52 12.66
N GLY I 302 8.30 46.42 12.99
CA GLY I 302 8.69 47.61 13.70
C GLY I 302 9.69 48.39 12.88
N ALA I 303 10.83 48.71 13.50
CA ALA I 303 11.95 49.35 12.83
C ALA I 303 12.99 48.36 12.34
N PHE I 304 12.79 47.06 12.59
CA PHE I 304 13.77 46.05 12.26
C PHE I 304 13.55 45.59 10.81
N LEU I 305 14.53 45.85 9.96
CA LEU I 305 14.50 45.46 8.56
C LEU I 305 15.53 44.36 8.33
N GLY I 306 15.08 43.20 7.86
CA GLY I 306 15.98 42.09 7.66
C GLY I 306 15.29 40.97 6.92
N GLY I 307 16.06 39.93 6.64
CA GLY I 307 15.57 38.78 5.90
C GLY I 307 14.72 37.87 6.76
N ALA I 308 14.23 36.81 6.14
CA ALA I 308 13.38 35.85 6.83
C ALA I 308 13.29 34.58 6.01
N ASP I 309 13.53 33.44 6.64
CA ASP I 309 13.43 32.15 5.99
C ASP I 309 12.06 31.53 6.27
N VAL I 310 11.51 30.87 5.26
CA VAL I 310 10.15 30.33 5.34
C VAL I 310 10.17 28.86 4.98
N LYS I 311 11.32 28.20 5.18
CA LYS I 311 11.42 26.78 4.87
C LYS I 311 10.48 25.97 5.75
N GLU I 312 10.36 26.34 7.02
CA GLU I 312 9.51 25.62 7.97
C GLU I 312 8.16 26.29 8.17
N CYS I 313 7.90 27.42 7.51
CA CYS I 313 6.64 28.12 7.65
C CYS I 313 5.67 27.67 6.56
N ILE I 314 4.44 28.19 6.62
CA ILE I 314 3.38 27.84 5.67
C ILE I 314 2.86 29.12 5.06
N GLU I 315 2.81 29.16 3.72
CA GLU I 315 2.22 30.29 3.02
C GLU I 315 0.71 30.23 3.11
N ALA I 316 0.10 31.42 3.17
CA ALA I 316 -1.35 31.54 3.19
C ALA I 316 -1.74 32.75 2.35
N PHE I 317 -3.05 32.99 2.24
CA PHE I 317 -3.54 34.05 1.37
C PHE I 317 -3.35 35.43 1.98
N SER I 318 -3.33 35.53 3.31
CA SER I 318 -3.23 36.81 3.99
C SER I 318 -1.96 36.98 4.83
N SER I 319 -1.25 35.90 5.15
CA SER I 319 -0.08 35.99 6.01
C SER I 319 0.62 34.65 6.01
N TYR I 320 1.72 34.57 6.76
CA TYR I 320 2.46 33.34 6.97
C TYR I 320 2.14 32.76 8.34
N ILE I 321 2.59 31.52 8.55
CA ILE I 321 2.49 30.86 9.85
C ILE I 321 3.85 30.25 10.14
N CYS I 322 4.48 30.66 11.25
CA CYS I 322 5.86 30.30 11.53
C CYS I 322 5.98 29.77 12.96
N PRO I 323 6.60 28.60 13.16
CA PRO I 323 6.78 28.12 14.54
C PRO I 323 7.58 29.07 15.40
N SER I 324 8.59 29.73 14.83
CA SER I 324 9.40 30.69 15.56
C SER I 324 9.76 31.84 14.63
N ASP I 325 10.19 32.94 15.21
CA ASP I 325 10.51 34.12 14.43
C ASP I 325 11.59 33.78 13.40
N PRO I 326 11.35 34.01 12.11
CA PRO I 326 12.34 33.62 11.10
C PRO I 326 13.40 34.66 10.79
N GLY I 327 13.28 35.87 11.33
CA GLY I 327 14.21 36.92 10.96
C GLY I 327 15.65 36.54 11.27
N PHE I 328 16.54 36.82 10.32
CA PHE I 328 17.97 36.70 10.54
C PHE I 328 18.67 37.93 9.98
N VAL I 329 19.66 38.41 10.71
CA VAL I 329 20.25 39.72 10.41
C VAL I 329 21.01 39.65 9.09
N LEU I 330 20.74 40.62 8.22
CA LEU I 330 21.41 40.72 6.93
C LEU I 330 22.65 41.60 7.05
N ASN I 331 23.47 41.56 5.99
CA ASN I 331 24.62 42.45 5.92
C ASN I 331 24.15 43.90 5.85
N HIS I 332 24.97 44.79 6.42
CA HIS I 332 24.61 46.20 6.49
C HIS I 332 24.40 46.80 5.11
N GLU I 333 25.29 46.48 4.16
CA GLU I 333 25.16 47.03 2.82
C GLU I 333 23.85 46.59 2.20
N MET I 334 23.47 45.33 2.45
CA MET I 334 22.21 44.77 1.92
C MET I 334 21.04 45.60 2.46
N GLU I 335 21.06 45.99 3.75
CA GLU I 335 20.02 46.82 4.32
C GLU I 335 19.96 48.21 3.71
N SER I 336 21.12 48.87 3.60
CA SER I 336 21.14 50.18 2.98
C SER I 336 20.59 50.13 1.55
N CYS I 337 20.85 49.02 0.86
CA CYS I 337 20.32 48.85 -0.50
C CYS I 337 18.79 48.73 -0.47
N LEU I 338 18.27 47.87 0.40
CA LEU I 338 16.84 47.60 0.43
C LEU I 338 16.04 48.78 0.97
N SER I 339 16.67 49.70 1.69
CA SER I 339 15.97 50.86 2.26
C SER I 339 16.02 52.07 1.33
N GLY I 340 16.21 51.86 0.03
CA GLY I 340 16.10 52.92 -0.94
C GLY I 340 17.43 53.49 -1.43
N ASN I 341 18.54 53.18 -0.77
CA ASN I 341 19.84 53.71 -1.18
C ASN I 341 20.43 52.77 -2.23
N ILE I 342 20.29 53.14 -3.50
CA ILE I 342 20.64 52.22 -4.59
C ILE I 342 22.16 52.01 -4.65
N SER I 343 22.93 53.04 -4.35
CA SER I 343 24.36 53.00 -4.62
C SER I 343 25.08 51.91 -3.83
N GLN I 344 24.48 51.41 -2.75
CA GLN I 344 25.15 50.46 -1.86
C GLN I 344 24.85 49.01 -2.18
N CYS I 345 24.08 48.73 -3.21
CA CYS I 345 23.79 47.35 -3.55
C CYS I 345 25.04 46.69 -4.15
N PRO I 346 25.30 45.42 -3.85
CA PRO I 346 26.38 44.70 -4.52
C PRO I 346 25.89 43.95 -5.75
N ARG I 347 26.84 43.46 -6.53
CA ARG I 347 26.54 42.74 -7.76
C ARG I 347 27.54 41.61 -7.96
N THR I 348 27.12 40.61 -8.72
CA THR I 348 27.95 39.44 -9.03
C THR I 348 27.84 39.12 -10.51
N THR I 349 28.55 38.07 -10.93
CA THR I 349 28.53 37.62 -12.32
C THR I 349 27.49 36.54 -12.52
N VAL I 350 26.84 36.55 -13.67
CA VAL I 350 25.87 35.52 -14.02
C VAL I 350 26.62 34.32 -14.57
N THR I 351 26.35 33.14 -14.00
CA THR I 351 27.06 31.92 -14.36
C THR I 351 26.13 30.83 -14.85
N SER I 352 24.90 31.14 -15.20
CA SER I 352 23.95 30.14 -15.66
C SER I 352 22.79 30.87 -16.33
N ASP I 353 21.75 30.11 -16.69
CA ASP I 353 20.55 30.65 -17.29
C ASP I 353 19.39 30.77 -16.31
N ILE I 354 19.66 30.58 -15.02
CA ILE I 354 18.58 30.62 -14.03
C ILE I 354 18.10 32.04 -13.78
N VAL I 355 18.97 33.03 -13.81
CA VAL I 355 18.56 34.41 -13.57
C VAL I 355 17.86 34.94 -14.82
N PRO I 356 16.62 35.43 -14.73
CA PRO I 356 15.89 35.80 -15.96
C PRO I 356 16.41 37.06 -16.62
N ARG I 357 15.72 37.50 -17.68
CA ARG I 357 16.11 38.69 -18.41
C ARG I 357 14.96 39.63 -18.73
N TYR I 358 13.74 39.32 -18.31
CA TYR I 358 12.60 40.23 -18.49
C TYR I 358 11.53 39.87 -17.48
N ALA I 359 10.67 40.84 -17.17
CA ALA I 359 9.59 40.60 -16.22
C ALA I 359 8.48 41.63 -16.43
N PHE I 360 7.26 41.22 -16.09
CA PHE I 360 6.08 42.10 -16.12
C PHE I 360 5.97 42.77 -14.76
N VAL I 361 6.36 44.04 -14.66
CA VAL I 361 6.41 44.70 -13.36
C VAL I 361 5.04 45.21 -12.96
N ASN I 362 4.49 46.16 -13.72
CA ASN I 362 3.13 46.64 -13.47
C ASN I 362 2.60 47.25 -14.77
N GLY I 363 1.82 46.47 -15.51
CA GLY I 363 1.31 46.93 -16.78
C GLY I 363 2.39 47.33 -17.76
N GLY I 364 3.60 46.82 -17.58
CA GLY I 364 4.71 47.12 -18.47
C GLY I 364 5.75 46.03 -18.40
N VAL I 365 6.92 46.25 -18.99
CA VAL I 365 8.02 45.29 -18.87
C VAL I 365 9.28 46.02 -18.46
N VAL I 366 10.12 45.33 -17.69
CA VAL I 366 11.47 45.75 -17.39
C VAL I 366 12.39 44.62 -17.84
N ALA I 367 13.30 44.92 -18.77
CA ALA I 367 14.09 43.86 -19.38
C ALA I 367 15.43 44.43 -19.82
N ASN I 368 16.38 43.52 -20.03
CA ASN I 368 17.68 43.86 -20.59
C ASN I 368 17.54 43.77 -22.10
N CYS I 369 17.40 44.92 -22.75
CA CYS I 369 17.18 44.92 -24.19
C CYS I 369 18.41 44.52 -24.99
N ILE I 370 19.58 44.43 -24.36
CA ILE I 370 20.77 43.99 -25.07
C ILE I 370 20.69 42.49 -25.35
N THR I 371 20.39 41.70 -24.32
CA THR I 371 20.33 40.25 -24.51
C THR I 371 19.07 39.84 -25.24
N THR I 372 17.93 40.43 -24.90
CA THR I 372 16.65 40.13 -25.52
C THR I 372 16.22 41.29 -26.42
N THR I 373 15.66 40.94 -27.58
CA THR I 373 15.15 41.95 -28.50
C THR I 373 13.99 42.71 -27.86
N CYS I 374 13.76 43.92 -28.37
CA CYS I 374 12.77 44.82 -27.76
C CYS I 374 11.94 45.54 -28.83
N THR I 375 11.62 44.84 -29.92
CA THR I 375 10.70 45.37 -30.92
C THR I 375 9.31 45.45 -30.31
N CYS I 376 8.83 46.66 -29.98
CA CYS I 376 7.59 46.73 -29.20
C CYS I 376 6.37 46.91 -30.09
N ASN I 377 6.30 48.00 -30.87
CA ASN I 377 5.08 48.30 -31.60
C ASN I 377 4.94 47.42 -32.83
N GLY I 378 5.98 47.35 -33.66
CA GLY I 378 5.99 46.47 -34.80
C GLY I 378 7.27 45.66 -34.83
N ILE I 379 7.17 44.47 -35.42
CA ILE I 379 8.33 43.57 -35.44
C ILE I 379 9.52 44.28 -36.06
N GLY I 380 9.28 45.05 -37.11
CA GLY I 380 10.37 45.83 -37.72
C GLY I 380 10.93 46.87 -36.78
N ASN I 381 10.05 47.56 -36.05
CA ASN I 381 10.51 48.58 -35.11
C ASN I 381 11.35 47.93 -34.02
N ARG I 382 12.41 48.62 -33.60
CA ARG I 382 13.28 48.12 -32.55
C ARG I 382 13.74 49.30 -31.69
N ILE I 383 13.95 49.03 -30.41
CA ILE I 383 14.45 50.02 -29.46
C ILE I 383 15.70 49.45 -28.81
N ASN I 384 16.79 50.22 -28.82
CA ASN I 384 18.06 49.78 -28.31
C ASN I 384 18.40 50.51 -27.02
N GLN I 385 18.77 49.76 -26.00
CA GLN I 385 19.20 50.36 -24.74
C GLN I 385 20.62 50.91 -24.90
N PRO I 386 20.86 52.18 -24.56
CA PRO I 386 22.20 52.72 -24.75
C PRO I 386 23.20 51.96 -23.93
N PRO I 387 24.47 51.93 -24.36
CA PRO I 387 25.47 51.12 -23.63
C PRO I 387 25.59 51.47 -22.17
N ASP I 388 25.48 52.76 -21.82
CA ASP I 388 25.63 53.17 -20.44
C ASP I 388 24.55 52.57 -19.55
N GLN I 389 23.30 52.56 -20.02
CA GLN I 389 22.19 52.13 -19.20
C GLN I 389 22.20 50.62 -18.99
N GLY I 390 21.53 50.19 -17.93
CA GLY I 390 21.52 48.79 -17.56
C GLY I 390 20.23 48.06 -17.86
N VAL I 391 19.09 48.71 -17.64
CA VAL I 391 17.79 48.09 -17.88
C VAL I 391 16.86 49.13 -18.50
N LYS I 392 15.87 48.65 -19.24
CA LYS I 392 14.94 49.48 -19.99
C LYS I 392 13.54 49.32 -19.39
N ILE I 393 12.93 50.45 -19.04
CA ILE I 393 11.59 50.49 -18.47
C ILE I 393 10.66 51.14 -19.49
N ILE I 394 9.70 50.37 -19.98
CA ILE I 394 8.67 50.86 -20.90
C ILE I 394 7.38 50.99 -20.11
N THR I 395 6.71 52.13 -20.27
CA THR I 395 5.53 52.43 -19.49
C THR I 395 4.26 51.95 -20.17
N LYS I 397 2.09 52.72 -22.33
CA LYS I 397 1.73 54.12 -22.53
C LYS I 397 2.63 54.58 -23.66
N GLU I 398 3.94 54.37 -23.50
CA GLU I 398 4.89 54.84 -24.49
C GLU I 398 4.66 54.22 -25.86
N CYS I 399 4.43 52.91 -25.91
CA CYS I 399 4.02 52.25 -27.14
C CYS I 399 2.99 51.17 -26.80
N ASN I 400 1.94 51.10 -27.62
CA ASN I 400 0.72 50.40 -27.21
C ASN I 400 0.97 48.91 -26.99
N THR I 401 1.71 48.26 -27.88
CA THR I 401 2.01 46.84 -27.77
C THR I 401 3.52 46.65 -27.75
N ILE I 402 3.97 45.61 -27.07
CA ILE I 402 5.39 45.31 -26.95
C ILE I 402 5.62 43.83 -27.22
N GLY I 403 6.66 43.54 -27.99
CA GLY I 403 7.07 42.17 -28.28
C GLY I 403 8.51 41.96 -27.88
N ILE I 404 8.78 40.87 -27.16
CA ILE I 404 10.09 40.66 -26.55
C ILE I 404 10.98 39.86 -27.49
N ASN I 405 10.62 38.62 -27.78
CA ASN I 405 11.41 37.78 -28.69
C ASN I 405 10.61 37.40 -29.93
N GLY I 406 9.45 36.77 -29.77
CA GLY I 406 8.60 36.45 -30.89
C GLY I 406 7.12 36.62 -30.57
N MET I 407 6.83 37.00 -29.33
CA MET I 407 5.46 37.12 -28.84
C MET I 407 5.14 38.59 -28.59
N LEU I 408 3.99 39.04 -29.08
CA LEU I 408 3.56 40.42 -28.95
C LEU I 408 2.55 40.56 -27.83
N PHE I 409 2.77 41.52 -26.94
CA PHE I 409 1.90 41.74 -25.81
C PHE I 409 1.34 43.15 -25.84
N ASN I 410 0.18 43.31 -25.21
CA ASN I 410 -0.50 44.60 -25.12
C ASN I 410 -0.43 45.11 -23.69
N THR I 411 -0.11 46.40 -23.55
CA THR I 411 0.00 46.98 -22.23
C THR I 411 -1.39 47.16 -21.61
N ASN I 412 -1.40 47.39 -20.30
CA ASN I 412 -2.62 47.53 -19.53
C ASN I 412 -2.64 48.93 -18.93
N LYS I 413 -3.72 49.67 -19.17
CA LYS I 413 -3.81 51.06 -18.75
C LYS I 413 -4.38 51.23 -17.35
N GLU I 414 -5.06 50.22 -16.82
CA GLU I 414 -5.53 50.32 -15.44
C GLU I 414 -4.36 50.35 -14.49
N GLY I 415 -3.21 49.79 -14.88
CA GLY I 415 -2.05 49.75 -14.04
C GLY I 415 -1.24 51.03 -14.10
N THR I 416 -0.15 51.04 -13.32
CA THR I 416 0.70 52.21 -13.17
C THR I 416 2.16 51.80 -13.24
N LEU I 417 3.00 52.75 -13.64
CA LEU I 417 4.45 52.56 -13.69
C LEU I 417 5.07 53.89 -14.07
N ALA I 418 6.38 54.02 -13.81
CA ALA I 418 7.10 55.25 -14.07
C ALA I 418 8.39 54.94 -14.80
N PHE I 419 8.97 55.98 -15.41
CA PHE I 419 10.21 55.84 -16.18
C PHE I 419 11.19 56.96 -15.83
N ILE I 425 24.14 56.24 -12.47
CA ILE I 425 23.91 55.14 -11.53
C ILE I 425 25.04 54.13 -11.63
N THR I 426 25.84 54.03 -10.56
CA THR I 426 26.99 53.16 -10.52
C THR I 426 26.94 52.32 -9.25
N LEU I 427 27.26 51.03 -9.37
CA LEU I 427 27.18 50.10 -8.25
C LEU I 427 28.51 49.99 -7.50
N ASN I 428 29.59 49.76 -8.23
CA ASN I 428 30.96 49.73 -7.70
C ASN I 428 31.07 49.08 -6.32
N ASN I 429 30.33 48.01 -6.08
CA ASN I 429 30.46 47.20 -4.88
C ASN I 429 30.40 45.71 -5.24
N SER I 430 31.17 45.33 -6.25
CA SER I 430 31.12 43.96 -6.76
C SER I 430 31.60 42.96 -5.71
N VAL I 431 31.10 41.72 -5.82
CA VAL I 431 31.47 40.63 -4.94
C VAL I 431 31.50 39.34 -5.74
N ALA I 432 32.11 38.31 -5.16
CA ALA I 432 32.17 36.97 -5.75
C ALA I 432 31.75 35.95 -4.70
N LEU I 433 30.97 34.96 -5.12
CA LEU I 433 30.36 34.00 -4.20
C LEU I 433 31.01 32.62 -4.28
N ASP I 434 32.26 32.53 -4.76
CA ASP I 434 32.95 31.25 -4.89
C ASP I 434 34.28 31.32 -4.16
N PRO I 435 34.58 30.39 -3.25
CA PRO I 435 35.80 30.52 -2.44
C PRO I 435 37.08 30.53 -3.25
N ILE I 436 37.10 29.88 -4.42
CA ILE I 436 38.34 29.86 -5.20
C ILE I 436 38.71 31.26 -5.68
N ASP I 437 37.71 32.02 -6.15
CA ASP I 437 37.99 33.39 -6.59
C ASP I 437 38.54 34.22 -5.45
N ILE I 438 37.96 34.05 -4.26
CA ILE I 438 38.44 34.77 -3.08
C ILE I 438 39.89 34.39 -2.80
N SER I 439 40.20 33.10 -2.89
CA SER I 439 41.55 32.65 -2.59
C SER I 439 42.57 33.23 -3.57
N ILE I 440 42.22 33.25 -4.86
CA ILE I 440 43.16 33.81 -5.84
C ILE I 440 43.33 35.30 -5.63
N GLU I 441 42.25 36.02 -5.32
CA GLU I 441 42.39 37.45 -5.04
C GLU I 441 43.27 37.68 -3.81
N LEU I 442 43.09 36.84 -2.78
CA LEU I 442 43.92 36.95 -1.58
C LEU I 442 45.38 36.71 -1.90
N ASN I 443 45.67 35.69 -2.72
CA ASN I 443 47.04 35.43 -3.12
C ASN I 443 47.59 36.62 -3.87
N LYS I 444 46.78 37.24 -4.73
CA LYS I 444 47.22 38.44 -5.43
C LYS I 444 47.60 39.53 -4.44
N VAL I 445 46.77 39.77 -3.43
CA VAL I 445 47.07 40.79 -2.43
C VAL I 445 48.37 40.48 -1.68
N LYS I 446 48.54 39.24 -1.27
CA LYS I 446 49.74 38.77 -0.54
C LYS I 446 50.98 39.11 -1.38
N SER I 447 50.94 38.78 -2.66
CA SER I 447 52.04 39.03 -3.61
C SER I 447 52.28 40.53 -3.78
N ASP I 448 51.20 41.32 -3.84
CA ASP I 448 51.26 42.79 -4.08
C ASP I 448 52.02 43.53 -2.97
N LEU I 449 51.72 43.25 -1.70
CA LEU I 449 52.41 43.89 -0.55
C LEU I 449 53.84 43.41 -0.40
N GLU I 450 54.13 42.17 -0.80
CA GLU I 450 55.51 41.64 -0.78
C GLU I 450 56.28 42.50 -1.78
N GLU I 451 55.69 42.79 -2.94
CA GLU I 451 56.32 43.64 -3.99
C GLU I 451 56.55 44.99 -3.33
N SER I 452 55.57 45.48 -2.57
CA SER I 452 55.62 46.75 -1.81
C SER I 452 56.80 46.74 -0.82
N LYS I 453 56.91 45.74 0.07
CA LYS I 453 57.98 45.77 1.06
C LYS I 453 59.34 45.56 0.40
N GLU I 454 59.41 44.76 -0.65
CA GLU I 454 60.66 44.56 -1.38
C GLU I 454 61.06 45.85 -2.10
#